data_2LTA
#
_entry.id   2LTA
#
_entity_poly.entity_id   1
_entity_poly.type   'polypeptide(L)'
_entity_poly.pdbx_seq_one_letter_code
;MGSKIIVIISSDDTTLEELARKIKDEGLEVYILLKDKDEKRLEEKIQKLKSQGFEVRKVKDDDDIDKWIDKIKKERPQLE
VRKVTDEDQAKQILEDLKKKGSLEHHHHHH
;
_entity_poly.pdbx_strand_id   A
#
# COMPACT_ATOMS: atom_id res chain seq x y z
N MET A 1 -2.65 -9.93 -14.75
CA MET A 1 -3.98 -9.38 -15.09
C MET A 1 -4.88 -9.39 -13.84
N GLY A 2 -5.65 -8.31 -13.66
CA GLY A 2 -6.47 -8.11 -12.48
C GLY A 2 -6.07 -6.83 -11.78
N SER A 3 -6.88 -5.77 -11.98
CA SER A 3 -6.69 -4.49 -11.32
C SER A 3 -6.74 -4.66 -9.80
N LYS A 4 -5.61 -4.37 -9.17
CA LYS A 4 -5.45 -4.39 -7.71
C LYS A 4 -4.51 -3.26 -7.34
N ILE A 5 -4.64 -2.75 -6.12
CA ILE A 5 -3.68 -1.81 -5.53
C ILE A 5 -3.31 -2.29 -4.14
N ILE A 6 -2.08 -2.01 -3.75
CA ILE A 6 -1.58 -2.31 -2.41
C ILE A 6 -1.35 -0.98 -1.71
N VAL A 7 -1.69 -0.92 -0.42
CA VAL A 7 -1.43 0.23 0.43
C VAL A 7 -0.43 -0.19 1.49
N ILE A 8 0.78 0.40 1.44
CA ILE A 8 1.88 0.07 2.32
C ILE A 8 2.10 1.23 3.30
N ILE A 9 2.09 0.89 4.56
CA ILE A 9 2.13 1.83 5.66
C ILE A 9 3.57 1.85 6.18
N SER A 10 4.31 2.92 5.83
CA SER A 10 5.71 3.07 6.21
C SER A 10 5.78 3.41 7.70
N SER A 11 6.62 2.69 8.43
CA SER A 11 6.68 2.74 9.89
C SER A 11 8.16 2.75 10.33
N ASP A 12 8.76 3.97 10.24
CA ASP A 12 10.18 4.27 10.59
C ASP A 12 11.16 3.77 9.51
N ASP A 13 11.21 2.45 9.28
CA ASP A 13 12.18 1.80 8.38
C ASP A 13 11.74 1.90 6.90
N THR A 14 12.70 1.75 5.96
CA THR A 14 12.51 2.05 4.52
C THR A 14 12.24 0.77 3.66
N THR A 15 12.46 -0.44 4.23
CA THR A 15 12.27 -1.72 3.50
C THR A 15 10.82 -1.90 2.96
N LEU A 16 9.86 -1.27 3.65
CA LEU A 16 8.42 -1.41 3.34
C LEU A 16 8.11 -0.78 1.96
N GLU A 17 8.63 0.44 1.75
CA GLU A 17 8.38 1.26 0.54
C GLU A 17 9.34 0.93 -0.62
N GLU A 18 10.52 0.32 -0.34
CA GLU A 18 11.40 -0.16 -1.43
C GLU A 18 10.78 -1.44 -2.05
N LEU A 19 10.14 -2.28 -1.20
CA LEU A 19 9.39 -3.47 -1.65
C LEU A 19 8.21 -3.05 -2.54
N ALA A 20 7.60 -1.89 -2.22
CA ALA A 20 6.48 -1.31 -3.00
C ALA A 20 6.80 -1.16 -4.50
N ARG A 21 8.10 -0.91 -4.82
CA ARG A 21 8.59 -0.83 -6.21
C ARG A 21 8.48 -2.20 -6.91
N LYS A 22 8.79 -3.27 -6.16
CA LYS A 22 8.74 -4.66 -6.64
C LYS A 22 7.28 -5.11 -6.84
N ILE A 23 6.38 -4.64 -5.95
CA ILE A 23 4.93 -4.90 -6.04
C ILE A 23 4.32 -4.27 -7.32
N LYS A 24 4.53 -2.95 -7.52
CA LYS A 24 3.95 -2.25 -8.68
C LYS A 24 4.57 -2.72 -10.00
N ASP A 25 5.80 -3.28 -9.92
CA ASP A 25 6.51 -3.88 -11.07
C ASP A 25 5.72 -5.07 -11.65
N GLU A 26 4.91 -5.73 -10.80
CA GLU A 26 4.08 -6.88 -11.19
C GLU A 26 2.85 -6.45 -12.06
N GLY A 27 2.67 -5.13 -12.25
CA GLY A 27 1.65 -4.59 -13.16
C GLY A 27 0.39 -4.08 -12.47
N LEU A 28 0.55 -3.64 -11.22
CA LEU A 28 -0.52 -2.96 -10.44
C LEU A 28 0.03 -1.65 -9.84
N GLU A 29 -0.84 -0.87 -9.16
CA GLU A 29 -0.42 0.39 -8.49
C GLU A 29 -0.21 0.18 -6.97
N VAL A 30 0.59 1.08 -6.35
CA VAL A 30 0.78 1.15 -4.88
C VAL A 30 0.42 2.57 -4.37
N TYR A 31 -0.03 2.64 -3.11
CA TYR A 31 -0.23 3.88 -2.36
C TYR A 31 0.48 3.72 -1.02
N ILE A 32 1.25 4.71 -0.59
CA ILE A 32 1.98 4.64 0.69
C ILE A 32 1.27 5.53 1.71
N LEU A 33 0.96 5.00 2.91
CA LEU A 33 0.49 5.82 4.05
C LEU A 33 1.64 5.97 5.03
N LEU A 34 2.19 7.18 5.10
CA LEU A 34 3.38 7.46 5.91
C LEU A 34 2.94 7.76 7.36
N LYS A 35 3.59 7.08 8.33
CA LYS A 35 3.50 7.42 9.77
C LYS A 35 4.94 7.48 10.35
N ASP A 36 5.28 8.63 10.96
CA ASP A 36 6.59 8.87 11.61
C ASP A 36 6.37 9.56 12.97
N LYS A 37 7.39 9.52 13.86
CA LYS A 37 7.33 10.15 15.20
C LYS A 37 7.27 11.69 15.11
N ASP A 38 8.00 12.24 14.13
CA ASP A 38 8.10 13.69 13.89
C ASP A 38 7.49 14.03 12.53
N GLU A 39 6.39 14.80 12.55
CA GLU A 39 5.58 15.14 11.35
C GLU A 39 6.35 15.95 10.28
N LYS A 40 7.50 16.54 10.63
CA LYS A 40 8.33 17.33 9.69
C LYS A 40 9.19 16.36 8.84
N ARG A 41 9.81 15.39 9.53
CA ARG A 41 10.62 14.32 8.90
C ARG A 41 9.69 13.32 8.15
N LEU A 42 8.45 13.25 8.62
CA LEU A 42 7.34 12.55 7.95
C LEU A 42 7.05 13.19 6.58
N GLU A 43 6.90 14.53 6.59
CA GLU A 43 6.49 15.32 5.42
C GLU A 43 7.54 15.26 4.28
N GLU A 44 8.84 15.30 4.65
CA GLU A 44 9.92 15.21 3.64
C GLU A 44 9.94 13.81 3.00
N LYS A 45 9.69 12.75 3.83
CA LYS A 45 9.67 11.33 3.41
C LYS A 45 8.62 11.10 2.31
N ILE A 46 7.45 11.75 2.51
CA ILE A 46 6.34 11.76 1.55
C ILE A 46 6.86 12.21 0.17
N GLN A 47 7.58 13.35 0.17
CA GLN A 47 8.12 13.98 -1.06
C GLN A 47 9.25 13.13 -1.70
N LYS A 48 10.02 12.41 -0.84
CA LYS A 48 11.15 11.55 -1.30
C LYS A 48 10.61 10.38 -2.14
N LEU A 49 9.55 9.76 -1.62
CA LEU A 49 8.90 8.60 -2.25
C LEU A 49 8.05 9.02 -3.46
N LYS A 50 7.41 10.23 -3.40
CA LYS A 50 6.62 10.76 -4.54
C LYS A 50 7.55 11.11 -5.73
N SER A 51 8.79 11.54 -5.39
CA SER A 51 9.88 11.70 -6.39
C SER A 51 10.20 10.34 -7.07
N GLN A 52 10.26 9.26 -6.26
CA GLN A 52 10.50 7.88 -6.76
C GLN A 52 9.28 7.35 -7.55
N GLY A 53 8.08 7.92 -7.30
CA GLY A 53 6.86 7.56 -8.03
C GLY A 53 5.84 6.82 -7.18
N PHE A 54 5.83 7.11 -5.87
CA PHE A 54 4.90 6.52 -4.89
C PHE A 54 3.96 7.61 -4.39
N GLU A 55 2.66 7.52 -4.69
CA GLU A 55 1.65 8.46 -4.19
C GLU A 55 1.46 8.23 -2.68
N VAL A 56 2.15 9.07 -1.90
CA VAL A 56 2.13 9.00 -0.44
C VAL A 56 1.10 9.98 0.12
N ARG A 57 0.30 9.51 1.07
CA ARG A 57 -0.71 10.30 1.79
C ARG A 57 -0.31 10.33 3.28
N LYS A 58 -0.59 11.45 3.95
CA LYS A 58 -0.30 11.63 5.38
C LYS A 58 -1.58 11.26 6.16
N VAL A 59 -1.45 10.33 7.11
CA VAL A 59 -2.57 9.84 7.96
C VAL A 59 -2.25 10.10 9.44
N LYS A 60 -3.21 9.77 10.33
CA LYS A 60 -2.98 9.80 11.79
C LYS A 60 -2.31 8.48 12.23
N ASP A 61 -3.12 7.41 12.35
CA ASP A 61 -2.65 6.06 12.74
C ASP A 61 -3.62 5.02 12.14
N ASP A 62 -3.58 3.76 12.63
CA ASP A 62 -4.19 2.59 11.94
C ASP A 62 -5.73 2.67 11.88
N ASP A 63 -6.32 3.39 12.86
CA ASP A 63 -7.76 3.73 12.87
C ASP A 63 -8.16 4.46 11.57
N ASP A 64 -7.39 5.52 11.26
CA ASP A 64 -7.64 6.39 10.09
C ASP A 64 -7.18 5.73 8.78
N ILE A 65 -6.18 4.85 8.90
CA ILE A 65 -5.69 4.00 7.80
C ILE A 65 -6.81 3.04 7.33
N ASP A 66 -7.49 2.39 8.28
CA ASP A 66 -8.62 1.47 8.02
C ASP A 66 -9.78 2.19 7.29
N LYS A 67 -10.08 3.42 7.74
CA LYS A 67 -11.12 4.28 7.13
C LYS A 67 -10.68 4.76 5.74
N TRP A 68 -9.36 5.00 5.58
CA TRP A 68 -8.76 5.52 4.34
C TRP A 68 -8.90 4.48 3.23
N ILE A 69 -8.63 3.22 3.57
CA ILE A 69 -8.75 2.08 2.64
C ILE A 69 -10.23 1.87 2.25
N ASP A 70 -11.14 1.94 3.25
CA ASP A 70 -12.61 1.79 3.05
C ASP A 70 -13.13 2.83 2.03
N LYS A 71 -12.55 4.03 2.11
CA LYS A 71 -12.83 5.15 1.21
C LYS A 71 -12.39 4.82 -0.24
N ILE A 72 -11.16 4.28 -0.39
CA ILE A 72 -10.58 3.96 -1.71
C ILE A 72 -11.37 2.83 -2.42
N LYS A 73 -11.86 1.86 -1.62
CA LYS A 73 -12.72 0.75 -2.11
C LYS A 73 -14.05 1.28 -2.66
N LYS A 74 -14.56 2.33 -2.02
CA LYS A 74 -15.87 2.93 -2.32
C LYS A 74 -15.80 3.78 -3.60
N GLU A 75 -14.65 4.45 -3.80
CA GLU A 75 -14.35 5.22 -5.02
C GLU A 75 -14.06 4.26 -6.19
N ARG A 76 -13.31 3.19 -5.89
CA ARG A 76 -12.74 2.26 -6.87
C ARG A 76 -13.19 0.82 -6.53
N PRO A 77 -14.41 0.40 -6.97
CA PRO A 77 -14.95 -0.97 -6.71
C PRO A 77 -14.49 -1.98 -7.79
N GLN A 78 -13.32 -1.74 -8.39
CA GLN A 78 -12.75 -2.56 -9.48
C GLN A 78 -11.57 -3.41 -8.96
N LEU A 79 -11.04 -3.05 -7.78
CA LEU A 79 -9.73 -3.51 -7.31
C LEU A 79 -9.74 -3.88 -5.81
N GLU A 80 -8.79 -4.75 -5.42
CA GLU A 80 -8.47 -4.99 -4.00
C GLU A 80 -7.68 -3.79 -3.47
N VAL A 81 -7.99 -3.34 -2.25
CA VAL A 81 -7.20 -2.34 -1.53
C VAL A 81 -6.64 -3.02 -0.26
N ARG A 82 -5.36 -3.39 -0.30
CA ARG A 82 -4.72 -4.25 0.72
C ARG A 82 -3.98 -3.39 1.75
N LYS A 83 -4.09 -3.73 3.04
CA LYS A 83 -3.38 -3.02 4.13
C LYS A 83 -2.10 -3.77 4.51
N VAL A 84 -0.98 -3.05 4.46
CA VAL A 84 0.36 -3.55 4.83
C VAL A 84 0.95 -2.64 5.91
N THR A 85 0.73 -2.96 7.18
CA THR A 85 1.21 -2.14 8.31
C THR A 85 2.63 -2.55 8.74
N ASP A 86 2.96 -3.83 8.51
CA ASP A 86 4.27 -4.42 8.87
C ASP A 86 5.05 -4.80 7.60
N GLU A 87 6.39 -4.85 7.73
CA GLU A 87 7.33 -5.29 6.69
C GLU A 87 7.06 -6.75 6.26
N ASP A 88 6.66 -7.59 7.24
CA ASP A 88 6.24 -8.99 7.03
C ASP A 88 5.17 -9.08 5.93
N GLN A 89 4.23 -8.13 5.99
CA GLN A 89 3.09 -8.04 5.07
C GLN A 89 3.55 -7.54 3.69
N ALA A 90 4.61 -6.72 3.67
CA ALA A 90 5.25 -6.23 2.44
C ALA A 90 5.98 -7.36 1.69
N LYS A 91 6.43 -8.38 2.45
CA LYS A 91 6.98 -9.63 1.90
C LYS A 91 5.89 -10.68 1.57
N GLN A 92 4.72 -10.56 2.23
CA GLN A 92 3.56 -11.46 1.98
C GLN A 92 2.94 -11.14 0.60
N ILE A 93 2.72 -9.83 0.33
CA ILE A 93 2.17 -9.33 -0.96
C ILE A 93 3.08 -9.69 -2.16
N LEU A 94 4.41 -9.83 -1.93
CA LEU A 94 5.33 -10.39 -2.95
C LEU A 94 4.81 -11.76 -3.47
N GLU A 95 4.46 -12.65 -2.53
CA GLU A 95 3.92 -14.00 -2.83
C GLU A 95 2.45 -13.92 -3.32
N ASP A 96 1.74 -12.87 -2.89
CA ASP A 96 0.31 -12.66 -3.16
C ASP A 96 0.08 -12.44 -4.67
N LEU A 97 0.99 -11.64 -5.25
CA LEU A 97 0.94 -11.22 -6.65
C LEU A 97 1.47 -12.32 -7.58
N LYS A 98 2.37 -13.19 -7.08
CA LYS A 98 2.87 -14.37 -7.84
C LYS A 98 1.74 -15.43 -7.94
N LYS A 99 0.94 -15.52 -6.85
CA LYS A 99 -0.28 -16.35 -6.80
C LYS A 99 -1.43 -15.68 -7.57
N LYS A 100 -1.26 -14.35 -7.85
CA LYS A 100 -2.16 -13.54 -8.71
C LYS A 100 -3.59 -13.43 -8.12
N GLY A 101 -3.68 -13.60 -6.79
CA GLY A 101 -4.94 -13.58 -6.06
C GLY A 101 -4.72 -13.30 -4.59
N SER A 102 -4.84 -14.33 -3.73
CA SER A 102 -4.60 -14.20 -2.28
C SER A 102 -4.08 -15.51 -1.67
N LEU A 103 -3.65 -15.43 -0.40
CA LEU A 103 -3.16 -16.59 0.38
C LEU A 103 -4.32 -17.20 1.20
N GLU A 104 -4.92 -16.42 2.12
CA GLU A 104 -5.91 -16.96 3.09
C GLU A 104 -6.97 -15.92 3.57
N HIS A 105 -6.57 -14.64 3.73
CA HIS A 105 -7.42 -13.64 4.40
C HIS A 105 -7.03 -12.21 3.95
N HIS A 106 -8.03 -11.34 3.68
CA HIS A 106 -7.81 -9.92 3.27
C HIS A 106 -7.75 -8.98 4.50
N HIS A 107 -6.91 -9.36 5.47
CA HIS A 107 -6.70 -8.62 6.73
C HIS A 107 -5.49 -9.26 7.47
N HIS A 108 -4.98 -8.63 8.55
CA HIS A 108 -3.78 -9.13 9.27
C HIS A 108 -3.97 -9.02 10.80
N HIS A 109 -3.34 -9.97 11.54
CA HIS A 109 -3.18 -9.94 13.01
C HIS A 109 -1.83 -10.60 13.36
N HIS A 110 -1.18 -10.10 14.43
CA HIS A 110 0.07 -10.68 14.99
C HIS A 110 0.28 -10.17 16.43
N MET A 1 -13.22 -4.88 -15.14
CA MET A 1 -11.91 -4.27 -14.86
C MET A 1 -11.51 -4.59 -13.40
N GLY A 2 -10.75 -5.68 -13.24
CA GLY A 2 -10.35 -6.19 -11.92
C GLY A 2 -8.90 -5.92 -11.62
N SER A 3 -8.54 -4.63 -11.57
CA SER A 3 -7.18 -4.16 -11.24
C SER A 3 -6.87 -4.36 -9.74
N LYS A 4 -5.72 -3.82 -9.29
CA LYS A 4 -5.30 -3.88 -7.88
C LYS A 4 -4.27 -2.79 -7.58
N ILE A 5 -4.39 -2.18 -6.40
CA ILE A 5 -3.36 -1.33 -5.81
C ILE A 5 -2.99 -1.91 -4.44
N ILE A 6 -1.75 -1.68 -4.02
CA ILE A 6 -1.27 -2.12 -2.70
C ILE A 6 -0.92 -0.88 -1.89
N VAL A 7 -1.54 -0.75 -0.72
CA VAL A 7 -1.31 0.37 0.19
C VAL A 7 -0.38 -0.12 1.31
N ILE A 8 0.83 0.44 1.33
CA ILE A 8 1.90 0.03 2.25
C ILE A 8 2.09 1.13 3.28
N ILE A 9 1.96 0.75 4.55
CA ILE A 9 2.00 1.67 5.68
C ILE A 9 3.42 1.63 6.25
N SER A 10 4.27 2.57 5.82
CA SER A 10 5.71 2.55 6.11
C SER A 10 5.97 3.28 7.44
N SER A 11 6.24 2.48 8.49
CA SER A 11 6.58 2.99 9.82
C SER A 11 8.05 2.67 10.13
N ASP A 12 8.92 3.69 9.95
CA ASP A 12 10.36 3.67 10.33
C ASP A 12 11.20 2.81 9.36
N ASP A 13 10.89 1.51 9.28
CA ASP A 13 11.60 0.54 8.41
C ASP A 13 11.51 0.94 6.93
N THR A 14 12.68 1.21 6.34
CA THR A 14 12.82 1.57 4.92
C THR A 14 12.57 0.36 3.99
N THR A 15 12.58 -0.85 4.59
CA THR A 15 12.28 -2.11 3.89
C THR A 15 10.93 -2.07 3.15
N LEU A 16 9.93 -1.41 3.77
CA LEU A 16 8.55 -1.31 3.21
C LEU A 16 8.54 -0.41 1.95
N GLU A 17 9.47 0.56 1.91
CA GLU A 17 9.60 1.53 0.80
C GLU A 17 10.31 0.90 -0.42
N GLU A 18 11.35 0.09 -0.14
CA GLU A 18 12.16 -0.56 -1.21
C GLU A 18 11.41 -1.79 -1.81
N LEU A 19 10.65 -2.50 -0.95
CA LEU A 19 9.77 -3.62 -1.38
C LEU A 19 8.65 -3.09 -2.29
N ALA A 20 8.13 -1.89 -1.95
CA ALA A 20 7.02 -1.23 -2.68
C ALA A 20 7.28 -1.10 -4.20
N ARG A 21 8.55 -0.82 -4.56
CA ARG A 21 9.01 -0.74 -5.96
C ARG A 21 8.81 -2.10 -6.67
N LYS A 22 9.13 -3.19 -5.96
CA LYS A 22 9.06 -4.56 -6.50
C LYS A 22 7.62 -5.06 -6.66
N ILE A 23 6.71 -4.58 -5.78
CA ILE A 23 5.26 -4.83 -5.93
C ILE A 23 4.74 -4.18 -7.24
N LYS A 24 4.97 -2.87 -7.43
CA LYS A 24 4.47 -2.15 -8.64
C LYS A 24 5.17 -2.62 -9.93
N ASP A 25 6.35 -3.25 -9.76
CA ASP A 25 7.14 -3.85 -10.85
C ASP A 25 6.38 -5.04 -11.52
N GLU A 26 5.37 -5.61 -10.80
CA GLU A 26 4.51 -6.70 -11.34
C GLU A 26 3.45 -6.16 -12.34
N GLY A 27 3.22 -4.83 -12.32
CA GLY A 27 2.37 -4.17 -13.34
C GLY A 27 1.18 -3.40 -12.78
N LEU A 28 1.22 -3.04 -11.49
CA LEU A 28 0.12 -2.32 -10.78
C LEU A 28 0.69 -1.06 -10.09
N GLU A 29 -0.20 -0.22 -9.52
CA GLU A 29 0.23 0.98 -8.75
C GLU A 29 0.35 0.64 -7.25
N VAL A 30 1.25 1.37 -6.56
CA VAL A 30 1.43 1.29 -5.10
C VAL A 30 1.15 2.67 -4.48
N TYR A 31 0.31 2.64 -3.45
CA TYR A 31 0.03 3.78 -2.58
C TYR A 31 0.78 3.52 -1.27
N ILE A 32 1.31 4.58 -0.64
CA ILE A 32 1.98 4.46 0.67
C ILE A 32 1.23 5.34 1.68
N LEU A 33 1.00 4.82 2.89
CA LEU A 33 0.58 5.65 4.03
C LEU A 33 1.76 5.75 4.98
N LEU A 34 2.42 6.91 4.95
CA LEU A 34 3.64 7.14 5.72
C LEU A 34 3.19 7.58 7.13
N LYS A 35 3.73 6.93 8.18
CA LYS A 35 3.54 7.37 9.58
C LYS A 35 4.91 7.53 10.26
N ASP A 36 5.19 8.75 10.71
CA ASP A 36 6.40 9.11 11.47
C ASP A 36 5.97 10.00 12.65
N LYS A 37 6.72 9.94 13.77
CA LYS A 37 6.34 10.63 15.04
C LYS A 37 6.59 12.15 14.96
N ASP A 38 7.28 12.60 13.91
CA ASP A 38 7.51 14.02 13.61
C ASP A 38 6.90 14.32 12.24
N GLU A 39 5.77 15.08 12.21
CA GLU A 39 5.00 15.32 10.95
C GLU A 39 5.80 16.08 9.86
N LYS A 40 6.94 16.70 10.23
CA LYS A 40 7.79 17.44 9.27
C LYS A 40 8.76 16.48 8.54
N ARG A 41 9.43 15.60 9.32
CA ARG A 41 10.29 14.51 8.79
C ARG A 41 9.43 13.51 7.99
N LEU A 42 8.20 13.32 8.49
CA LEU A 42 7.12 12.58 7.82
C LEU A 42 6.84 13.18 6.44
N GLU A 43 6.52 14.49 6.43
CA GLU A 43 6.06 15.20 5.23
C GLU A 43 7.13 15.15 4.12
N GLU A 44 8.41 15.19 4.54
CA GLU A 44 9.56 15.10 3.63
C GLU A 44 9.68 13.68 3.02
N LYS A 45 9.56 12.66 3.89
CA LYS A 45 9.67 11.23 3.49
C LYS A 45 8.63 10.88 2.40
N ILE A 46 7.42 11.47 2.59
CA ILE A 46 6.30 11.40 1.64
C ILE A 46 6.72 11.93 0.27
N GLN A 47 7.25 13.18 0.25
CA GLN A 47 7.60 13.89 -1.01
C GLN A 47 8.68 13.10 -1.80
N LYS A 48 9.59 12.45 -1.06
CA LYS A 48 10.71 11.69 -1.66
C LYS A 48 10.18 10.43 -2.37
N LEU A 49 9.27 9.68 -1.71
CA LEU A 49 8.62 8.51 -2.31
C LEU A 49 7.69 8.91 -3.48
N LYS A 50 7.04 10.09 -3.39
CA LYS A 50 6.16 10.59 -4.48
C LYS A 50 7.00 11.01 -5.70
N SER A 51 8.21 11.51 -5.44
CA SER A 51 9.21 11.80 -6.49
C SER A 51 9.75 10.48 -7.11
N GLN A 52 9.68 9.38 -6.33
CA GLN A 52 9.98 8.01 -6.81
C GLN A 52 8.76 7.39 -7.55
N GLY A 53 7.57 8.01 -7.39
CA GLY A 53 6.38 7.64 -8.16
C GLY A 53 5.31 6.92 -7.34
N PHE A 54 5.55 6.75 -6.04
CA PHE A 54 4.56 6.16 -5.10
C PHE A 54 3.53 7.22 -4.71
N GLU A 55 2.23 6.88 -4.75
CA GLU A 55 1.17 7.80 -4.31
C GLU A 55 1.04 7.73 -2.78
N VAL A 56 1.83 8.58 -2.09
CA VAL A 56 1.92 8.59 -0.62
C VAL A 56 0.94 9.62 -0.02
N ARG A 57 0.41 9.32 1.18
CA ARG A 57 -0.51 10.20 1.92
C ARG A 57 0.00 10.33 3.38
N LYS A 58 -0.27 11.50 3.97
CA LYS A 58 0.08 11.82 5.36
C LYS A 58 -1.06 11.37 6.26
N VAL A 59 -0.81 10.35 7.07
CA VAL A 59 -1.82 9.76 7.97
C VAL A 59 -1.35 9.91 9.42
N LYS A 60 -2.30 9.91 10.35
CA LYS A 60 -2.02 10.06 11.80
C LYS A 60 -1.74 8.69 12.46
N ASP A 61 -2.58 7.68 12.16
CA ASP A 61 -2.60 6.41 12.91
C ASP A 61 -3.36 5.31 12.12
N ASP A 62 -3.23 4.03 12.57
CA ASP A 62 -3.79 2.84 11.87
C ASP A 62 -5.34 2.80 11.93
N ASP A 63 -5.93 3.53 12.89
CA ASP A 63 -7.39 3.72 12.96
C ASP A 63 -7.88 4.50 11.72
N ASP A 64 -7.17 5.61 11.41
CA ASP A 64 -7.45 6.45 10.23
C ASP A 64 -7.21 5.64 8.94
N ILE A 65 -6.14 4.83 8.98
CA ILE A 65 -5.68 3.98 7.86
C ILE A 65 -6.74 2.94 7.46
N ASP A 66 -7.37 2.30 8.46
CA ASP A 66 -8.48 1.35 8.21
C ASP A 66 -9.62 2.02 7.43
N LYS A 67 -9.95 3.25 7.86
CA LYS A 67 -11.01 4.06 7.26
C LYS A 67 -10.56 4.63 5.90
N TRP A 68 -9.24 4.84 5.75
CA TRP A 68 -8.61 5.38 4.54
C TRP A 68 -8.76 4.37 3.39
N ILE A 69 -8.47 3.08 3.70
CA ILE A 69 -8.60 1.99 2.71
C ILE A 69 -10.09 1.66 2.51
N ASP A 70 -10.89 1.80 3.59
CA ASP A 70 -12.34 1.54 3.58
C ASP A 70 -13.05 2.38 2.50
N LYS A 71 -12.67 3.66 2.41
CA LYS A 71 -13.23 4.58 1.41
C LYS A 71 -12.61 4.31 0.02
N ILE A 72 -11.30 3.97 -0.08
CA ILE A 72 -10.62 3.71 -1.38
C ILE A 72 -11.31 2.55 -2.14
N LYS A 73 -11.71 1.50 -1.39
CA LYS A 73 -12.43 0.32 -1.93
C LYS A 73 -13.84 0.71 -2.43
N LYS A 74 -14.44 1.67 -1.73
CA LYS A 74 -15.85 2.08 -1.90
C LYS A 74 -15.99 3.06 -3.08
N GLU A 75 -14.97 3.93 -3.22
CA GLU A 75 -14.87 4.93 -4.30
C GLU A 75 -14.37 4.26 -5.59
N ARG A 76 -13.46 3.29 -5.42
CA ARG A 76 -12.80 2.56 -6.52
C ARG A 76 -13.07 1.04 -6.36
N PRO A 77 -14.22 0.53 -6.89
CA PRO A 77 -14.52 -0.93 -6.90
C PRO A 77 -13.65 -1.71 -7.91
N GLN A 78 -13.03 -0.95 -8.85
CA GLN A 78 -12.33 -1.51 -10.02
C GLN A 78 -10.90 -1.98 -9.71
N LEU A 79 -10.41 -1.72 -8.49
CA LEU A 79 -9.05 -2.13 -8.06
C LEU A 79 -9.08 -2.66 -6.62
N GLU A 80 -8.55 -3.89 -6.42
CA GLU A 80 -8.46 -4.54 -5.10
C GLU A 80 -7.42 -3.79 -4.25
N VAL A 81 -7.80 -3.42 -3.02
CA VAL A 81 -6.97 -2.60 -2.12
C VAL A 81 -6.51 -3.45 -0.92
N ARG A 82 -5.20 -3.50 -0.66
CA ARG A 82 -4.59 -4.29 0.43
C ARG A 82 -3.93 -3.35 1.46
N LYS A 83 -4.09 -3.64 2.78
CA LYS A 83 -3.39 -2.92 3.86
C LYS A 83 -2.14 -3.71 4.27
N VAL A 84 -0.99 -3.04 4.24
CA VAL A 84 0.31 -3.59 4.68
C VAL A 84 0.83 -2.78 5.87
N THR A 85 0.50 -3.22 7.08
CA THR A 85 0.90 -2.51 8.31
C THR A 85 2.31 -2.96 8.77
N ASP A 86 2.70 -4.19 8.38
CA ASP A 86 3.97 -4.82 8.81
C ASP A 86 4.92 -5.05 7.62
N GLU A 87 6.21 -5.22 7.94
CA GLU A 87 7.28 -5.57 6.99
C GLU A 87 7.08 -6.99 6.41
N ASP A 88 6.66 -7.95 7.28
CA ASP A 88 6.34 -9.33 6.83
C ASP A 88 5.12 -9.34 5.88
N GLN A 89 4.22 -8.34 6.06
CA GLN A 89 3.08 -8.11 5.15
C GLN A 89 3.56 -7.52 3.81
N ALA A 90 4.63 -6.71 3.85
CA ALA A 90 5.28 -6.16 2.64
C ALA A 90 6.02 -7.25 1.84
N LYS A 91 6.41 -8.33 2.51
CA LYS A 91 6.89 -9.56 1.84
C LYS A 91 5.74 -10.52 1.47
N GLN A 92 4.61 -10.46 2.21
CA GLN A 92 3.44 -11.32 1.95
C GLN A 92 2.83 -10.95 0.59
N ILE A 93 2.61 -9.65 0.38
CA ILE A 93 2.08 -9.11 -0.89
C ILE A 93 2.93 -9.52 -2.12
N LEU A 94 4.26 -9.70 -1.97
CA LEU A 94 5.14 -10.24 -3.03
C LEU A 94 4.55 -11.56 -3.62
N GLU A 95 4.19 -12.52 -2.74
CA GLU A 95 3.58 -13.80 -3.17
C GLU A 95 2.06 -13.61 -3.41
N ASP A 96 1.43 -12.64 -2.73
CA ASP A 96 -0.05 -12.44 -2.75
C ASP A 96 -0.52 -11.91 -4.12
N LEU A 97 0.35 -11.16 -4.80
CA LEU A 97 0.12 -10.69 -6.19
C LEU A 97 0.11 -11.88 -7.16
N LYS A 98 0.84 -12.94 -6.79
CA LYS A 98 1.02 -14.14 -7.59
C LYS A 98 -0.12 -15.14 -7.31
N LYS A 99 -0.54 -15.20 -6.02
CA LYS A 99 -1.54 -16.18 -5.54
C LYS A 99 -2.98 -15.68 -5.77
N LYS A 100 -3.19 -14.36 -5.61
CA LYS A 100 -4.51 -13.74 -5.81
C LYS A 100 -4.76 -13.56 -7.31
N GLY A 101 -5.44 -14.55 -7.89
CA GLY A 101 -5.85 -14.55 -9.30
C GLY A 101 -7.08 -15.39 -9.46
N SER A 102 -8.16 -14.98 -8.76
CA SER A 102 -9.44 -15.70 -8.73
C SER A 102 -10.11 -15.72 -10.12
N LEU A 103 -10.83 -16.81 -10.40
CA LEU A 103 -11.68 -16.93 -11.59
C LEU A 103 -12.93 -16.03 -11.42
N GLU A 104 -13.36 -15.88 -10.16
CA GLU A 104 -14.53 -15.10 -9.76
C GLU A 104 -14.16 -13.61 -9.59
N HIS A 105 -15.19 -12.74 -9.66
CA HIS A 105 -15.11 -11.35 -9.15
C HIS A 105 -15.74 -11.30 -7.74
N HIS A 106 -15.50 -12.39 -6.98
CA HIS A 106 -16.12 -12.70 -5.67
C HIS A 106 -15.91 -11.58 -4.64
N HIS A 107 -14.68 -11.02 -4.63
CA HIS A 107 -14.22 -10.08 -3.60
C HIS A 107 -14.99 -8.74 -3.71
N HIS A 108 -16.16 -8.71 -3.08
CA HIS A 108 -17.08 -7.55 -3.11
C HIS A 108 -16.51 -6.39 -2.29
N HIS A 109 -16.52 -5.19 -2.90
CA HIS A 109 -15.99 -3.97 -2.31
C HIS A 109 -17.04 -3.30 -1.42
N HIS A 110 -16.57 -2.73 -0.32
CA HIS A 110 -17.34 -1.87 0.57
C HIS A 110 -16.32 -1.03 1.39
N MET A 1 -4.06 -11.10 -12.98
CA MET A 1 -3.92 -9.82 -12.26
C MET A 1 -4.25 -8.65 -13.18
N GLY A 2 -5.15 -7.78 -12.72
CA GLY A 2 -5.47 -6.54 -13.40
C GLY A 2 -5.25 -5.37 -12.47
N SER A 3 -6.34 -4.66 -12.14
CA SER A 3 -6.30 -3.58 -11.16
C SER A 3 -6.10 -4.18 -9.75
N LYS A 4 -4.84 -4.15 -9.28
CA LYS A 4 -4.50 -4.44 -7.88
C LYS A 4 -3.68 -3.27 -7.34
N ILE A 5 -4.11 -2.73 -6.20
CA ILE A 5 -3.39 -1.67 -5.49
C ILE A 5 -3.03 -2.20 -4.10
N ILE A 6 -1.84 -1.82 -3.64
CA ILE A 6 -1.35 -2.20 -2.31
C ILE A 6 -1.15 -0.94 -1.48
N VAL A 7 -1.69 -0.95 -0.26
CA VAL A 7 -1.61 0.17 0.68
C VAL A 7 -0.68 -0.24 1.83
N ILE A 8 0.56 0.29 1.83
CA ILE A 8 1.62 -0.11 2.76
C ILE A 8 1.77 0.96 3.86
N ILE A 9 1.69 0.53 5.12
CA ILE A 9 1.70 1.41 6.29
C ILE A 9 3.13 1.37 6.85
N SER A 10 3.93 2.38 6.51
CA SER A 10 5.33 2.44 6.92
C SER A 10 5.43 3.29 8.20
N SER A 11 5.63 2.58 9.32
CA SER A 11 5.76 3.20 10.63
C SER A 11 7.24 3.50 10.93
N ASP A 12 7.77 4.54 10.23
CA ASP A 12 9.16 5.02 10.40
C ASP A 12 10.19 3.89 10.09
N ASP A 13 9.89 3.02 9.08
CA ASP A 13 10.77 1.87 8.72
C ASP A 13 11.09 1.86 7.22
N THR A 14 12.32 1.44 6.88
CA THR A 14 12.88 1.51 5.51
C THR A 14 12.55 0.25 4.67
N THR A 15 12.49 -0.93 5.32
CA THR A 15 12.25 -2.23 4.64
C THR A 15 10.98 -2.20 3.76
N LEU A 16 9.90 -1.61 4.29
CA LEU A 16 8.58 -1.57 3.62
C LEU A 16 8.64 -0.74 2.32
N GLU A 17 9.55 0.25 2.31
CA GLU A 17 9.77 1.17 1.18
C GLU A 17 10.57 0.44 0.09
N GLU A 18 11.56 -0.36 0.55
CA GLU A 18 12.41 -1.20 -0.32
C GLU A 18 11.54 -2.22 -1.06
N LEU A 19 10.64 -2.88 -0.30
CA LEU A 19 9.72 -3.90 -0.79
C LEU A 19 8.73 -3.31 -1.81
N ALA A 20 8.18 -2.11 -1.46
CA ALA A 20 7.13 -1.41 -2.24
C ALA A 20 7.51 -1.23 -3.73
N ARG A 21 8.81 -0.98 -3.96
CA ARG A 21 9.38 -0.76 -5.31
C ARG A 21 9.22 -2.01 -6.23
N LYS A 22 9.25 -3.20 -5.61
CA LYS A 22 9.12 -4.49 -6.32
C LYS A 22 7.65 -4.74 -6.72
N ILE A 23 6.71 -4.38 -5.82
CA ILE A 23 5.27 -4.59 -6.05
C ILE A 23 4.75 -3.68 -7.19
N LYS A 24 5.11 -2.39 -7.15
CA LYS A 24 4.65 -1.39 -8.16
C LYS A 24 5.25 -1.65 -9.55
N ASP A 25 6.38 -2.38 -9.59
CA ASP A 25 7.11 -2.69 -10.83
C ASP A 25 6.31 -3.66 -11.74
N GLU A 26 5.25 -4.27 -11.18
CA GLU A 26 4.28 -5.09 -11.94
C GLU A 26 3.33 -4.22 -12.79
N GLY A 27 3.47 -2.89 -12.66
CA GLY A 27 2.51 -1.96 -13.23
C GLY A 27 1.31 -1.80 -12.33
N LEU A 28 1.56 -1.80 -11.00
CA LEU A 28 0.53 -1.58 -9.97
C LEU A 28 0.71 -0.20 -9.35
N GLU A 29 -0.41 0.45 -9.01
CA GLU A 29 -0.43 1.71 -8.27
C GLU A 29 -0.37 1.40 -6.76
N VAL A 30 0.78 1.69 -6.13
CA VAL A 30 1.01 1.42 -4.71
C VAL A 30 0.88 2.73 -3.92
N TYR A 31 0.10 2.65 -2.84
CA TYR A 31 -0.15 3.76 -1.92
C TYR A 31 0.68 3.51 -0.67
N ILE A 32 1.38 4.54 -0.17
CA ILE A 32 2.17 4.43 1.06
C ILE A 32 1.54 5.35 2.11
N LEU A 33 1.10 4.78 3.24
CA LEU A 33 0.61 5.56 4.39
C LEU A 33 1.77 5.77 5.34
N LEU A 34 2.37 6.96 5.23
CA LEU A 34 3.56 7.32 5.98
C LEU A 34 3.12 7.93 7.30
N LYS A 35 3.66 7.44 8.41
CA LYS A 35 3.48 8.03 9.73
C LYS A 35 4.87 8.27 10.37
N ASP A 36 5.11 9.52 10.75
CA ASP A 36 6.30 9.93 11.49
C ASP A 36 5.85 10.83 12.65
N LYS A 37 6.74 11.00 13.64
CA LYS A 37 6.45 11.75 14.89
C LYS A 37 6.33 13.26 14.60
N ASP A 38 6.95 13.73 13.51
CA ASP A 38 6.96 15.16 13.11
C ASP A 38 6.47 15.29 11.65
N GLU A 39 5.33 15.98 11.47
CA GLU A 39 4.68 16.18 10.15
C GLU A 39 5.57 16.84 9.09
N LYS A 40 6.61 17.59 9.52
CA LYS A 40 7.54 18.28 8.60
C LYS A 40 8.45 17.20 7.95
N ARG A 41 9.16 16.43 8.81
CA ARG A 41 10.05 15.32 8.37
C ARG A 41 9.25 14.24 7.60
N LEU A 42 8.03 14.01 8.10
CA LEU A 42 7.03 13.13 7.49
C LEU A 42 6.75 13.51 6.03
N GLU A 43 6.52 14.82 5.80
CA GLU A 43 6.13 15.35 4.48
C GLU A 43 7.33 15.36 3.52
N GLU A 44 8.55 15.43 4.09
CA GLU A 44 9.80 15.31 3.31
C GLU A 44 9.93 13.88 2.77
N LYS A 45 9.68 12.90 3.68
CA LYS A 45 9.72 11.47 3.39
C LYS A 45 8.69 11.10 2.30
N ILE A 46 7.49 11.71 2.40
CA ILE A 46 6.39 11.58 1.40
C ILE A 46 6.92 11.91 -0.02
N GLN A 47 7.61 13.07 -0.14
CA GLN A 47 8.12 13.56 -1.44
C GLN A 47 9.21 12.63 -2.01
N LYS A 48 10.10 12.13 -1.13
CA LYS A 48 11.20 11.20 -1.50
C LYS A 48 10.67 9.92 -2.15
N LEU A 49 9.59 9.39 -1.57
CA LEU A 49 8.93 8.18 -2.05
C LEU A 49 8.13 8.44 -3.36
N LYS A 50 7.52 9.64 -3.47
CA LYS A 50 6.77 10.05 -4.69
C LYS A 50 7.70 10.22 -5.90
N SER A 51 9.00 10.48 -5.65
CA SER A 51 10.05 10.44 -6.69
C SER A 51 10.18 9.02 -7.31
N GLN A 52 9.85 7.99 -6.51
CA GLN A 52 9.82 6.57 -6.95
C GLN A 52 8.38 6.16 -7.38
N GLY A 53 7.53 7.15 -7.64
CA GLY A 53 6.19 6.93 -8.20
C GLY A 53 5.14 6.48 -7.19
N PHE A 54 5.54 6.30 -5.92
CA PHE A 54 4.62 5.88 -4.84
C PHE A 54 3.60 7.00 -4.56
N GLU A 55 2.30 6.68 -4.57
CA GLU A 55 1.26 7.65 -4.20
C GLU A 55 1.13 7.65 -2.67
N VAL A 56 1.90 8.53 -2.03
CA VAL A 56 2.05 8.59 -0.58
C VAL A 56 1.06 9.59 0.02
N ARG A 57 0.46 9.21 1.16
CA ARG A 57 -0.51 10.04 1.88
C ARG A 57 -0.06 10.18 3.35
N LYS A 58 -0.37 11.34 3.93
CA LYS A 58 -0.15 11.65 5.33
C LYS A 58 -1.39 11.17 6.11
N VAL A 59 -1.19 10.27 7.07
CA VAL A 59 -2.26 9.68 7.90
C VAL A 59 -1.99 10.00 9.37
N LYS A 60 -3.08 10.13 10.14
CA LYS A 60 -3.01 10.53 11.57
C LYS A 60 -2.50 9.37 12.44
N ASP A 61 -3.22 8.23 12.41
CA ASP A 61 -2.83 6.97 13.10
C ASP A 61 -3.70 5.81 12.55
N ASP A 62 -3.70 4.63 13.21
CA ASP A 62 -4.38 3.39 12.70
C ASP A 62 -5.91 3.56 12.60
N ASP A 63 -6.43 4.50 13.41
CA ASP A 63 -7.81 4.99 13.32
C ASP A 63 -8.10 5.52 11.90
N ASP A 64 -7.25 6.48 11.48
CA ASP A 64 -7.36 7.19 10.19
C ASP A 64 -6.96 6.26 9.02
N ILE A 65 -6.04 5.30 9.31
CA ILE A 65 -5.51 4.33 8.34
C ILE A 65 -6.57 3.30 7.91
N ASP A 66 -7.21 2.65 8.89
CA ASP A 66 -8.27 1.64 8.63
C ASP A 66 -9.44 2.26 7.85
N LYS A 67 -9.73 3.55 8.16
CA LYS A 67 -10.76 4.34 7.47
C LYS A 67 -10.24 4.80 6.09
N TRP A 68 -8.91 4.89 5.95
CA TRP A 68 -8.27 5.29 4.68
C TRP A 68 -8.38 4.15 3.65
N ILE A 69 -8.21 2.89 4.10
CA ILE A 69 -8.41 1.71 3.22
C ILE A 69 -9.92 1.58 2.90
N ASP A 70 -10.76 1.90 3.91
CA ASP A 70 -12.23 1.91 3.77
C ASP A 70 -12.69 2.86 2.66
N LYS A 71 -12.18 4.12 2.68
CA LYS A 71 -12.58 5.14 1.70
C LYS A 71 -12.11 4.76 0.28
N ILE A 72 -10.94 4.10 0.20
CA ILE A 72 -10.33 3.67 -1.08
C ILE A 72 -11.14 2.54 -1.76
N LYS A 73 -11.64 1.58 -0.95
CA LYS A 73 -12.55 0.52 -1.43
C LYS A 73 -13.91 1.13 -1.84
N LYS A 74 -14.25 2.27 -1.21
CA LYS A 74 -15.51 3.00 -1.43
C LYS A 74 -15.41 3.91 -2.69
N GLU A 75 -14.16 4.27 -3.05
CA GLU A 75 -13.87 4.98 -4.32
C GLU A 75 -13.90 3.99 -5.47
N ARG A 76 -13.16 2.86 -5.28
CA ARG A 76 -13.00 1.81 -6.28
C ARG A 76 -13.19 0.43 -5.61
N PRO A 77 -14.42 -0.17 -5.67
CA PRO A 77 -14.67 -1.56 -5.19
C PRO A 77 -14.39 -2.62 -6.28
N GLN A 78 -13.75 -2.18 -7.38
CA GLN A 78 -13.53 -3.00 -8.60
C GLN A 78 -12.08 -3.49 -8.70
N LEU A 79 -11.28 -3.27 -7.63
CA LEU A 79 -9.86 -3.68 -7.57
C LEU A 79 -9.50 -4.35 -6.24
N GLU A 80 -8.35 -5.04 -6.24
CA GLU A 80 -7.76 -5.65 -5.06
C GLU A 80 -7.18 -4.54 -4.16
N VAL A 81 -7.51 -4.56 -2.87
CA VAL A 81 -6.96 -3.62 -1.86
C VAL A 81 -6.36 -4.46 -0.72
N ARG A 82 -5.02 -4.49 -0.65
CA ARG A 82 -4.30 -5.21 0.41
C ARG A 82 -3.64 -4.19 1.35
N LYS A 83 -4.22 -4.04 2.54
CA LYS A 83 -3.59 -3.28 3.64
C LYS A 83 -2.41 -4.10 4.20
N VAL A 84 -1.22 -3.51 4.12
CA VAL A 84 0.04 -4.12 4.58
C VAL A 84 0.60 -3.28 5.73
N THR A 85 0.24 -3.66 6.95
CA THR A 85 0.71 -3.01 8.18
C THR A 85 2.20 -3.30 8.45
N ASP A 86 2.60 -4.57 8.25
CA ASP A 86 3.96 -5.07 8.55
C ASP A 86 4.66 -5.52 7.25
N GLU A 87 6.01 -5.44 7.24
CA GLU A 87 6.88 -5.79 6.10
C GLU A 87 6.69 -7.25 5.62
N ASP A 88 6.40 -8.16 6.56
CA ASP A 88 6.21 -9.60 6.30
C ASP A 88 5.11 -9.83 5.25
N GLN A 89 4.08 -8.99 5.34
CA GLN A 89 2.93 -9.01 4.45
C GLN A 89 3.31 -8.44 3.07
N ALA A 90 4.24 -7.44 3.04
CA ALA A 90 4.78 -6.88 1.77
C ALA A 90 5.71 -7.89 1.06
N LYS A 91 6.30 -8.79 1.84
CA LYS A 91 7.13 -9.90 1.34
C LYS A 91 6.24 -11.06 0.83
N GLN A 92 5.07 -11.26 1.46
CA GLN A 92 4.13 -12.35 1.11
C GLN A 92 3.32 -11.99 -0.16
N ILE A 93 2.95 -10.70 -0.30
CA ILE A 93 2.18 -10.24 -1.46
C ILE A 93 2.93 -10.36 -2.79
N LEU A 94 4.27 -10.34 -2.76
CA LEU A 94 5.13 -10.69 -3.94
C LEU A 94 4.58 -11.96 -4.67
N GLU A 95 4.09 -12.91 -3.85
CA GLU A 95 3.45 -14.16 -4.31
C GLU A 95 1.92 -13.97 -4.58
N ASP A 96 1.23 -13.21 -3.69
CA ASP A 96 -0.24 -12.87 -3.83
C ASP A 96 -0.60 -12.29 -5.23
N LEU A 97 0.33 -11.48 -5.78
CA LEU A 97 0.26 -10.89 -7.12
C LEU A 97 0.28 -12.00 -8.23
N LYS A 98 0.95 -13.10 -7.90
CA LYS A 98 1.13 -14.28 -8.79
C LYS A 98 -0.02 -15.29 -8.66
N LYS A 99 -0.58 -15.44 -7.43
CA LYS A 99 -1.63 -16.43 -7.12
C LYS A 99 -2.91 -16.17 -7.95
N LYS A 100 -3.13 -14.89 -8.28
CA LYS A 100 -4.13 -14.46 -9.26
C LYS A 100 -3.38 -13.74 -10.40
N GLY A 101 -2.68 -14.54 -11.23
CA GLY A 101 -1.79 -14.01 -12.27
C GLY A 101 -2.33 -14.24 -13.68
N SER A 102 -2.04 -15.43 -14.23
CA SER A 102 -2.27 -15.76 -15.65
C SER A 102 -3.75 -16.05 -15.97
N LEU A 103 -4.66 -15.92 -14.98
CA LEU A 103 -6.11 -16.09 -15.21
C LEU A 103 -6.65 -14.84 -15.94
N GLU A 104 -6.84 -13.76 -15.17
CA GLU A 104 -7.39 -12.47 -15.67
C GLU A 104 -6.28 -11.41 -15.70
N HIS A 105 -5.26 -11.66 -16.55
CA HIS A 105 -4.10 -10.78 -16.69
C HIS A 105 -4.43 -9.54 -17.55
N HIS A 106 -5.11 -8.54 -16.93
CA HIS A 106 -5.36 -7.21 -17.54
C HIS A 106 -4.09 -6.33 -17.38
N HIS A 107 -3.07 -6.91 -16.72
CA HIS A 107 -1.65 -6.47 -16.74
C HIS A 107 -1.27 -6.05 -18.19
N HIS A 108 -1.07 -4.74 -18.39
CA HIS A 108 -1.05 -4.10 -19.74
C HIS A 108 0.08 -4.63 -20.65
N HIS A 109 1.15 -5.18 -20.02
CA HIS A 109 2.27 -5.87 -20.71
C HIS A 109 3.14 -4.89 -21.54
N HIS A 110 4.44 -4.81 -21.18
CA HIS A 110 5.44 -4.02 -21.91
C HIS A 110 6.78 -4.81 -21.95
N MET A 1 -11.50 -4.31 -13.70
CA MET A 1 -11.11 -5.60 -14.37
C MET A 1 -10.69 -6.65 -13.32
N GLY A 2 -10.68 -6.27 -12.03
CA GLY A 2 -10.03 -7.07 -10.99
C GLY A 2 -8.58 -6.67 -10.85
N SER A 3 -8.36 -5.35 -10.82
CA SER A 3 -7.03 -4.75 -10.69
C SER A 3 -6.48 -4.94 -9.27
N LYS A 4 -5.26 -4.47 -9.04
CA LYS A 4 -4.62 -4.52 -7.73
C LYS A 4 -4.01 -3.14 -7.43
N ILE A 5 -4.24 -2.64 -6.22
CA ILE A 5 -3.42 -1.58 -5.60
C ILE A 5 -3.04 -2.07 -4.21
N ILE A 6 -1.85 -1.70 -3.77
CA ILE A 6 -1.36 -2.06 -2.45
C ILE A 6 -1.20 -0.78 -1.64
N VAL A 7 -1.60 -0.83 -0.37
CA VAL A 7 -1.44 0.29 0.54
C VAL A 7 -0.50 -0.12 1.67
N ILE A 8 0.70 0.47 1.71
CA ILE A 8 1.76 0.12 2.66
C ILE A 8 1.93 1.23 3.69
N ILE A 9 1.85 0.83 4.95
CA ILE A 9 1.93 1.73 6.09
C ILE A 9 3.40 1.71 6.54
N SER A 10 4.19 2.66 6.01
CA SER A 10 5.63 2.71 6.27
C SER A 10 5.83 3.39 7.63
N SER A 11 6.09 2.58 8.65
CA SER A 11 6.22 3.02 10.03
C SER A 11 7.69 2.98 10.47
N ASP A 12 8.44 4.06 10.13
CA ASP A 12 9.85 4.29 10.54
C ASP A 12 10.85 3.47 9.68
N ASP A 13 10.64 2.14 9.59
CA ASP A 13 11.53 1.23 8.85
C ASP A 13 11.36 1.41 7.31
N THR A 14 12.46 1.18 6.57
CA THR A 14 12.55 1.51 5.13
C THR A 14 12.36 0.28 4.21
N THR A 15 12.44 -0.95 4.78
CA THR A 15 12.31 -2.20 3.98
C THR A 15 10.89 -2.35 3.38
N LEU A 16 9.90 -1.71 4.02
CA LEU A 16 8.52 -1.68 3.51
C LEU A 16 8.44 -0.89 2.19
N GLU A 17 9.32 0.13 2.08
CA GLU A 17 9.45 1.00 0.90
C GLU A 17 10.31 0.32 -0.20
N GLU A 18 11.28 -0.49 0.27
CA GLU A 18 12.18 -1.29 -0.59
C GLU A 18 11.37 -2.33 -1.38
N LEU A 19 10.52 -3.07 -0.64
CA LEU A 19 9.64 -4.11 -1.20
C LEU A 19 8.56 -3.49 -2.08
N ALA A 20 8.07 -2.30 -1.66
CA ALA A 20 6.99 -1.55 -2.34
C ALA A 20 7.28 -1.30 -3.83
N ARG A 21 8.57 -1.03 -4.13
CA ARG A 21 9.04 -0.73 -5.48
C ARG A 21 9.06 -2.00 -6.35
N LYS A 22 9.35 -3.15 -5.70
CA LYS A 22 9.31 -4.48 -6.35
C LYS A 22 7.85 -4.93 -6.59
N ILE A 23 6.94 -4.51 -5.68
CA ILE A 23 5.50 -4.81 -5.77
C ILE A 23 4.89 -4.11 -7.00
N LYS A 24 4.97 -2.76 -7.04
CA LYS A 24 4.33 -1.94 -8.09
C LYS A 24 4.88 -2.22 -9.50
N ASP A 25 6.07 -2.84 -9.55
CA ASP A 25 6.76 -3.20 -10.82
C ASP A 25 5.91 -4.13 -11.73
N GLU A 26 4.91 -4.83 -11.14
CA GLU A 26 3.96 -5.70 -11.90
C GLU A 26 2.91 -4.88 -12.70
N GLY A 27 2.95 -3.54 -12.56
CA GLY A 27 2.06 -2.63 -13.31
C GLY A 27 0.85 -2.19 -12.50
N LEU A 28 1.06 -2.00 -11.18
CA LEU A 28 0.00 -1.52 -10.25
C LEU A 28 0.51 -0.30 -9.47
N GLU A 29 -0.41 0.44 -8.83
CA GLU A 29 -0.07 1.55 -7.95
C GLU A 29 0.09 1.06 -6.50
N VAL A 30 1.02 1.69 -5.76
CA VAL A 30 1.18 1.52 -4.31
C VAL A 30 1.02 2.88 -3.62
N TYR A 31 0.13 2.91 -2.61
CA TYR A 31 -0.14 4.10 -1.80
C TYR A 31 0.54 3.90 -0.45
N ILE A 32 1.56 4.71 -0.16
CA ILE A 32 2.27 4.63 1.11
C ILE A 32 1.58 5.53 2.13
N LEU A 33 1.06 4.94 3.22
CA LEU A 33 0.51 5.72 4.33
C LEU A 33 1.63 6.03 5.30
N LEU A 34 2.06 7.28 5.28
CA LEU A 34 3.17 7.76 6.08
C LEU A 34 2.60 8.29 7.40
N LYS A 35 3.07 7.69 8.50
CA LYS A 35 2.76 8.13 9.86
C LYS A 35 4.09 8.32 10.60
N ASP A 36 4.32 9.55 11.02
CA ASP A 36 5.57 9.97 11.65
C ASP A 36 5.25 10.80 12.89
N LYS A 37 6.25 11.05 13.72
CA LYS A 37 6.11 11.85 14.94
C LYS A 37 5.89 13.33 14.59
N ASP A 38 6.54 13.80 13.52
CA ASP A 38 6.58 15.23 13.15
C ASP A 38 5.94 15.51 11.77
N GLU A 39 5.94 16.80 11.39
CA GLU A 39 5.26 17.30 10.17
C GLU A 39 6.25 17.38 8.99
N LYS A 40 7.34 18.17 9.14
CA LYS A 40 8.34 18.37 8.07
C LYS A 40 9.23 17.11 7.90
N ARG A 41 9.45 16.37 8.99
CA ARG A 41 10.23 15.13 8.96
C ARG A 41 9.49 14.08 8.10
N LEU A 42 8.17 13.99 8.31
CA LEU A 42 7.23 13.26 7.45
C LEU A 42 7.18 13.82 6.00
N GLU A 43 7.12 15.16 5.89
CA GLU A 43 6.95 15.91 4.61
C GLU A 43 7.94 15.47 3.53
N GLU A 44 9.24 15.48 3.90
CA GLU A 44 10.32 15.20 2.96
C GLU A 44 10.36 13.72 2.59
N LYS A 45 10.02 12.85 3.58
CA LYS A 45 9.88 11.40 3.40
C LYS A 45 8.83 11.06 2.31
N ILE A 46 7.65 11.75 2.39
CA ILE A 46 6.58 11.65 1.36
C ILE A 46 7.16 11.89 -0.05
N GLN A 47 7.95 12.97 -0.16
CA GLN A 47 8.48 13.44 -1.45
C GLN A 47 9.62 12.55 -1.96
N LYS A 48 10.40 11.95 -1.03
CA LYS A 48 11.50 11.02 -1.38
C LYS A 48 10.95 9.74 -2.01
N LEU A 49 9.79 9.30 -1.51
CA LEU A 49 9.09 8.13 -2.02
C LEU A 49 8.35 8.44 -3.34
N LYS A 50 7.68 9.60 -3.40
CA LYS A 50 6.95 10.02 -4.62
C LYS A 50 7.90 10.30 -5.80
N SER A 51 9.17 10.65 -5.48
CA SER A 51 10.27 10.73 -6.47
C SER A 51 10.51 9.37 -7.18
N GLN A 52 10.24 8.26 -6.46
CA GLN A 52 10.36 6.88 -6.99
C GLN A 52 9.05 6.45 -7.69
N GLY A 53 8.08 7.39 -7.83
CA GLY A 53 6.85 7.17 -8.58
C GLY A 53 5.65 6.81 -7.71
N PHE A 54 5.82 6.80 -6.38
CA PHE A 54 4.74 6.43 -5.43
C PHE A 54 3.73 7.58 -5.24
N GLU A 55 2.58 7.25 -4.61
CA GLU A 55 1.65 8.23 -4.07
C GLU A 55 1.58 8.03 -2.56
N VAL A 56 2.12 8.98 -1.79
CA VAL A 56 2.26 8.88 -0.34
C VAL A 56 1.33 9.88 0.35
N ARG A 57 0.51 9.39 1.28
CA ARG A 57 -0.55 10.16 1.94
C ARG A 57 -0.31 10.19 3.45
N LYS A 58 -0.64 11.32 4.07
CA LYS A 58 -0.45 11.55 5.51
C LYS A 58 -1.64 10.93 6.27
N VAL A 59 -1.35 10.02 7.21
CA VAL A 59 -2.36 9.42 8.09
C VAL A 59 -1.99 9.67 9.56
N LYS A 60 -3.01 9.61 10.43
CA LYS A 60 -2.83 9.81 11.87
C LYS A 60 -2.28 8.54 12.51
N ASP A 61 -3.15 7.52 12.64
CA ASP A 61 -2.78 6.23 13.24
C ASP A 61 -3.73 5.14 12.66
N ASP A 62 -3.81 3.95 13.31
CA ASP A 62 -4.50 2.75 12.75
C ASP A 62 -6.01 2.99 12.50
N ASP A 63 -6.59 3.84 13.35
CA ASP A 63 -7.98 4.32 13.20
C ASP A 63 -8.19 4.98 11.82
N ASP A 64 -7.29 5.94 11.48
CA ASP A 64 -7.36 6.73 10.25
C ASP A 64 -6.94 5.88 9.03
N ILE A 65 -6.04 4.91 9.28
CA ILE A 65 -5.53 3.97 8.26
C ILE A 65 -6.64 3.04 7.74
N ASP A 66 -7.31 2.34 8.67
CA ASP A 66 -8.36 1.36 8.30
C ASP A 66 -9.54 2.05 7.60
N LYS A 67 -9.86 3.28 8.04
CA LYS A 67 -10.91 4.11 7.40
C LYS A 67 -10.42 4.62 6.03
N TRP A 68 -9.10 4.87 5.90
CA TRP A 68 -8.47 5.33 4.64
C TRP A 68 -8.63 4.26 3.56
N ILE A 69 -8.44 3.00 3.94
CA ILE A 69 -8.59 1.85 3.03
C ILE A 69 -10.10 1.58 2.78
N ASP A 70 -10.90 1.82 3.82
CA ASP A 70 -12.36 1.57 3.82
C ASP A 70 -13.07 2.42 2.76
N LYS A 71 -12.60 3.68 2.59
CA LYS A 71 -13.13 4.57 1.54
C LYS A 71 -12.65 4.13 0.13
N ILE A 72 -11.38 3.65 0.01
CA ILE A 72 -10.78 3.27 -1.31
C ILE A 72 -11.54 2.08 -1.94
N LYS A 73 -11.93 1.12 -1.09
CA LYS A 73 -12.74 -0.04 -1.51
C LYS A 73 -14.12 0.41 -2.04
N LYS A 74 -14.67 1.45 -1.40
CA LYS A 74 -16.00 1.99 -1.73
C LYS A 74 -15.95 2.85 -3.01
N GLU A 75 -14.93 3.71 -3.11
CA GLU A 75 -14.74 4.63 -4.25
C GLU A 75 -14.47 3.84 -5.54
N ARG A 76 -13.56 2.86 -5.41
CA ARG A 76 -13.00 2.11 -6.54
C ARG A 76 -13.21 0.59 -6.34
N PRO A 77 -14.36 0.03 -6.82
CA PRO A 77 -14.61 -1.44 -6.76
C PRO A 77 -13.82 -2.24 -7.82
N GLN A 78 -13.16 -1.53 -8.75
CA GLN A 78 -12.44 -2.15 -9.88
C GLN A 78 -11.04 -2.64 -9.49
N LEU A 79 -10.57 -2.31 -8.27
CA LEU A 79 -9.24 -2.71 -7.77
C LEU A 79 -9.34 -3.45 -6.42
N GLU A 80 -8.28 -4.20 -6.11
CA GLU A 80 -8.10 -4.88 -4.82
C GLU A 80 -7.30 -3.96 -3.90
N VAL A 81 -7.69 -3.89 -2.62
CA VAL A 81 -7.01 -3.02 -1.64
C VAL A 81 -6.47 -3.86 -0.49
N ARG A 82 -5.14 -3.82 -0.30
CA ARG A 82 -4.44 -4.57 0.77
C ARG A 82 -3.88 -3.58 1.81
N LYS A 83 -4.08 -3.88 3.11
CA LYS A 83 -3.42 -3.13 4.21
C LYS A 83 -2.13 -3.87 4.60
N VAL A 84 -0.99 -3.25 4.34
CA VAL A 84 0.32 -3.79 4.69
C VAL A 84 0.94 -2.94 5.82
N THR A 85 0.70 -3.33 7.07
CA THR A 85 1.27 -2.64 8.24
C THR A 85 2.67 -3.20 8.57
N ASP A 86 2.93 -4.43 8.13
CA ASP A 86 4.18 -5.15 8.41
C ASP A 86 4.98 -5.38 7.11
N GLU A 87 6.31 -5.38 7.25
CA GLU A 87 7.26 -5.84 6.22
C GLU A 87 6.88 -7.24 5.71
N ASP A 88 6.50 -8.13 6.66
CA ASP A 88 6.08 -9.53 6.40
C ASP A 88 4.90 -9.60 5.41
N GLN A 89 3.95 -8.66 5.56
CA GLN A 89 2.77 -8.57 4.67
C GLN A 89 3.17 -8.11 3.25
N ALA A 90 4.18 -7.22 3.18
CA ALA A 90 4.77 -6.76 1.90
C ALA A 90 5.53 -7.89 1.19
N LYS A 91 6.11 -8.81 1.99
CA LYS A 91 6.80 -10.01 1.49
C LYS A 91 5.80 -11.06 1.00
N GLN A 92 4.63 -11.11 1.68
CA GLN A 92 3.59 -12.13 1.42
C GLN A 92 2.84 -11.81 0.11
N ILE A 93 2.52 -10.53 -0.10
CA ILE A 93 1.85 -10.07 -1.33
C ILE A 93 2.75 -10.15 -2.59
N LEU A 94 4.09 -10.16 -2.40
CA LEU A 94 5.05 -10.52 -3.48
C LEU A 94 4.67 -11.89 -4.11
N GLU A 95 4.02 -12.76 -3.33
CA GLU A 95 3.41 -14.01 -3.81
C GLU A 95 1.97 -13.75 -4.35
N ASP A 96 1.13 -13.11 -3.51
CA ASP A 96 -0.33 -12.84 -3.76
C ASP A 96 -0.62 -12.31 -5.20
N LEU A 97 0.21 -11.35 -5.66
CA LEU A 97 0.15 -10.76 -7.03
C LEU A 97 0.34 -11.85 -8.12
N LYS A 98 1.27 -12.78 -7.85
CA LYS A 98 1.67 -13.85 -8.79
C LYS A 98 0.59 -14.96 -8.82
N LYS A 99 0.09 -15.28 -7.61
CA LYS A 99 -0.84 -16.40 -7.38
C LYS A 99 -2.21 -16.21 -8.03
N LYS A 100 -2.53 -14.94 -8.39
CA LYS A 100 -3.92 -14.51 -8.71
C LYS A 100 -4.75 -14.81 -7.44
N GLY A 101 -4.25 -14.27 -6.32
CA GLY A 101 -4.63 -14.70 -4.98
C GLY A 101 -6.09 -14.44 -4.62
N SER A 102 -6.72 -15.44 -4.02
CA SER A 102 -8.08 -15.36 -3.48
C SER A 102 -8.05 -15.24 -1.94
N LEU A 103 -6.96 -14.62 -1.44
CA LEU A 103 -6.78 -14.32 0.00
C LEU A 103 -7.79 -13.25 0.42
N GLU A 104 -7.97 -12.25 -0.47
CA GLU A 104 -9.05 -11.27 -0.38
C GLU A 104 -10.23 -11.78 -1.19
N HIS A 105 -11.07 -12.58 -0.54
CA HIS A 105 -12.28 -13.18 -1.11
C HIS A 105 -13.32 -13.28 0.01
N HIS A 106 -13.35 -12.24 0.88
CA HIS A 106 -14.30 -12.16 2.01
C HIS A 106 -15.70 -11.75 1.50
N HIS A 107 -16.35 -12.72 0.86
CA HIS A 107 -17.68 -12.60 0.26
C HIS A 107 -18.44 -13.92 0.49
N HIS A 108 -19.73 -13.96 0.11
CA HIS A 108 -20.56 -15.20 0.14
C HIS A 108 -20.72 -15.72 1.59
N HIS A 109 -20.77 -14.79 2.55
CA HIS A 109 -20.90 -15.10 3.99
C HIS A 109 -21.46 -13.87 4.74
N HIS A 110 -21.71 -14.05 6.04
CA HIS A 110 -22.10 -12.97 6.95
C HIS A 110 -20.86 -12.60 7.82
N MET A 1 -11.24 -6.18 -15.38
CA MET A 1 -10.18 -5.56 -14.57
C MET A 1 -9.77 -6.52 -13.44
N GLY A 2 -8.79 -7.39 -13.74
CA GLY A 2 -8.26 -8.34 -12.77
C GLY A 2 -7.01 -7.79 -12.08
N SER A 3 -7.14 -6.58 -11.53
CA SER A 3 -6.02 -5.85 -10.92
C SER A 3 -6.22 -5.67 -9.41
N LYS A 4 -5.15 -5.26 -8.74
CA LYS A 4 -5.10 -4.99 -7.30
C LYS A 4 -4.18 -3.82 -7.04
N ILE A 5 -4.49 -3.00 -6.04
CA ILE A 5 -3.58 -1.95 -5.54
C ILE A 5 -3.19 -2.27 -4.10
N ILE A 6 -2.00 -1.81 -3.71
CA ILE A 6 -1.44 -2.06 -2.38
C ILE A 6 -1.34 -0.76 -1.61
N VAL A 7 -1.59 -0.83 -0.30
CA VAL A 7 -1.39 0.27 0.63
C VAL A 7 -0.36 -0.18 1.68
N ILE A 8 0.83 0.46 1.70
CA ILE A 8 1.90 0.11 2.64
C ILE A 8 1.99 1.18 3.74
N ILE A 9 1.89 0.72 4.98
CA ILE A 9 1.98 1.54 6.18
C ILE A 9 3.44 1.43 6.64
N SER A 10 4.25 2.44 6.29
CA SER A 10 5.69 2.45 6.57
C SER A 10 6.06 3.57 7.57
N SER A 11 6.84 3.18 8.57
CA SER A 11 7.33 4.05 9.64
C SER A 11 8.83 3.84 9.83
N ASP A 12 9.61 4.94 9.72
CA ASP A 12 11.07 4.99 10.03
C ASP A 12 11.94 4.21 9.00
N ASP A 13 11.82 2.87 9.04
CA ASP A 13 12.68 1.94 8.29
C ASP A 13 12.36 1.95 6.77
N THR A 14 13.45 1.91 5.96
CA THR A 14 13.37 2.05 4.50
C THR A 14 12.83 0.79 3.79
N THR A 15 13.00 -0.40 4.39
CA THR A 15 12.69 -1.69 3.72
C THR A 15 11.24 -1.76 3.21
N LEU A 16 10.30 -1.24 4.01
CA LEU A 16 8.84 -1.31 3.69
C LEU A 16 8.51 -0.33 2.53
N GLU A 17 9.26 0.77 2.50
CA GLU A 17 9.18 1.82 1.47
C GLU A 17 9.68 1.29 0.10
N GLU A 18 10.86 0.66 0.11
CA GLU A 18 11.55 0.21 -1.13
C GLU A 18 10.93 -1.09 -1.70
N LEU A 19 10.29 -1.90 -0.83
CA LEU A 19 9.56 -3.12 -1.24
C LEU A 19 8.43 -2.76 -2.21
N ALA A 20 7.82 -1.58 -2.01
CA ALA A 20 6.75 -1.04 -2.88
C ALA A 20 7.18 -0.99 -4.36
N ARG A 21 8.49 -0.76 -4.60
CA ARG A 21 9.09 -0.71 -5.95
C ARG A 21 9.10 -2.11 -6.60
N LYS A 22 9.23 -3.16 -5.78
CA LYS A 22 9.13 -4.55 -6.23
C LYS A 22 7.67 -4.88 -6.63
N ILE A 23 6.70 -4.46 -5.78
CA ILE A 23 5.25 -4.70 -6.01
C ILE A 23 4.78 -4.02 -7.32
N LYS A 24 5.06 -2.72 -7.46
CA LYS A 24 4.54 -1.87 -8.59
C LYS A 24 4.92 -2.44 -9.97
N ASP A 25 5.97 -3.27 -10.00
CA ASP A 25 6.49 -3.91 -11.23
C ASP A 25 5.41 -4.72 -11.97
N GLU A 26 4.44 -5.25 -11.20
CA GLU A 26 3.30 -6.04 -11.72
C GLU A 26 2.33 -5.18 -12.56
N GLY A 27 2.41 -3.85 -12.38
CA GLY A 27 1.64 -2.88 -13.16
C GLY A 27 0.48 -2.28 -12.37
N LEU A 28 0.72 -1.94 -11.09
CA LEU A 28 -0.30 -1.33 -10.22
C LEU A 28 0.23 -0.05 -9.58
N GLU A 29 -0.69 0.88 -9.29
CA GLU A 29 -0.42 2.05 -8.45
C GLU A 29 -0.31 1.59 -6.98
N VAL A 30 0.84 1.88 -6.36
CA VAL A 30 1.08 1.58 -4.94
C VAL A 30 0.91 2.87 -4.13
N TYR A 31 0.09 2.78 -3.09
CA TYR A 31 -0.21 3.87 -2.17
C TYR A 31 0.58 3.62 -0.89
N ILE A 32 1.25 4.64 -0.39
CA ILE A 32 2.03 4.51 0.85
C ILE A 32 1.40 5.40 1.92
N LEU A 33 0.97 4.83 3.04
CA LEU A 33 0.52 5.59 4.21
C LEU A 33 1.70 5.71 5.16
N LEU A 34 2.32 6.88 5.13
CA LEU A 34 3.51 7.16 5.90
C LEU A 34 3.07 7.65 7.29
N LYS A 35 3.80 7.21 8.31
CA LYS A 35 3.63 7.67 9.68
C LYS A 35 5.01 7.80 10.33
N ASP A 36 5.33 9.02 10.80
CA ASP A 36 6.51 9.27 11.64
C ASP A 36 6.08 10.06 12.86
N LYS A 37 6.87 9.94 13.94
CA LYS A 37 6.61 10.56 15.26
C LYS A 37 6.40 12.08 15.11
N ASP A 38 7.17 12.70 14.20
CA ASP A 38 7.09 14.14 13.93
C ASP A 38 6.66 14.35 12.47
N GLU A 39 5.64 15.22 12.28
CA GLU A 39 5.04 15.50 10.96
C GLU A 39 6.04 16.12 9.93
N LYS A 40 7.21 16.59 10.39
CA LYS A 40 8.23 17.18 9.49
C LYS A 40 8.95 16.09 8.67
N ARG A 41 9.61 15.15 9.38
CA ARG A 41 10.36 14.03 8.74
C ARG A 41 9.40 13.05 8.05
N LEU A 42 8.16 13.05 8.55
CA LEU A 42 7.02 12.40 7.90
C LEU A 42 6.84 12.91 6.46
N GLU A 43 6.66 14.24 6.32
CA GLU A 43 6.38 14.87 5.01
C GLU A 43 7.61 14.84 4.09
N GLU A 44 8.83 14.82 4.68
CA GLU A 44 10.09 14.64 3.94
C GLU A 44 10.08 13.28 3.23
N LYS A 45 9.74 12.24 4.02
CA LYS A 45 9.69 10.84 3.59
C LYS A 45 8.68 10.68 2.44
N ILE A 46 7.53 11.35 2.60
CA ILE A 46 6.41 11.32 1.64
C ILE A 46 6.87 11.82 0.26
N GLN A 47 7.54 12.99 0.20
CA GLN A 47 7.98 13.60 -1.07
C GLN A 47 9.07 12.75 -1.76
N LYS A 48 9.98 12.17 -0.95
CA LYS A 48 11.07 11.29 -1.45
C LYS A 48 10.55 10.00 -2.08
N LEU A 49 9.44 9.47 -1.54
CA LEU A 49 8.80 8.26 -2.05
C LEU A 49 7.91 8.56 -3.27
N LYS A 50 7.29 9.76 -3.31
CA LYS A 50 6.53 10.21 -4.49
C LYS A 50 7.49 10.51 -5.66
N SER A 51 8.73 10.90 -5.31
CA SER A 51 9.85 11.03 -6.27
C SER A 51 10.20 9.66 -6.91
N GLN A 52 10.00 8.58 -6.12
CA GLN A 52 10.19 7.19 -6.59
C GLN A 52 8.88 6.62 -7.21
N GLY A 53 7.92 7.52 -7.51
CA GLY A 53 6.70 7.17 -8.25
C GLY A 53 5.71 6.33 -7.44
N PHE A 54 5.39 6.82 -6.23
CA PHE A 54 4.36 6.21 -5.34
C PHE A 54 3.37 7.27 -4.92
N GLU A 55 2.08 6.91 -4.82
CA GLU A 55 1.04 7.83 -4.33
C GLU A 55 1.04 7.80 -2.79
N VAL A 56 1.95 8.58 -2.19
CA VAL A 56 2.20 8.60 -0.74
C VAL A 56 1.35 9.70 -0.09
N ARG A 57 0.75 9.34 1.06
CA ARG A 57 -0.22 10.17 1.77
C ARG A 57 0.02 10.12 3.28
N LYS A 58 -0.38 11.21 3.92
CA LYS A 58 -0.18 11.44 5.36
C LYS A 58 -1.43 11.00 6.12
N VAL A 59 -1.25 10.16 7.16
CA VAL A 59 -2.36 9.68 8.02
C VAL A 59 -2.18 10.15 9.46
N LYS A 60 -3.33 10.33 10.14
CA LYS A 60 -3.39 10.82 11.51
C LYS A 60 -3.00 9.70 12.51
N ASP A 61 -3.58 8.51 12.30
CA ASP A 61 -3.40 7.33 13.20
C ASP A 61 -4.05 6.09 12.55
N ASP A 62 -4.06 4.97 13.29
CA ASP A 62 -4.62 3.67 12.81
C ASP A 62 -6.14 3.74 12.54
N ASP A 63 -6.86 4.52 13.37
CA ASP A 63 -8.31 4.78 13.15
C ASP A 63 -8.52 5.43 11.78
N ASP A 64 -7.66 6.40 11.48
CA ASP A 64 -7.69 7.15 10.22
C ASP A 64 -7.33 6.24 9.01
N ILE A 65 -6.42 5.27 9.25
CA ILE A 65 -5.94 4.31 8.23
C ILE A 65 -7.09 3.39 7.74
N ASP A 66 -7.83 2.77 8.68
CA ASP A 66 -8.99 1.90 8.31
C ASP A 66 -10.06 2.70 7.54
N LYS A 67 -10.26 3.96 7.95
CA LYS A 67 -11.19 4.88 7.28
C LYS A 67 -10.65 5.30 5.89
N TRP A 68 -9.31 5.36 5.77
CA TRP A 68 -8.61 5.76 4.54
C TRP A 68 -8.81 4.69 3.45
N ILE A 69 -8.57 3.41 3.80
CA ILE A 69 -8.68 2.27 2.84
C ILE A 69 -10.16 1.98 2.53
N ASP A 70 -11.04 2.24 3.53
CA ASP A 70 -12.50 2.06 3.43
C ASP A 70 -13.07 2.73 2.18
N LYS A 71 -12.66 3.99 1.95
CA LYS A 71 -13.12 4.78 0.80
C LYS A 71 -12.42 4.37 -0.51
N ILE A 72 -11.16 3.91 -0.42
CA ILE A 72 -10.35 3.52 -1.61
C ILE A 72 -11.02 2.33 -2.35
N LYS A 73 -11.49 1.36 -1.55
CA LYS A 73 -12.20 0.17 -2.06
C LYS A 73 -13.56 0.54 -2.68
N LYS A 74 -14.14 1.65 -2.18
CA LYS A 74 -15.45 2.16 -2.63
C LYS A 74 -15.33 2.90 -3.97
N GLU A 75 -14.27 3.73 -4.08
CA GLU A 75 -13.96 4.52 -5.28
C GLU A 75 -13.60 3.60 -6.45
N ARG A 76 -12.82 2.54 -6.15
CA ARG A 76 -12.34 1.56 -7.13
C ARG A 76 -12.78 0.13 -6.70
N PRO A 77 -14.05 -0.29 -7.01
CA PRO A 77 -14.60 -1.58 -6.55
C PRO A 77 -14.15 -2.79 -7.39
N GLN A 78 -13.58 -2.53 -8.59
CA GLN A 78 -13.19 -3.61 -9.54
C GLN A 78 -11.74 -4.08 -9.30
N LEU A 79 -11.02 -3.42 -8.39
CA LEU A 79 -9.69 -3.85 -7.92
C LEU A 79 -9.72 -4.00 -6.39
N GLU A 80 -8.91 -4.91 -5.85
CA GLU A 80 -8.84 -5.15 -4.39
C GLU A 80 -7.64 -4.42 -3.74
N VAL A 81 -7.76 -4.15 -2.43
CA VAL A 81 -6.77 -3.38 -1.65
C VAL A 81 -6.28 -4.23 -0.46
N ARG A 82 -4.96 -4.20 -0.22
CA ARG A 82 -4.33 -4.93 0.91
C ARG A 82 -3.45 -3.95 1.73
N LYS A 83 -3.80 -3.79 3.04
CA LYS A 83 -2.99 -3.00 4.00
C LYS A 83 -1.72 -3.78 4.41
N VAL A 84 -0.58 -3.09 4.45
CA VAL A 84 0.72 -3.68 4.82
C VAL A 84 1.33 -2.96 6.03
N THR A 85 1.12 -3.52 7.22
CA THR A 85 1.64 -2.97 8.48
C THR A 85 3.13 -3.36 8.70
N ASP A 86 3.52 -4.56 8.19
CA ASP A 86 4.85 -5.15 8.42
C ASP A 86 5.65 -5.29 7.11
N GLU A 87 6.98 -5.34 7.23
CA GLU A 87 7.91 -5.75 6.15
C GLU A 87 7.46 -7.07 5.49
N ASP A 88 7.13 -8.04 6.35
CA ASP A 88 6.75 -9.41 5.93
C ASP A 88 5.38 -9.44 5.25
N GLN A 89 4.54 -8.42 5.49
CA GLN A 89 3.30 -8.23 4.74
C GLN A 89 3.63 -7.78 3.31
N ALA A 90 4.63 -6.88 3.19
CA ALA A 90 5.15 -6.40 1.87
C ALA A 90 5.90 -7.51 1.10
N LYS A 91 6.47 -8.46 1.86
CA LYS A 91 7.10 -9.67 1.29
C LYS A 91 6.03 -10.71 0.89
N GLN A 92 4.92 -10.76 1.65
CA GLN A 92 3.83 -11.71 1.38
C GLN A 92 3.07 -11.32 0.10
N ILE A 93 2.70 -10.03 -0.02
CA ILE A 93 1.97 -9.52 -1.20
C ILE A 93 2.74 -9.72 -2.53
N LEU A 94 4.09 -9.68 -2.48
CA LEU A 94 4.95 -10.09 -3.63
C LEU A 94 4.52 -11.46 -4.17
N GLU A 95 4.26 -12.37 -3.23
CA GLU A 95 3.82 -13.74 -3.49
C GLU A 95 2.28 -13.77 -3.72
N ASP A 96 1.54 -12.88 -3.03
CA ASP A 96 0.05 -12.87 -3.01
C ASP A 96 -0.53 -12.40 -4.34
N LEU A 97 0.20 -11.54 -5.07
CA LEU A 97 -0.20 -11.10 -6.44
C LEU A 97 0.00 -12.26 -7.46
N LYS A 98 0.81 -13.26 -7.06
CA LYS A 98 1.11 -14.45 -7.86
C LYS A 98 0.06 -15.56 -7.61
N LYS A 99 -0.49 -15.60 -6.37
CA LYS A 99 -1.66 -16.45 -6.03
C LYS A 99 -2.96 -15.68 -6.31
N LYS A 100 -3.30 -14.75 -5.41
CA LYS A 100 -4.50 -13.89 -5.51
C LYS A 100 -4.29 -12.79 -6.58
N GLY A 101 -4.57 -13.14 -7.83
CA GLY A 101 -4.51 -12.22 -8.95
C GLY A 101 -5.57 -12.61 -9.96
N SER A 102 -6.84 -12.44 -9.53
CA SER A 102 -8.05 -12.84 -10.28
C SER A 102 -7.99 -14.32 -10.75
N LEU A 103 -8.14 -15.24 -9.78
CA LEU A 103 -8.24 -16.70 -10.04
C LEU A 103 -9.63 -17.07 -10.60
N GLU A 104 -10.53 -16.07 -10.60
CA GLU A 104 -11.90 -16.16 -11.06
C GLU A 104 -12.20 -14.93 -11.94
N HIS A 105 -12.68 -15.19 -13.18
CA HIS A 105 -13.07 -14.12 -14.13
C HIS A 105 -14.34 -13.42 -13.62
N HIS A 106 -15.18 -14.21 -12.92
CA HIS A 106 -16.33 -13.74 -12.16
C HIS A 106 -16.61 -14.76 -11.04
N HIS A 107 -16.45 -14.33 -9.78
CA HIS A 107 -16.53 -15.18 -8.58
C HIS A 107 -17.94 -15.75 -8.37
N HIS A 108 -18.96 -14.98 -8.78
CA HIS A 108 -20.38 -15.36 -8.60
C HIS A 108 -21.21 -14.72 -9.72
N HIS A 109 -22.05 -15.55 -10.40
CA HIS A 109 -22.98 -15.06 -11.45
C HIS A 109 -24.24 -14.45 -10.80
N HIS A 110 -24.54 -14.92 -9.58
CA HIS A 110 -25.64 -14.44 -8.74
C HIS A 110 -25.01 -13.81 -7.49
N MET A 1 -10.71 -7.15 -16.07
CA MET A 1 -9.43 -7.34 -15.34
C MET A 1 -9.71 -7.64 -13.86
N GLY A 2 -8.67 -8.12 -13.17
CA GLY A 2 -8.68 -8.31 -11.71
C GLY A 2 -7.72 -7.35 -11.06
N SER A 3 -8.07 -6.05 -11.10
CA SER A 3 -7.20 -4.96 -10.64
C SER A 3 -6.89 -5.06 -9.13
N LYS A 4 -5.65 -4.74 -8.78
CA LYS A 4 -5.15 -4.77 -7.41
C LYS A 4 -4.30 -3.51 -7.15
N ILE A 5 -4.43 -2.95 -5.96
CA ILE A 5 -3.51 -1.94 -5.44
C ILE A 5 -3.04 -2.39 -4.06
N ILE A 6 -1.90 -1.86 -3.62
CA ILE A 6 -1.38 -2.11 -2.29
C ILE A 6 -1.15 -0.77 -1.58
N VAL A 7 -1.51 -0.72 -0.30
CA VAL A 7 -1.31 0.43 0.57
C VAL A 7 -0.37 0.00 1.68
N ILE A 8 0.84 0.58 1.69
CA ILE A 8 1.90 0.20 2.64
C ILE A 8 2.05 1.30 3.69
N ILE A 9 2.05 0.89 4.94
CA ILE A 9 2.08 1.78 6.09
C ILE A 9 3.56 1.96 6.49
N SER A 10 4.23 2.92 5.85
CA SER A 10 5.67 3.13 6.01
C SER A 10 5.93 4.07 7.19
N SER A 11 6.39 3.49 8.29
CA SER A 11 6.69 4.23 9.51
C SER A 11 8.07 3.80 10.05
N ASP A 12 8.99 4.77 10.19
CA ASP A 12 10.33 4.58 10.79
C ASP A 12 11.28 3.76 9.87
N ASP A 13 10.99 2.46 9.68
CA ASP A 13 11.81 1.53 8.86
C ASP A 13 11.62 1.77 7.34
N THR A 14 12.66 1.39 6.55
CA THR A 14 12.74 1.65 5.10
C THR A 14 12.49 0.37 4.25
N THR A 15 12.57 -0.84 4.86
CA THR A 15 12.39 -2.12 4.12
C THR A 15 11.05 -2.15 3.35
N LEU A 16 10.01 -1.54 3.96
CA LEU A 16 8.66 -1.46 3.38
C LEU A 16 8.66 -0.66 2.05
N GLU A 17 9.45 0.43 2.05
CA GLU A 17 9.61 1.36 0.90
C GLU A 17 10.30 0.66 -0.28
N GLU A 18 11.34 -0.10 0.04
CA GLU A 18 12.16 -0.82 -0.96
C GLU A 18 11.35 -1.96 -1.61
N LEU A 19 10.59 -2.70 -0.79
CA LEU A 19 9.73 -3.79 -1.26
C LEU A 19 8.60 -3.24 -2.16
N ALA A 20 8.05 -2.08 -1.76
CA ALA A 20 6.94 -1.40 -2.47
C ALA A 20 7.26 -1.16 -3.97
N ARG A 21 8.56 -0.95 -4.25
CA ARG A 21 9.07 -0.70 -5.61
C ARG A 21 8.87 -1.92 -6.54
N LYS A 22 8.85 -3.13 -5.95
CA LYS A 22 8.64 -4.40 -6.67
C LYS A 22 7.13 -4.66 -6.83
N ILE A 23 6.34 -4.22 -5.83
CA ILE A 23 4.87 -4.37 -5.84
C ILE A 23 4.25 -3.54 -7.01
N LYS A 24 4.75 -2.29 -7.20
CA LYS A 24 4.23 -1.40 -8.26
C LYS A 24 4.60 -1.94 -9.66
N ASP A 25 5.70 -2.73 -9.70
CA ASP A 25 6.24 -3.32 -10.94
C ASP A 25 5.36 -4.48 -11.44
N GLU A 26 4.39 -4.91 -10.61
CA GLU A 26 3.37 -5.90 -11.02
C GLU A 26 2.32 -5.26 -11.94
N GLY A 27 2.29 -3.92 -11.97
CA GLY A 27 1.26 -3.16 -12.69
C GLY A 27 0.17 -2.70 -11.74
N LEU A 28 0.57 -2.32 -10.51
CA LEU A 28 -0.35 -1.81 -9.48
C LEU A 28 -0.02 -0.34 -9.18
N GLU A 29 -1.05 0.45 -8.84
CA GLU A 29 -0.84 1.80 -8.29
C GLU A 29 -0.71 1.68 -6.78
N VAL A 30 0.49 1.96 -6.25
CA VAL A 30 0.78 1.76 -4.82
C VAL A 30 0.66 3.09 -4.08
N TYR A 31 -0.07 3.05 -2.96
CA TYR A 31 -0.26 4.18 -2.07
C TYR A 31 0.54 3.90 -0.81
N ILE A 32 1.14 4.92 -0.20
CA ILE A 32 1.93 4.75 1.04
C ILE A 32 1.35 5.67 2.12
N LEU A 33 0.99 5.13 3.29
CA LEU A 33 0.42 5.94 4.39
C LEU A 33 1.48 6.22 5.47
N LEU A 34 1.74 7.51 5.67
CA LEU A 34 2.76 8.02 6.57
C LEU A 34 2.14 8.59 7.87
N LYS A 35 2.57 8.04 9.01
CA LYS A 35 2.50 8.71 10.32
C LYS A 35 3.70 8.27 11.16
N ASP A 36 4.53 9.26 11.55
CA ASP A 36 5.86 9.06 12.15
C ASP A 36 5.99 9.94 13.41
N LYS A 37 7.09 9.74 14.15
CA LYS A 37 7.48 10.52 15.35
C LYS A 37 7.36 12.05 15.10
N ASP A 38 7.90 12.50 13.95
CA ASP A 38 7.90 13.92 13.56
C ASP A 38 7.25 14.08 12.17
N GLU A 39 6.14 14.86 12.13
CA GLU A 39 5.34 15.06 10.90
C GLU A 39 6.05 15.95 9.84
N LYS A 40 7.12 16.67 10.23
CA LYS A 40 7.87 17.54 9.29
C LYS A 40 8.78 16.68 8.37
N ARG A 41 9.56 15.78 9.02
CA ARG A 41 10.42 14.80 8.31
C ARG A 41 9.57 13.83 7.48
N LEU A 42 8.35 13.62 7.98
CA LEU A 42 7.31 12.80 7.34
C LEU A 42 6.92 13.41 5.96
N GLU A 43 6.72 14.75 5.91
CA GLU A 43 6.33 15.45 4.67
C GLU A 43 7.43 15.31 3.60
N GLU A 44 8.70 15.32 4.06
CA GLU A 44 9.86 15.11 3.18
C GLU A 44 9.89 13.67 2.67
N LYS A 45 9.58 12.72 3.59
CA LYS A 45 9.50 11.28 3.30
C LYS A 45 8.44 10.99 2.22
N ILE A 46 7.32 11.72 2.30
CA ILE A 46 6.25 11.69 1.29
C ILE A 46 6.86 12.01 -0.09
N GLN A 47 7.61 13.13 -0.18
CA GLN A 47 8.20 13.62 -1.45
C GLN A 47 9.23 12.62 -2.02
N LYS A 48 10.01 11.96 -1.13
CA LYS A 48 11.05 10.99 -1.53
C LYS A 48 10.43 9.75 -2.20
N LEU A 49 9.34 9.26 -1.60
CA LEU A 49 8.61 8.09 -2.09
C LEU A 49 7.79 8.43 -3.36
N LYS A 50 7.23 9.66 -3.43
CA LYS A 50 6.48 10.11 -4.62
C LYS A 50 7.42 10.36 -5.80
N SER A 51 8.68 10.71 -5.47
CA SER A 51 9.78 10.79 -6.45
C SER A 51 10.11 9.40 -7.05
N GLN A 52 9.93 8.34 -6.23
CA GLN A 52 10.10 6.94 -6.69
C GLN A 52 8.85 6.46 -7.50
N GLY A 53 7.72 7.17 -7.31
CA GLY A 53 6.50 6.93 -8.10
C GLY A 53 5.36 6.32 -7.29
N PHE A 54 5.22 6.74 -6.03
CA PHE A 54 4.13 6.27 -5.14
C PHE A 54 3.17 7.42 -4.83
N GLU A 55 1.89 7.08 -4.60
CA GLU A 55 0.88 8.07 -4.16
C GLU A 55 0.83 8.05 -2.63
N VAL A 56 1.71 8.86 -2.02
CA VAL A 56 1.92 8.88 -0.57
C VAL A 56 1.04 9.96 0.08
N ARG A 57 0.36 9.58 1.16
CA ARG A 57 -0.62 10.43 1.85
C ARG A 57 -0.40 10.38 3.37
N LYS A 58 -0.67 11.50 4.03
CA LYS A 58 -0.52 11.68 5.47
C LYS A 58 -1.82 11.25 6.19
N VAL A 59 -1.67 10.42 7.22
CA VAL A 59 -2.78 9.93 8.07
C VAL A 59 -2.41 10.13 9.56
N LYS A 60 -3.40 9.95 10.45
CA LYS A 60 -3.21 10.18 11.90
C LYS A 60 -2.83 8.88 12.64
N ASP A 61 -3.73 7.89 12.62
CA ASP A 61 -3.53 6.60 13.32
C ASP A 61 -3.96 5.43 12.44
N ASP A 62 -3.93 4.20 13.00
CA ASP A 62 -4.30 2.95 12.29
C ASP A 62 -5.80 2.91 11.93
N ASP A 63 -6.66 3.43 12.83
CA ASP A 63 -8.12 3.58 12.55
C ASP A 63 -8.36 4.48 11.32
N ASP A 64 -7.53 5.51 11.17
CA ASP A 64 -7.59 6.43 10.02
C ASP A 64 -7.15 5.71 8.74
N ILE A 65 -6.13 4.86 8.88
CA ILE A 65 -5.61 3.99 7.80
C ILE A 65 -6.72 3.02 7.31
N ASP A 66 -7.36 2.35 8.27
CA ASP A 66 -8.43 1.36 8.03
C ASP A 66 -9.58 1.97 7.20
N LYS A 67 -10.06 3.14 7.66
CA LYS A 67 -11.14 3.90 6.98
C LYS A 67 -10.63 4.59 5.69
N TRP A 68 -9.30 4.79 5.59
CA TRP A 68 -8.67 5.34 4.36
C TRP A 68 -8.76 4.31 3.22
N ILE A 69 -8.62 3.03 3.56
CA ILE A 69 -8.77 1.91 2.61
C ILE A 69 -10.25 1.80 2.17
N ASP A 70 -11.15 2.05 3.12
CA ASP A 70 -12.61 2.02 2.89
C ASP A 70 -13.05 3.09 1.88
N LYS A 71 -12.54 4.33 2.02
CA LYS A 71 -12.90 5.44 1.12
C LYS A 71 -12.28 5.24 -0.29
N ILE A 72 -11.17 4.49 -0.37
CA ILE A 72 -10.56 4.07 -1.66
C ILE A 72 -11.44 3.00 -2.34
N LYS A 73 -12.06 2.12 -1.54
CA LYS A 73 -13.03 1.12 -2.02
C LYS A 73 -14.30 1.80 -2.58
N LYS A 74 -14.58 3.03 -2.11
CA LYS A 74 -15.71 3.84 -2.60
C LYS A 74 -15.32 4.58 -3.91
N GLU A 75 -14.09 5.13 -3.95
CA GLU A 75 -13.58 5.86 -5.14
C GLU A 75 -13.40 4.93 -6.35
N ARG A 76 -12.73 3.81 -6.09
CA ARG A 76 -12.36 2.83 -7.10
C ARG A 76 -12.71 1.41 -6.57
N PRO A 77 -13.97 0.93 -6.80
CA PRO A 77 -14.43 -0.41 -6.33
C PRO A 77 -13.69 -1.58 -7.02
N GLN A 78 -13.37 -1.42 -8.33
CA GLN A 78 -12.89 -2.53 -9.20
C GLN A 78 -11.47 -3.02 -8.86
N LEU A 79 -10.74 -2.28 -8.00
CA LEU A 79 -9.40 -2.70 -7.53
C LEU A 79 -9.46 -3.09 -6.05
N GLU A 80 -8.59 -4.03 -5.64
CA GLU A 80 -8.58 -4.53 -4.26
C GLU A 80 -7.43 -3.92 -3.48
N VAL A 81 -7.71 -3.54 -2.22
CA VAL A 81 -6.80 -2.73 -1.41
C VAL A 81 -6.27 -3.57 -0.22
N ARG A 82 -4.94 -3.63 -0.06
CA ARG A 82 -4.29 -4.33 1.06
C ARG A 82 -3.64 -3.34 2.02
N LYS A 83 -3.72 -3.61 3.32
CA LYS A 83 -2.97 -2.87 4.35
C LYS A 83 -1.73 -3.69 4.72
N VAL A 84 -0.57 -3.13 4.40
CA VAL A 84 0.72 -3.77 4.65
C VAL A 84 1.49 -2.92 5.68
N THR A 85 1.31 -3.25 6.96
CA THR A 85 1.81 -2.44 8.09
C THR A 85 3.28 -2.74 8.39
N ASP A 86 3.75 -3.91 7.96
CA ASP A 86 5.12 -4.38 8.16
C ASP A 86 5.68 -5.02 6.88
N GLU A 87 7.02 -5.09 6.85
CA GLU A 87 7.81 -5.63 5.73
C GLU A 87 7.45 -7.09 5.39
N ASP A 88 7.11 -7.90 6.41
CA ASP A 88 6.80 -9.34 6.24
C ASP A 88 5.55 -9.56 5.38
N GLN A 89 4.56 -8.65 5.52
CA GLN A 89 3.35 -8.64 4.68
C GLN A 89 3.70 -8.24 3.23
N ALA A 90 4.66 -7.30 3.07
CA ALA A 90 5.13 -6.84 1.74
C ALA A 90 5.91 -7.93 1.01
N LYS A 91 6.63 -8.77 1.77
CA LYS A 91 7.36 -9.95 1.25
C LYS A 91 6.36 -11.05 0.86
N GLN A 92 5.32 -11.23 1.70
CA GLN A 92 4.30 -12.26 1.50
C GLN A 92 3.50 -12.00 0.21
N ILE A 93 3.05 -10.73 0.01
CA ILE A 93 2.24 -10.36 -1.18
C ILE A 93 3.02 -10.51 -2.50
N LEU A 94 4.36 -10.36 -2.45
CA LEU A 94 5.25 -10.63 -3.62
C LEU A 94 5.00 -12.06 -4.18
N GLU A 95 4.76 -13.02 -3.27
CA GLU A 95 4.42 -14.41 -3.64
C GLU A 95 2.90 -14.55 -3.92
N ASP A 96 2.09 -14.06 -2.97
CA ASP A 96 0.60 -14.05 -3.03
C ASP A 96 0.03 -13.66 -4.42
N LEU A 97 0.60 -12.61 -5.03
CA LEU A 97 0.16 -12.10 -6.37
C LEU A 97 0.51 -13.09 -7.50
N LYS A 98 1.51 -13.95 -7.25
CA LYS A 98 1.95 -14.99 -8.19
C LYS A 98 1.08 -16.25 -8.00
N LYS A 99 0.75 -16.56 -6.74
CA LYS A 99 -0.08 -17.72 -6.37
C LYS A 99 -1.52 -17.52 -6.90
N LYS A 100 -2.24 -16.58 -6.25
CA LYS A 100 -3.64 -16.20 -6.56
C LYS A 100 -4.13 -15.24 -5.47
N GLY A 101 -4.92 -14.23 -5.84
CA GLY A 101 -5.54 -13.32 -4.88
C GLY A 101 -6.42 -12.30 -5.56
N SER A 102 -7.30 -12.79 -6.45
CA SER A 102 -8.15 -11.95 -7.31
C SER A 102 -9.62 -11.95 -6.81
N LEU A 103 -10.30 -13.11 -6.93
CA LEU A 103 -11.78 -13.20 -6.68
C LEU A 103 -12.12 -13.64 -5.24
N GLU A 104 -11.09 -13.74 -4.39
CA GLU A 104 -11.24 -14.24 -3.00
C GLU A 104 -11.54 -13.08 -2.02
N HIS A 105 -11.63 -11.84 -2.54
CA HIS A 105 -11.88 -10.61 -1.76
C HIS A 105 -13.31 -10.58 -1.19
N HIS A 106 -13.49 -11.31 -0.08
CA HIS A 106 -14.81 -11.49 0.56
C HIS A 106 -14.64 -11.40 2.08
N HIS A 107 -14.20 -10.21 2.52
CA HIS A 107 -14.10 -9.85 3.94
C HIS A 107 -15.53 -9.77 4.52
N HIS A 108 -15.78 -10.53 5.59
CA HIS A 108 -17.13 -10.68 6.17
C HIS A 108 -17.52 -9.44 7.00
N HIS A 109 -17.99 -8.39 6.30
CA HIS A 109 -18.56 -7.19 6.93
C HIS A 109 -20.08 -7.29 6.85
N HIS A 110 -20.67 -7.91 7.87
CA HIS A 110 -22.12 -8.14 7.97
C HIS A 110 -22.66 -7.50 9.26
N MET A 1 -1.13 -6.47 -13.47
CA MET A 1 -2.26 -6.69 -14.38
C MET A 1 -3.58 -6.40 -13.66
N GLY A 2 -4.52 -5.77 -14.40
CA GLY A 2 -5.82 -5.38 -13.87
C GLY A 2 -5.75 -4.21 -12.91
N SER A 3 -6.92 -3.74 -12.47
CA SER A 3 -7.02 -2.66 -11.49
C SER A 3 -6.84 -3.23 -10.07
N LYS A 4 -5.73 -2.85 -9.42
CA LYS A 4 -5.48 -3.14 -8.01
C LYS A 4 -4.46 -2.15 -7.47
N ILE A 5 -4.64 -1.73 -6.20
CA ILE A 5 -3.69 -0.87 -5.51
C ILE A 5 -3.29 -1.51 -4.17
N ILE A 6 -2.04 -1.26 -3.76
CA ILE A 6 -1.50 -1.72 -2.47
C ILE A 6 -1.13 -0.50 -1.64
N VAL A 7 -1.74 -0.37 -0.47
CA VAL A 7 -1.49 0.75 0.44
C VAL A 7 -0.62 0.25 1.61
N ILE A 8 0.61 0.76 1.70
CA ILE A 8 1.58 0.31 2.69
C ILE A 8 1.70 1.34 3.82
N ILE A 9 1.61 0.84 5.04
CA ILE A 9 1.75 1.62 6.26
C ILE A 9 3.24 1.63 6.58
N SER A 10 3.97 2.58 5.97
CA SER A 10 5.44 2.64 6.07
C SER A 10 5.84 3.21 7.43
N SER A 11 6.29 2.31 8.31
CA SER A 11 6.80 2.64 9.64
C SER A 11 8.27 3.13 9.59
N ASP A 12 9.01 2.95 10.70
CA ASP A 12 10.41 3.42 10.86
C ASP A 12 11.36 2.83 9.82
N ASP A 13 11.05 1.61 9.35
CA ASP A 13 11.95 0.82 8.49
C ASP A 13 11.82 1.21 7.01
N THR A 14 12.94 1.04 6.30
CA THR A 14 13.04 1.29 4.84
C THR A 14 12.72 0.01 4.04
N THR A 15 12.70 -1.14 4.71
CA THR A 15 12.30 -2.43 4.11
C THR A 15 10.91 -2.34 3.42
N LEU A 16 10.00 -1.55 4.00
CA LEU A 16 8.62 -1.40 3.45
C LEU A 16 8.65 -0.54 2.17
N GLU A 17 9.63 0.38 2.09
CA GLU A 17 9.84 1.30 0.96
C GLU A 17 10.38 0.53 -0.27
N GLU A 18 11.40 -0.32 -0.04
CA GLU A 18 12.08 -1.07 -1.13
C GLU A 18 11.15 -2.15 -1.73
N LEU A 19 10.38 -2.83 -0.86
CA LEU A 19 9.42 -3.86 -1.28
C LEU A 19 8.26 -3.23 -2.08
N ALA A 20 7.85 -2.01 -1.65
CA ALA A 20 6.74 -1.24 -2.27
C ALA A 20 6.90 -1.08 -3.79
N ARG A 21 8.13 -0.73 -4.20
CA ARG A 21 8.46 -0.48 -5.61
C ARG A 21 8.42 -1.78 -6.42
N LYS A 22 8.80 -2.89 -5.77
CA LYS A 22 8.87 -4.19 -6.41
C LYS A 22 7.47 -4.84 -6.51
N ILE A 23 6.54 -4.43 -5.63
CA ILE A 23 5.12 -4.84 -5.70
C ILE A 23 4.47 -4.26 -6.96
N LYS A 24 4.52 -2.91 -7.13
CA LYS A 24 3.90 -2.24 -8.30
C LYS A 24 4.57 -2.64 -9.63
N ASP A 25 5.80 -3.17 -9.53
CA ASP A 25 6.55 -3.73 -10.67
C ASP A 25 5.78 -4.88 -11.38
N GLU A 26 4.87 -5.56 -10.62
CA GLU A 26 3.99 -6.63 -11.16
C GLU A 26 2.87 -6.08 -12.09
N GLY A 27 2.75 -4.73 -12.18
CA GLY A 27 1.82 -4.07 -13.12
C GLY A 27 0.56 -3.56 -12.45
N LEU A 28 0.70 -3.12 -11.19
CA LEU A 28 -0.38 -2.46 -10.41
C LEU A 28 0.16 -1.14 -9.83
N GLU A 29 -0.69 -0.37 -9.14
CA GLU A 29 -0.27 0.86 -8.44
C GLU A 29 -0.07 0.58 -6.94
N VAL A 30 0.85 1.34 -6.29
CA VAL A 30 1.09 1.29 -4.85
C VAL A 30 0.97 2.71 -4.25
N TYR A 31 0.13 2.81 -3.21
CA TYR A 31 -0.04 4.01 -2.39
C TYR A 31 0.73 3.76 -1.08
N ILE A 32 1.20 4.82 -0.43
CA ILE A 32 1.89 4.72 0.86
C ILE A 32 1.21 5.64 1.87
N LEU A 33 0.83 5.11 3.04
CA LEU A 33 0.43 5.92 4.19
C LEU A 33 1.60 6.04 5.14
N LEU A 34 2.17 7.24 5.17
CA LEU A 34 3.36 7.55 5.94
C LEU A 34 2.96 7.97 7.36
N LYS A 35 3.57 7.31 8.35
CA LYS A 35 3.46 7.70 9.76
C LYS A 35 4.87 7.87 10.34
N ASP A 36 5.16 9.07 10.82
CA ASP A 36 6.38 9.41 11.54
C ASP A 36 5.97 10.19 12.78
N LYS A 37 6.73 10.04 13.88
CA LYS A 37 6.41 10.67 15.18
C LYS A 37 6.55 12.21 15.12
N ASP A 38 7.24 12.69 14.08
CA ASP A 38 7.36 14.12 13.72
C ASP A 38 6.77 14.30 12.31
N GLU A 39 5.58 14.94 12.22
CA GLU A 39 4.81 15.09 10.94
C GLU A 39 5.57 15.88 9.84
N LYS A 40 6.66 16.55 10.23
CA LYS A 40 7.52 17.31 9.29
C LYS A 40 8.44 16.32 8.55
N ARG A 41 9.10 15.45 9.33
CA ARG A 41 10.01 14.41 8.82
C ARG A 41 9.20 13.38 8.01
N LEU A 42 7.95 13.17 8.44
CA LEU A 42 6.92 12.39 7.73
C LEU A 42 6.77 12.94 6.30
N GLU A 43 6.55 14.27 6.22
CA GLU A 43 6.23 14.97 4.96
C GLU A 43 7.44 15.03 4.01
N GLU A 44 8.67 14.96 4.57
CA GLU A 44 9.91 14.82 3.77
C GLU A 44 9.91 13.45 3.10
N LYS A 45 9.63 12.41 3.90
CA LYS A 45 9.62 10.99 3.45
C LYS A 45 8.55 10.77 2.36
N ILE A 46 7.43 11.52 2.45
CA ILE A 46 6.38 11.56 1.42
C ILE A 46 7.00 11.94 0.07
N GLN A 47 7.72 13.08 0.06
CA GLN A 47 8.36 13.64 -1.15
C GLN A 47 9.45 12.71 -1.70
N LYS A 48 10.18 12.00 -0.80
CA LYS A 48 11.29 11.10 -1.18
C LYS A 48 10.75 9.90 -1.99
N LEU A 49 9.65 9.32 -1.49
CA LEU A 49 8.98 8.18 -2.13
C LEU A 49 8.23 8.60 -3.40
N LYS A 50 7.60 9.79 -3.40
CA LYS A 50 6.88 10.29 -4.58
C LYS A 50 7.85 10.61 -5.75
N SER A 51 9.12 10.96 -5.43
CA SER A 51 10.20 11.05 -6.43
C SER A 51 10.42 9.71 -7.18
N GLN A 52 10.23 8.58 -6.46
CA GLN A 52 10.31 7.22 -7.05
C GLN A 52 9.03 6.86 -7.83
N GLY A 53 7.97 7.67 -7.65
CA GLY A 53 6.71 7.54 -8.40
C GLY A 53 5.66 6.79 -7.61
N PHE A 54 5.35 7.29 -6.40
CA PHE A 54 4.27 6.75 -5.54
C PHE A 54 3.28 7.87 -5.21
N GLU A 55 2.07 7.48 -4.79
CA GLU A 55 1.12 8.41 -4.17
C GLU A 55 1.14 8.19 -2.65
N VAL A 56 1.93 9.04 -1.96
CA VAL A 56 2.12 8.97 -0.51
C VAL A 56 1.29 10.07 0.17
N ARG A 57 0.66 9.74 1.31
CA ARG A 57 -0.27 10.61 2.01
C ARG A 57 0.02 10.58 3.53
N LYS A 58 -0.20 11.73 4.19
CA LYS A 58 -0.04 11.89 5.64
C LYS A 58 -1.38 11.61 6.33
N VAL A 59 -1.34 10.77 7.38
CA VAL A 59 -2.51 10.41 8.19
C VAL A 59 -2.29 10.91 9.64
N LYS A 60 -3.40 11.19 10.35
CA LYS A 60 -3.34 11.66 11.75
C LYS A 60 -3.13 10.48 12.74
N ASP A 61 -3.53 9.26 12.32
CA ASP A 61 -3.45 8.05 13.17
C ASP A 61 -3.69 6.75 12.34
N ASP A 62 -3.34 5.59 12.94
CA ASP A 62 -3.55 4.25 12.36
C ASP A 62 -5.05 3.90 12.22
N ASP A 63 -5.85 4.36 13.20
CA ASP A 63 -7.33 4.29 13.13
C ASP A 63 -7.87 4.99 11.86
N ASP A 64 -7.24 6.12 11.52
CA ASP A 64 -7.57 6.92 10.33
C ASP A 64 -7.16 6.17 9.04
N ILE A 65 -6.03 5.44 9.13
CA ILE A 65 -5.51 4.57 8.04
C ILE A 65 -6.57 3.56 7.55
N ASP A 66 -7.20 2.83 8.49
CA ASP A 66 -8.21 1.83 8.15
C ASP A 66 -9.43 2.46 7.46
N LYS A 67 -9.82 3.66 7.94
CA LYS A 67 -10.93 4.44 7.34
C LYS A 67 -10.51 4.97 5.94
N TRP A 68 -9.22 5.29 5.79
CA TRP A 68 -8.62 5.84 4.54
C TRP A 68 -8.72 4.80 3.41
N ILE A 69 -8.47 3.53 3.77
CA ILE A 69 -8.60 2.39 2.85
C ILE A 69 -10.08 2.04 2.63
N ASP A 70 -10.87 2.10 3.73
CA ASP A 70 -12.28 1.66 3.77
C ASP A 70 -13.12 2.41 2.74
N LYS A 71 -12.89 3.74 2.67
CA LYS A 71 -13.61 4.62 1.72
C LYS A 71 -13.20 4.32 0.27
N ILE A 72 -11.89 4.11 -0.01
CA ILE A 72 -11.37 3.88 -1.38
C ILE A 72 -11.91 2.56 -1.97
N LYS A 73 -12.12 1.55 -1.10
CA LYS A 73 -12.74 0.28 -1.50
C LYS A 73 -14.18 0.50 -2.04
N LYS A 74 -14.86 1.51 -1.46
CA LYS A 74 -16.22 1.90 -1.84
C LYS A 74 -16.20 2.79 -3.10
N GLU A 75 -15.28 3.77 -3.09
CA GLU A 75 -15.12 4.77 -4.18
C GLU A 75 -14.88 4.05 -5.50
N ARG A 76 -13.83 3.21 -5.50
CA ARG A 76 -13.32 2.54 -6.68
C ARG A 76 -13.39 1.00 -6.43
N PRO A 77 -14.60 0.37 -6.63
CA PRO A 77 -14.79 -1.08 -6.37
C PRO A 77 -14.14 -1.96 -7.45
N GLN A 78 -13.62 -1.30 -8.51
CA GLN A 78 -12.94 -1.94 -9.64
C GLN A 78 -11.56 -2.52 -9.23
N LEU A 79 -11.01 -2.01 -8.10
CA LEU A 79 -9.66 -2.37 -7.63
C LEU A 79 -9.70 -2.86 -6.17
N GLU A 80 -8.75 -3.74 -5.82
CA GLU A 80 -8.53 -4.19 -4.44
C GLU A 80 -7.64 -3.17 -3.72
N VAL A 81 -7.83 -3.04 -2.40
CA VAL A 81 -7.06 -2.09 -1.57
C VAL A 81 -6.54 -2.84 -0.34
N ARG A 82 -5.23 -3.13 -0.31
CA ARG A 82 -4.61 -3.98 0.72
C ARG A 82 -3.85 -3.11 1.71
N LYS A 83 -4.02 -3.39 3.03
CA LYS A 83 -3.25 -2.73 4.08
C LYS A 83 -2.03 -3.59 4.44
N VAL A 84 -0.85 -3.07 4.09
CA VAL A 84 0.44 -3.71 4.41
C VAL A 84 1.01 -3.02 5.66
N THR A 85 0.67 -3.59 6.81
CA THR A 85 1.00 -3.02 8.13
C THR A 85 2.41 -3.43 8.58
N ASP A 86 2.95 -4.46 7.93
CA ASP A 86 4.30 -4.99 8.18
C ASP A 86 5.01 -5.22 6.85
N GLU A 87 6.35 -5.14 6.86
CA GLU A 87 7.20 -5.57 5.72
C GLU A 87 6.91 -7.04 5.34
N ASP A 88 6.51 -7.85 6.35
CA ASP A 88 6.09 -9.25 6.20
C ASP A 88 4.88 -9.39 5.26
N GLN A 89 3.91 -8.47 5.43
CA GLN A 89 2.72 -8.37 4.56
C GLN A 89 3.15 -8.08 3.10
N ALA A 90 4.14 -7.19 2.94
CA ALA A 90 4.71 -6.82 1.62
C ALA A 90 5.44 -8.02 0.96
N LYS A 91 6.18 -8.80 1.77
CA LYS A 91 6.92 -9.99 1.30
C LYS A 91 5.96 -11.11 0.89
N GLN A 92 4.82 -11.20 1.62
CA GLN A 92 3.79 -12.20 1.36
C GLN A 92 3.07 -11.90 0.05
N ILE A 93 2.60 -10.65 -0.13
CA ILE A 93 1.93 -10.26 -1.37
C ILE A 93 2.87 -10.32 -2.60
N LEU A 94 4.20 -10.12 -2.39
CA LEU A 94 5.21 -10.34 -3.46
C LEU A 94 5.09 -11.76 -4.05
N GLU A 95 5.16 -12.80 -3.17
CA GLU A 95 5.08 -14.22 -3.61
C GLU A 95 3.63 -14.59 -4.00
N ASP A 96 2.66 -13.89 -3.38
CA ASP A 96 1.21 -14.15 -3.56
C ASP A 96 0.78 -13.88 -5.01
N LEU A 97 1.25 -12.74 -5.55
CA LEU A 97 0.96 -12.35 -6.95
C LEU A 97 1.66 -13.31 -7.94
N LYS A 98 2.73 -14.02 -7.48
CA LYS A 98 3.45 -15.01 -8.32
C LYS A 98 2.71 -16.34 -8.35
N LYS A 99 2.10 -16.68 -7.19
CA LYS A 99 1.20 -17.85 -7.03
C LYS A 99 0.02 -17.70 -8.01
N LYS A 100 -0.53 -16.47 -8.03
CA LYS A 100 -1.50 -15.97 -9.02
C LYS A 100 -2.06 -14.64 -8.50
N GLY A 101 -2.25 -14.58 -7.18
CA GLY A 101 -3.04 -13.54 -6.56
C GLY A 101 -4.50 -13.92 -6.59
N SER A 102 -5.31 -13.19 -7.37
CA SER A 102 -6.74 -13.47 -7.56
C SER A 102 -7.34 -12.52 -8.60
N LEU A 103 -7.41 -11.22 -8.23
CA LEU A 103 -8.12 -10.13 -8.94
C LEU A 103 -9.63 -10.31 -8.76
N GLU A 104 -10.14 -11.42 -9.35
CA GLU A 104 -11.57 -11.84 -9.32
C GLU A 104 -12.57 -10.70 -9.62
N HIS A 105 -12.14 -9.76 -10.48
CA HIS A 105 -12.91 -8.55 -10.80
C HIS A 105 -13.91 -8.83 -11.94
N HIS A 106 -15.02 -9.49 -11.58
CA HIS A 106 -16.21 -9.60 -12.44
C HIS A 106 -17.04 -8.32 -12.28
N HIS A 107 -17.81 -7.98 -13.35
CA HIS A 107 -18.52 -6.68 -13.53
C HIS A 107 -17.52 -5.56 -14.00
N HIS A 108 -16.21 -5.86 -13.93
CA HIS A 108 -15.13 -4.93 -14.27
C HIS A 108 -14.70 -5.15 -15.73
N HIS A 109 -15.18 -4.28 -16.62
CA HIS A 109 -14.80 -4.27 -18.05
C HIS A 109 -13.80 -3.14 -18.31
N HIS A 110 -13.95 -2.03 -17.57
CA HIS A 110 -13.10 -0.84 -17.67
C HIS A 110 -11.98 -0.91 -16.59
N MET A 1 -8.04 -4.64 -17.84
CA MET A 1 -7.74 -3.64 -16.80
C MET A 1 -7.11 -4.35 -15.59
N GLY A 2 -5.80 -4.12 -15.35
CA GLY A 2 -5.10 -4.68 -14.19
C GLY A 2 -5.19 -3.77 -12.98
N SER A 3 -6.43 -3.32 -12.70
CA SER A 3 -6.72 -2.34 -11.63
C SER A 3 -6.70 -3.04 -10.27
N LYS A 4 -5.64 -2.79 -9.48
CA LYS A 4 -5.50 -3.27 -8.12
C LYS A 4 -4.38 -2.50 -7.44
N ILE A 5 -4.61 -2.06 -6.21
CA ILE A 5 -3.65 -1.24 -5.47
C ILE A 5 -3.21 -1.94 -4.18
N ILE A 6 -1.97 -1.68 -3.78
CA ILE A 6 -1.41 -2.18 -2.53
C ILE A 6 -1.02 -0.98 -1.67
N VAL A 7 -1.74 -0.80 -0.56
CA VAL A 7 -1.49 0.25 0.41
C VAL A 7 -0.48 -0.25 1.45
N ILE A 8 0.68 0.43 1.53
CA ILE A 8 1.77 0.04 2.44
C ILE A 8 1.91 1.09 3.53
N ILE A 9 1.88 0.63 4.76
CA ILE A 9 1.95 1.45 5.95
C ILE A 9 3.42 1.44 6.40
N SER A 10 4.17 2.44 5.93
CA SER A 10 5.61 2.55 6.15
C SER A 10 5.86 3.56 7.27
N SER A 11 6.53 3.09 8.33
CA SER A 11 6.95 3.91 9.48
C SER A 11 8.37 3.50 9.90
N ASP A 12 9.33 4.44 9.72
CA ASP A 12 10.74 4.34 10.17
C ASP A 12 11.58 3.39 9.28
N ASP A 13 11.19 2.12 9.23
CA ASP A 13 11.90 1.07 8.48
C ASP A 13 11.79 1.29 6.95
N THR A 14 12.92 1.11 6.24
CA THR A 14 13.05 1.45 4.80
C THR A 14 12.68 0.26 3.88
N THR A 15 12.73 -0.98 4.40
CA THR A 15 12.49 -2.20 3.61
C THR A 15 11.12 -2.18 2.91
N LEU A 16 10.10 -1.61 3.59
CA LEU A 16 8.71 -1.54 3.06
C LEU A 16 8.64 -0.61 1.83
N GLU A 17 9.52 0.41 1.83
CA GLU A 17 9.67 1.39 0.73
C GLU A 17 10.35 0.74 -0.48
N GLU A 18 11.32 -0.16 -0.20
CA GLU A 18 12.07 -0.90 -1.23
C GLU A 18 11.19 -2.00 -1.86
N LEU A 19 10.34 -2.62 -1.01
CA LEU A 19 9.40 -3.67 -1.42
C LEU A 19 8.23 -3.06 -2.20
N ALA A 20 7.92 -1.78 -1.90
CA ALA A 20 6.91 -0.98 -2.60
C ALA A 20 7.17 -0.94 -4.12
N ARG A 21 8.46 -0.74 -4.46
CA ARG A 21 8.94 -0.77 -5.85
C ARG A 21 8.71 -2.14 -6.48
N LYS A 22 9.02 -3.21 -5.73
CA LYS A 22 8.87 -4.60 -6.20
C LYS A 22 7.40 -4.94 -6.51
N ILE A 23 6.49 -4.36 -5.71
CA ILE A 23 5.04 -4.54 -5.86
C ILE A 23 4.48 -3.74 -7.07
N LYS A 24 5.07 -2.56 -7.41
CA LYS A 24 4.65 -1.83 -8.65
C LYS A 24 5.22 -2.52 -9.90
N ASP A 25 6.31 -3.30 -9.71
CA ASP A 25 6.90 -4.14 -10.78
C ASP A 25 6.00 -5.34 -11.12
N GLU A 26 4.95 -5.58 -10.30
CA GLU A 26 3.88 -6.54 -10.60
C GLU A 26 2.87 -5.95 -11.63
N GLY A 27 3.10 -4.69 -12.05
CA GLY A 27 2.27 -4.03 -13.05
C GLY A 27 1.02 -3.39 -12.47
N LEU A 28 1.10 -2.96 -11.20
CA LEU A 28 -0.01 -2.29 -10.51
C LEU A 28 0.43 -0.97 -9.87
N GLU A 29 -0.56 -0.16 -9.46
CA GLU A 29 -0.34 1.11 -8.76
C GLU A 29 -0.22 0.87 -7.25
N VAL A 30 0.82 1.43 -6.62
CA VAL A 30 1.09 1.27 -5.17
C VAL A 30 0.83 2.59 -4.43
N TYR A 31 0.07 2.49 -3.32
CA TYR A 31 -0.22 3.60 -2.41
C TYR A 31 0.62 3.39 -1.15
N ILE A 32 1.17 4.48 -0.60
CA ILE A 32 1.98 4.43 0.62
C ILE A 32 1.35 5.38 1.65
N LEU A 33 0.98 4.85 2.81
CA LEU A 33 0.51 5.64 3.96
C LEU A 33 1.64 5.74 4.98
N LEU A 34 2.23 6.93 5.04
CA LEU A 34 3.42 7.20 5.84
C LEU A 34 2.97 7.82 7.18
N LYS A 35 3.53 7.30 8.30
CA LYS A 35 3.33 7.90 9.64
C LYS A 35 4.65 7.87 10.41
N ASP A 36 5.02 9.04 10.98
CA ASP A 36 6.32 9.28 11.63
C ASP A 36 6.11 9.98 12.99
N LYS A 37 7.19 10.05 13.79
CA LYS A 37 7.21 10.72 15.10
C LYS A 37 6.76 12.20 15.01
N ASP A 38 7.15 12.88 13.91
CA ASP A 38 6.76 14.30 13.65
C ASP A 38 6.26 14.47 12.20
N GLU A 39 5.07 15.10 12.04
CA GLU A 39 4.37 15.23 10.74
C GLU A 39 5.11 16.05 9.64
N LYS A 40 5.97 17.03 10.00
CA LYS A 40 6.69 17.84 8.97
C LYS A 40 7.93 17.06 8.47
N ARG A 41 8.56 16.30 9.40
CA ARG A 41 9.65 15.35 9.08
C ARG A 41 9.11 14.19 8.22
N LEU A 42 7.90 13.78 8.55
CA LEU A 42 7.09 12.80 7.83
C LEU A 42 6.90 13.19 6.36
N GLU A 43 6.57 14.49 6.12
CA GLU A 43 6.25 14.99 4.78
C GLU A 43 7.50 15.05 3.87
N GLU A 44 8.70 15.01 4.48
CA GLU A 44 9.98 14.93 3.75
C GLU A 44 10.09 13.55 3.09
N LYS A 45 9.88 12.50 3.91
CA LYS A 45 9.88 11.09 3.49
C LYS A 45 8.81 10.83 2.40
N ILE A 46 7.62 11.43 2.62
CA ILE A 46 6.47 11.37 1.70
C ILE A 46 6.86 11.85 0.29
N GLN A 47 7.49 13.05 0.22
CA GLN A 47 7.87 13.66 -1.07
C GLN A 47 9.02 12.90 -1.77
N LYS A 48 9.89 12.23 -0.96
CA LYS A 48 10.99 11.41 -1.49
C LYS A 48 10.45 10.14 -2.21
N LEU A 49 9.37 9.57 -1.66
CA LEU A 49 8.70 8.40 -2.23
C LEU A 49 7.75 8.79 -3.39
N LYS A 50 7.14 10.01 -3.33
CA LYS A 50 6.30 10.55 -4.43
C LYS A 50 7.15 10.83 -5.68
N SER A 51 8.40 11.25 -5.47
CA SER A 51 9.39 11.45 -6.54
C SER A 51 9.69 10.13 -7.29
N GLN A 52 9.57 8.99 -6.56
CA GLN A 52 9.74 7.63 -7.12
C GLN A 52 8.41 7.10 -7.74
N GLY A 53 7.36 7.93 -7.74
CA GLY A 53 6.09 7.60 -8.41
C GLY A 53 5.17 6.73 -7.56
N PHE A 54 5.10 7.03 -6.26
CA PHE A 54 4.18 6.36 -5.31
C PHE A 54 3.14 7.38 -4.80
N GLU A 55 1.88 6.94 -4.63
CA GLU A 55 0.80 7.75 -4.06
C GLU A 55 0.95 7.79 -2.51
N VAL A 56 1.84 8.68 -2.03
CA VAL A 56 2.24 8.73 -0.60
C VAL A 56 1.48 9.84 0.12
N ARG A 57 0.99 9.51 1.32
CA ARG A 57 0.02 10.34 2.05
C ARG A 57 0.39 10.52 3.52
N LYS A 58 -0.20 11.56 4.11
CA LYS A 58 -0.08 11.91 5.53
C LYS A 58 -1.23 11.23 6.28
N VAL A 59 -0.90 10.32 7.21
CA VAL A 59 -1.90 9.62 8.06
C VAL A 59 -1.47 9.72 9.54
N LYS A 60 -2.42 9.46 10.46
CA LYS A 60 -2.18 9.50 11.91
C LYS A 60 -1.66 8.13 12.38
N ASP A 61 -2.55 7.14 12.27
CA ASP A 61 -2.32 5.77 12.76
C ASP A 61 -3.21 4.82 11.95
N ASP A 62 -3.31 3.55 12.38
CA ASP A 62 -4.02 2.49 11.63
C ASP A 62 -5.56 2.70 11.64
N ASP A 63 -6.06 3.53 12.58
CA ASP A 63 -7.48 3.93 12.64
C ASP A 63 -7.79 4.93 11.51
N ASP A 64 -6.92 5.95 11.35
CA ASP A 64 -7.03 6.94 10.25
C ASP A 64 -6.82 6.24 8.87
N ILE A 65 -5.94 5.24 8.90
CA ILE A 65 -5.64 4.35 7.76
C ILE A 65 -6.87 3.47 7.42
N ASP A 66 -7.60 3.03 8.45
CA ASP A 66 -8.88 2.30 8.30
C ASP A 66 -9.93 3.14 7.54
N LYS A 67 -10.07 4.42 7.94
CA LYS A 67 -10.99 5.37 7.28
C LYS A 67 -10.48 5.69 5.85
N TRP A 68 -9.14 5.68 5.71
CA TRP A 68 -8.46 6.01 4.45
C TRP A 68 -8.74 4.94 3.37
N ILE A 69 -8.70 3.65 3.76
CA ILE A 69 -8.97 2.52 2.84
C ILE A 69 -10.49 2.40 2.58
N ASP A 70 -11.28 2.74 3.62
CA ASP A 70 -12.76 2.72 3.57
C ASP A 70 -13.28 3.58 2.40
N LYS A 71 -12.84 4.86 2.36
CA LYS A 71 -13.27 5.82 1.32
C LYS A 71 -12.85 5.36 -0.08
N ILE A 72 -11.64 4.76 -0.19
CA ILE A 72 -11.08 4.25 -1.46
C ILE A 72 -11.99 3.14 -2.03
N LYS A 73 -12.42 2.21 -1.17
CA LYS A 73 -13.27 1.09 -1.57
C LYS A 73 -14.66 1.55 -2.06
N LYS A 74 -15.17 2.62 -1.45
CA LYS A 74 -16.50 3.20 -1.77
C LYS A 74 -16.47 3.99 -3.09
N GLU A 75 -15.41 4.78 -3.28
CA GLU A 75 -15.25 5.71 -4.43
C GLU A 75 -14.77 4.96 -5.68
N ARG A 76 -13.75 4.11 -5.51
CA ARG A 76 -13.17 3.32 -6.58
C ARG A 76 -13.20 1.81 -6.19
N PRO A 77 -14.29 1.08 -6.60
CA PRO A 77 -14.35 -0.38 -6.52
C PRO A 77 -13.58 -1.03 -7.70
N GLN A 78 -13.75 -2.36 -7.89
CA GLN A 78 -13.12 -3.17 -8.97
C GLN A 78 -11.61 -3.41 -8.75
N LEU A 79 -10.95 -2.53 -7.97
CA LEU A 79 -9.54 -2.66 -7.59
C LEU A 79 -9.49 -3.09 -6.12
N GLU A 80 -8.70 -4.13 -5.81
CA GLU A 80 -8.59 -4.63 -4.43
C GLU A 80 -7.52 -3.84 -3.67
N VAL A 81 -7.79 -3.63 -2.38
CA VAL A 81 -6.93 -2.83 -1.49
C VAL A 81 -6.39 -3.74 -0.38
N ARG A 82 -5.06 -3.77 -0.25
CA ARG A 82 -4.35 -4.56 0.76
C ARG A 82 -3.53 -3.61 1.65
N LYS A 83 -3.94 -3.51 2.93
CA LYS A 83 -3.16 -2.79 3.96
C LYS A 83 -1.96 -3.65 4.39
N VAL A 84 -0.77 -3.08 4.29
CA VAL A 84 0.47 -3.73 4.70
C VAL A 84 1.04 -2.97 5.90
N THR A 85 0.63 -3.35 7.11
CA THR A 85 1.04 -2.66 8.33
C THR A 85 2.45 -3.09 8.75
N ASP A 86 2.76 -4.37 8.55
CA ASP A 86 4.06 -4.94 8.93
C ASP A 86 4.81 -5.44 7.69
N GLU A 87 6.17 -5.45 7.80
CA GLU A 87 7.09 -5.90 6.73
C GLU A 87 6.79 -7.34 6.27
N ASP A 88 6.42 -8.21 7.23
CA ASP A 88 6.06 -9.63 6.98
C ASP A 88 4.98 -9.79 5.89
N GLN A 89 4.02 -8.84 5.90
CA GLN A 89 2.92 -8.79 4.92
C GLN A 89 3.44 -8.36 3.55
N ALA A 90 4.37 -7.38 3.54
CA ALA A 90 4.98 -6.83 2.31
C ALA A 90 5.78 -7.91 1.56
N LYS A 91 6.44 -8.79 2.33
CA LYS A 91 7.25 -9.88 1.79
C LYS A 91 6.36 -11.05 1.31
N GLN A 92 5.24 -11.29 2.02
CA GLN A 92 4.32 -12.40 1.70
C GLN A 92 3.54 -12.11 0.40
N ILE A 93 3.04 -10.88 0.26
CA ILE A 93 2.28 -10.47 -0.92
C ILE A 93 3.13 -10.48 -2.22
N LEU A 94 4.46 -10.32 -2.09
CA LEU A 94 5.40 -10.52 -3.23
C LEU A 94 5.24 -11.93 -3.85
N GLU A 95 5.05 -12.92 -2.97
CA GLU A 95 4.79 -14.33 -3.34
C GLU A 95 3.33 -14.51 -3.82
N ASP A 96 2.42 -13.79 -3.16
CA ASP A 96 0.95 -13.91 -3.33
C ASP A 96 0.49 -13.44 -4.73
N LEU A 97 1.14 -12.36 -5.21
CA LEU A 97 0.84 -11.75 -6.53
C LEU A 97 1.45 -12.61 -7.67
N LYS A 98 2.44 -13.47 -7.31
CA LYS A 98 2.97 -14.51 -8.22
C LYS A 98 1.99 -15.70 -8.27
N LYS A 99 1.48 -16.06 -7.07
CA LYS A 99 0.56 -17.18 -6.87
C LYS A 99 -0.81 -16.94 -7.52
N LYS A 100 -1.25 -15.66 -7.51
CA LYS A 100 -2.65 -15.25 -7.84
C LYS A 100 -3.65 -15.81 -6.76
N GLY A 101 -3.10 -16.16 -5.58
CA GLY A 101 -3.87 -16.78 -4.50
C GLY A 101 -4.45 -15.77 -3.52
N SER A 102 -4.71 -14.54 -4.02
CA SER A 102 -5.22 -13.39 -3.23
C SER A 102 -6.65 -13.63 -2.69
N LEU A 103 -7.33 -14.65 -3.27
CA LEU A 103 -8.71 -15.03 -2.91
C LEU A 103 -8.77 -15.60 -1.50
N GLU A 104 -8.02 -16.69 -1.27
CA GLU A 104 -7.95 -17.35 0.05
C GLU A 104 -7.13 -16.52 1.05
N HIS A 105 -6.23 -15.66 0.51
CA HIS A 105 -5.29 -14.86 1.32
C HIS A 105 -6.01 -13.73 2.06
N HIS A 106 -7.20 -13.31 1.56
CA HIS A 106 -7.97 -12.22 2.19
C HIS A 106 -8.54 -12.66 3.56
N HIS A 107 -8.83 -11.69 4.41
CA HIS A 107 -9.51 -11.92 5.71
C HIS A 107 -10.86 -11.20 5.68
N HIS A 108 -11.87 -11.78 6.36
CA HIS A 108 -13.20 -11.17 6.53
C HIS A 108 -13.09 -9.92 7.43
N HIS A 109 -12.83 -8.78 6.80
CA HIS A 109 -12.62 -7.48 7.47
C HIS A 109 -13.92 -6.66 7.54
N HIS A 110 -13.83 -5.48 8.16
CA HIS A 110 -14.90 -4.47 8.18
C HIS A 110 -14.30 -3.13 7.70
N MET A 1 -10.69 -6.41 -10.56
CA MET A 1 -9.97 -7.62 -11.01
C MET A 1 -8.84 -7.20 -11.96
N GLY A 2 -7.63 -7.76 -11.75
CA GLY A 2 -6.43 -7.44 -12.56
C GLY A 2 -5.75 -6.18 -12.07
N SER A 3 -6.45 -5.04 -12.17
CA SER A 3 -6.01 -3.76 -11.61
C SER A 3 -6.10 -3.83 -10.07
N LYS A 4 -5.04 -4.36 -9.45
CA LYS A 4 -4.93 -4.50 -8.01
C LYS A 4 -4.10 -3.34 -7.49
N ILE A 5 -4.57 -2.67 -6.43
CA ILE A 5 -3.81 -1.61 -5.76
C ILE A 5 -3.38 -2.11 -4.38
N ILE A 6 -2.14 -1.78 -4.03
CA ILE A 6 -1.54 -2.12 -2.74
C ILE A 6 -1.31 -0.83 -1.96
N VAL A 7 -1.75 -0.80 -0.70
CA VAL A 7 -1.55 0.34 0.18
C VAL A 7 -0.58 -0.08 1.30
N ILE A 8 0.63 0.48 1.24
CA ILE A 8 1.73 0.14 2.14
C ILE A 8 1.90 1.23 3.18
N ILE A 9 1.86 0.82 4.43
CA ILE A 9 1.99 1.68 5.59
C ILE A 9 3.47 1.67 5.98
N SER A 10 4.20 2.71 5.60
CA SER A 10 5.62 2.85 5.93
C SER A 10 5.74 3.75 7.17
N SER A 11 6.01 3.11 8.32
CA SER A 11 6.22 3.81 9.59
C SER A 11 7.73 4.12 9.73
N ASP A 12 8.18 5.13 8.93
CA ASP A 12 9.58 5.63 8.85
C ASP A 12 10.65 4.51 8.71
N ASP A 13 10.22 3.34 8.22
CA ASP A 13 11.08 2.15 8.02
C ASP A 13 11.84 2.23 6.68
N THR A 14 12.63 1.19 6.40
CA THR A 14 13.38 1.04 5.14
C THR A 14 12.78 -0.08 4.27
N THR A 15 12.54 -1.25 4.91
CA THR A 15 12.15 -2.50 4.24
C THR A 15 10.87 -2.37 3.36
N LEU A 16 9.84 -1.68 3.86
CA LEU A 16 8.55 -1.56 3.14
C LEU A 16 8.67 -0.58 1.96
N GLU A 17 9.68 0.31 2.02
CA GLU A 17 9.99 1.23 0.91
C GLU A 17 10.59 0.46 -0.28
N GLU A 18 11.66 -0.32 0.01
CA GLU A 18 12.42 -1.06 -1.04
C GLU A 18 11.54 -2.15 -1.68
N LEU A 19 10.69 -2.79 -0.86
CA LEU A 19 9.73 -3.82 -1.32
C LEU A 19 8.67 -3.19 -2.25
N ALA A 20 8.25 -1.93 -1.93
CA ALA A 20 7.21 -1.19 -2.68
C ALA A 20 7.53 -1.06 -4.17
N ARG A 21 8.84 -0.92 -4.49
CA ARG A 21 9.33 -0.82 -5.88
C ARG A 21 9.11 -2.14 -6.65
N LYS A 22 9.37 -3.28 -5.96
CA LYS A 22 9.19 -4.62 -6.54
C LYS A 22 7.70 -4.97 -6.71
N ILE A 23 6.88 -4.49 -5.76
CA ILE A 23 5.42 -4.70 -5.76
C ILE A 23 4.76 -3.99 -6.95
N LYS A 24 5.12 -2.70 -7.18
CA LYS A 24 4.60 -1.91 -8.30
C LYS A 24 5.17 -2.38 -9.66
N ASP A 25 6.33 -3.08 -9.60
CA ASP A 25 7.03 -3.60 -10.79
C ASP A 25 6.22 -4.72 -11.49
N GLU A 26 5.19 -5.25 -10.78
CA GLU A 26 4.25 -6.25 -11.32
C GLU A 26 3.08 -5.54 -12.07
N GLY A 27 3.18 -4.21 -12.22
CA GLY A 27 2.16 -3.40 -12.88
C GLY A 27 1.13 -2.84 -11.91
N LEU A 28 1.35 -3.06 -10.59
CA LEU A 28 0.40 -2.66 -9.54
C LEU A 28 0.52 -1.15 -9.24
N GLU A 29 -0.61 -0.53 -8.97
CA GLU A 29 -0.69 0.87 -8.52
C GLU A 29 -0.59 0.90 -6.99
N VAL A 30 0.46 1.54 -6.44
CA VAL A 30 0.81 1.45 -5.02
C VAL A 30 0.70 2.83 -4.35
N TYR A 31 -0.09 2.87 -3.27
CA TYR A 31 -0.29 4.04 -2.41
C TYR A 31 0.50 3.80 -1.11
N ILE A 32 1.27 4.78 -0.64
CA ILE A 32 2.04 4.65 0.61
C ILE A 32 1.40 5.57 1.68
N LEU A 33 1.04 5.00 2.83
CA LEU A 33 0.57 5.78 3.98
C LEU A 33 1.74 6.00 4.93
N LEU A 34 2.18 7.25 4.99
CA LEU A 34 3.29 7.67 5.84
C LEU A 34 2.73 8.33 7.11
N LYS A 35 3.20 7.85 8.27
CA LYS A 35 3.00 8.52 9.56
C LYS A 35 4.31 8.46 10.35
N ASP A 36 4.65 9.59 10.97
CA ASP A 36 5.90 9.80 11.73
C ASP A 36 5.54 10.42 13.09
N LYS A 37 6.51 10.52 14.00
CA LYS A 37 6.29 11.08 15.35
C LYS A 37 6.23 12.62 15.30
N ASP A 38 6.74 13.22 14.20
CA ASP A 38 6.64 14.67 13.94
C ASP A 38 6.43 14.95 12.43
N GLU A 39 5.56 15.94 12.18
CA GLU A 39 5.06 16.33 10.85
C GLU A 39 6.16 16.80 9.87
N LYS A 40 7.25 17.39 10.39
CA LYS A 40 8.31 17.97 9.53
C LYS A 40 9.24 16.89 8.94
N ARG A 41 9.57 15.85 9.73
CA ARG A 41 10.37 14.69 9.25
C ARG A 41 9.49 13.83 8.33
N LEU A 42 8.20 13.77 8.69
CA LEU A 42 7.15 13.10 7.90
C LEU A 42 7.07 13.65 6.48
N GLU A 43 6.90 14.99 6.38
CA GLU A 43 6.69 15.70 5.11
C GLU A 43 7.88 15.49 4.15
N GLU A 44 9.10 15.34 4.73
CA GLU A 44 10.31 14.99 3.96
C GLU A 44 10.11 13.64 3.27
N LYS A 45 9.93 12.58 4.08
CA LYS A 45 9.83 11.16 3.63
C LYS A 45 8.73 10.97 2.57
N ILE A 46 7.60 11.67 2.76
CA ILE A 46 6.46 11.68 1.82
C ILE A 46 6.94 12.14 0.42
N GLN A 47 7.52 13.34 0.39
CA GLN A 47 7.94 14.00 -0.86
C GLN A 47 9.09 13.27 -1.56
N LYS A 48 9.94 12.56 -0.78
CA LYS A 48 11.06 11.75 -1.33
C LYS A 48 10.49 10.59 -2.15
N LEU A 49 9.59 9.83 -1.50
CA LEU A 49 8.95 8.66 -2.11
C LEU A 49 8.02 9.05 -3.28
N LYS A 50 7.42 10.26 -3.25
CA LYS A 50 6.56 10.75 -4.35
C LYS A 50 7.40 11.13 -5.58
N SER A 51 8.60 11.68 -5.34
CA SER A 51 9.60 11.95 -6.40
C SER A 51 10.06 10.62 -7.06
N GLN A 52 10.12 9.55 -6.24
CA GLN A 52 10.43 8.17 -6.71
C GLN A 52 9.25 7.59 -7.54
N GLY A 53 8.04 8.15 -7.37
CA GLY A 53 6.88 7.78 -8.20
C GLY A 53 5.78 7.04 -7.44
N PHE A 54 5.78 7.16 -6.11
CA PHE A 54 4.77 6.52 -5.23
C PHE A 54 3.75 7.59 -4.77
N GLU A 55 2.44 7.25 -4.76
CA GLU A 55 1.40 8.17 -4.26
C GLU A 55 1.34 8.08 -2.72
N VAL A 56 2.15 8.92 -2.06
CA VAL A 56 2.31 8.91 -0.60
C VAL A 56 1.45 10.02 0.02
N ARG A 57 0.69 9.67 1.07
CA ARG A 57 -0.23 10.59 1.74
C ARG A 57 -0.17 10.42 3.27
N LYS A 58 -0.49 11.51 3.97
CA LYS A 58 -0.38 11.65 5.42
C LYS A 58 -1.70 11.19 6.08
N VAL A 59 -1.59 10.29 7.06
CA VAL A 59 -2.75 9.77 7.81
C VAL A 59 -2.66 10.18 9.29
N LYS A 60 -3.83 10.32 9.95
CA LYS A 60 -3.91 10.70 11.37
C LYS A 60 -3.32 9.57 12.25
N ASP A 61 -4.09 8.48 12.40
CA ASP A 61 -3.74 7.32 13.25
C ASP A 61 -3.77 6.03 12.43
N ASP A 62 -3.51 4.87 13.06
CA ASP A 62 -3.77 3.55 12.45
C ASP A 62 -5.28 3.34 12.26
N ASP A 63 -6.05 3.90 13.22
CA ASP A 63 -7.50 4.16 13.09
C ASP A 63 -7.84 4.79 11.71
N ASP A 64 -7.08 5.84 11.33
CA ASP A 64 -7.32 6.61 10.07
C ASP A 64 -6.71 5.87 8.87
N ILE A 65 -5.74 4.98 9.13
CA ILE A 65 -5.15 4.08 8.10
C ILE A 65 -6.22 3.12 7.56
N ASP A 66 -6.88 2.36 8.46
CA ASP A 66 -7.94 1.41 8.05
C ASP A 66 -9.15 2.17 7.46
N LYS A 67 -9.39 3.36 8.00
CA LYS A 67 -10.43 4.29 7.55
C LYS A 67 -10.08 4.90 6.18
N TRP A 68 -8.76 5.03 5.91
CA TRP A 68 -8.24 5.50 4.61
C TRP A 68 -8.52 4.44 3.54
N ILE A 69 -8.31 3.15 3.88
CA ILE A 69 -8.56 2.04 2.95
C ILE A 69 -10.09 1.85 2.79
N ASP A 70 -10.84 2.17 3.87
CA ASP A 70 -12.32 2.14 3.89
C ASP A 70 -12.90 3.03 2.77
N LYS A 71 -12.42 4.29 2.69
CA LYS A 71 -12.90 5.27 1.68
C LYS A 71 -12.39 4.89 0.28
N ILE A 72 -11.16 4.34 0.19
CA ILE A 72 -10.56 3.95 -1.11
C ILE A 72 -11.38 2.84 -1.80
N LYS A 73 -11.80 1.83 -1.02
CA LYS A 73 -12.68 0.72 -1.50
C LYS A 73 -14.07 1.26 -1.89
N LYS A 74 -14.51 2.28 -1.15
CA LYS A 74 -15.85 2.88 -1.29
C LYS A 74 -15.93 3.73 -2.58
N GLU A 75 -14.80 4.40 -2.91
CA GLU A 75 -14.67 5.22 -4.13
C GLU A 75 -14.37 4.32 -5.34
N ARG A 76 -13.63 3.23 -5.10
CA ARG A 76 -13.10 2.32 -6.14
C ARG A 76 -13.46 0.86 -5.79
N PRO A 77 -14.76 0.45 -5.89
CA PRO A 77 -15.20 -0.94 -5.56
C PRO A 77 -14.99 -1.92 -6.73
N GLN A 78 -14.38 -1.42 -7.81
CA GLN A 78 -14.08 -2.21 -9.02
C GLN A 78 -12.72 -2.92 -8.91
N LEU A 79 -11.91 -2.54 -7.89
CA LEU A 79 -10.55 -3.08 -7.69
C LEU A 79 -10.41 -3.68 -6.28
N GLU A 80 -9.23 -4.26 -6.03
CA GLU A 80 -8.94 -5.01 -4.79
C GLU A 80 -7.75 -4.35 -4.07
N VAL A 81 -7.96 -4.05 -2.78
CA VAL A 81 -7.01 -3.29 -1.93
C VAL A 81 -6.44 -4.23 -0.84
N ARG A 82 -5.12 -4.16 -0.61
CA ARG A 82 -4.44 -4.86 0.50
C ARG A 82 -3.79 -3.83 1.44
N LYS A 83 -3.92 -4.05 2.77
CA LYS A 83 -3.20 -3.27 3.79
C LYS A 83 -1.88 -3.97 4.13
N VAL A 84 -0.77 -3.32 3.84
CA VAL A 84 0.57 -3.79 4.20
C VAL A 84 1.10 -2.95 5.36
N THR A 85 0.85 -3.42 6.59
CA THR A 85 1.32 -2.73 7.82
C THR A 85 2.67 -3.29 8.27
N ASP A 86 2.98 -4.51 7.81
CA ASP A 86 4.22 -5.24 8.12
C ASP A 86 5.00 -5.46 6.82
N GLU A 87 6.34 -5.55 6.94
CA GLU A 87 7.22 -6.03 5.85
C GLU A 87 6.84 -7.48 5.48
N ASP A 88 6.39 -8.24 6.51
CA ASP A 88 5.79 -9.58 6.36
C ASP A 88 4.70 -9.56 5.27
N GLN A 89 3.77 -8.59 5.41
CA GLN A 89 2.66 -8.38 4.46
C GLN A 89 3.18 -8.09 3.05
N ALA A 90 4.22 -7.24 2.95
CA ALA A 90 4.83 -6.84 1.66
C ALA A 90 5.54 -8.03 0.97
N LYS A 91 6.10 -8.94 1.76
CA LYS A 91 6.78 -10.16 1.27
C LYS A 91 5.75 -11.24 0.88
N GLN A 92 4.64 -11.30 1.65
CA GLN A 92 3.55 -12.28 1.44
C GLN A 92 2.79 -12.00 0.16
N ILE A 93 2.45 -10.71 -0.08
CA ILE A 93 1.70 -10.30 -1.28
C ILE A 93 2.48 -10.59 -2.57
N LEU A 94 3.82 -10.50 -2.53
CA LEU A 94 4.67 -10.89 -3.68
C LEU A 94 4.37 -12.36 -4.10
N GLU A 95 4.16 -13.22 -3.10
CA GLU A 95 3.77 -14.63 -3.31
C GLU A 95 2.27 -14.74 -3.68
N ASP A 96 1.44 -13.84 -3.08
CA ASP A 96 -0.04 -13.83 -3.29
C ASP A 96 -0.38 -13.39 -4.72
N LEU A 97 0.56 -12.68 -5.34
CA LEU A 97 0.50 -12.28 -6.76
C LEU A 97 0.72 -13.51 -7.67
N LYS A 98 1.69 -14.36 -7.29
CA LYS A 98 2.13 -15.50 -8.11
C LYS A 98 1.12 -16.65 -8.03
N LYS A 99 0.69 -16.95 -6.78
CA LYS A 99 -0.34 -17.98 -6.50
C LYS A 99 -1.76 -17.47 -6.89
N LYS A 100 -1.83 -16.18 -7.35
CA LYS A 100 -3.07 -15.44 -7.69
C LYS A 100 -4.17 -15.61 -6.62
N GLY A 101 -3.76 -15.35 -5.36
CA GLY A 101 -4.66 -15.33 -4.22
C GLY A 101 -5.79 -14.33 -4.40
N SER A 102 -7.03 -14.85 -4.43
CA SER A 102 -8.25 -14.06 -4.68
C SER A 102 -8.49 -13.00 -3.59
N LEU A 103 -9.30 -11.98 -3.93
CA LEU A 103 -9.59 -10.85 -3.03
C LEU A 103 -10.45 -11.30 -1.83
N GLU A 104 -11.24 -12.39 -2.04
CA GLU A 104 -11.91 -13.09 -0.93
C GLU A 104 -10.83 -13.84 -0.15
N HIS A 105 -10.91 -13.83 1.18
CA HIS A 105 -9.84 -14.35 2.05
C HIS A 105 -10.14 -15.80 2.47
N HIS A 106 -10.22 -16.69 1.45
CA HIS A 106 -10.42 -18.14 1.61
C HIS A 106 -11.73 -18.46 2.39
N HIS A 107 -12.73 -17.55 2.26
CA HIS A 107 -13.99 -17.64 3.04
C HIS A 107 -14.88 -18.79 2.53
N HIS A 108 -14.50 -19.37 1.35
CA HIS A 108 -15.06 -20.63 0.82
C HIS A 108 -15.06 -21.72 1.91
N HIS A 109 -13.91 -21.80 2.64
CA HIS A 109 -13.77 -22.58 3.89
C HIS A 109 -13.85 -24.11 3.64
N HIS A 110 -13.50 -24.93 4.66
CA HIS A 110 -13.67 -26.40 4.63
C HIS A 110 -14.18 -26.88 6.01
N MET A 1 -8.56 -7.48 -14.07
CA MET A 1 -8.30 -6.77 -12.79
C MET A 1 -8.60 -5.27 -12.93
N GLY A 2 -8.20 -4.67 -14.08
CA GLY A 2 -8.29 -3.23 -14.28
C GLY A 2 -7.18 -2.51 -13.52
N SER A 3 -7.34 -2.50 -12.19
CA SER A 3 -6.31 -2.10 -11.25
C SER A 3 -6.39 -3.00 -10.00
N LYS A 4 -5.26 -3.12 -9.32
CA LYS A 4 -5.17 -3.56 -7.94
C LYS A 4 -4.27 -2.56 -7.22
N ILE A 5 -4.45 -2.38 -5.90
CA ILE A 5 -3.56 -1.52 -5.11
C ILE A 5 -3.05 -2.23 -3.87
N ILE A 6 -1.83 -1.87 -3.51
CA ILE A 6 -1.21 -2.22 -2.23
C ILE A 6 -1.01 -0.91 -1.46
N VAL A 7 -1.59 -0.83 -0.26
CA VAL A 7 -1.53 0.36 0.58
C VAL A 7 -0.62 0.05 1.78
N ILE A 8 0.53 0.71 1.83
CA ILE A 8 1.58 0.44 2.80
C ILE A 8 1.63 1.56 3.84
N ILE A 9 1.46 1.17 5.11
CA ILE A 9 1.48 2.09 6.24
C ILE A 9 2.95 2.17 6.68
N SER A 10 3.64 3.24 6.27
CA SER A 10 5.06 3.43 6.57
C SER A 10 5.21 4.22 7.88
N SER A 11 5.71 3.52 8.91
CA SER A 11 6.14 4.10 10.17
C SER A 11 7.61 3.70 10.40
N ASP A 12 8.52 4.68 10.36
CA ASP A 12 9.98 4.51 10.56
C ASP A 12 10.67 3.81 9.35
N ASP A 13 10.52 2.47 9.27
CA ASP A 13 11.34 1.61 8.37
C ASP A 13 11.04 1.84 6.87
N THR A 14 12.13 1.95 6.09
CA THR A 14 12.10 2.26 4.65
C THR A 14 11.89 1.00 3.76
N THR A 15 12.23 -0.19 4.29
CA THR A 15 12.27 -1.44 3.49
C THR A 15 10.88 -1.83 2.93
N LEU A 16 9.80 -1.40 3.60
CA LEU A 16 8.41 -1.60 3.10
C LEU A 16 8.24 -0.89 1.73
N GLU A 17 8.80 0.33 1.65
CA GLU A 17 8.73 1.21 0.48
C GLU A 17 9.69 0.72 -0.62
N GLU A 18 10.80 0.08 -0.19
CA GLU A 18 11.76 -0.54 -1.12
C GLU A 18 11.10 -1.72 -1.84
N LEU A 19 10.40 -2.56 -1.03
CA LEU A 19 9.62 -3.71 -1.52
C LEU A 19 8.44 -3.24 -2.39
N ALA A 20 7.89 -2.06 -2.05
CA ALA A 20 6.79 -1.39 -2.80
C ALA A 20 7.20 -1.10 -4.26
N ARG A 21 8.50 -0.80 -4.44
CA ARG A 21 9.10 -0.53 -5.75
C ARG A 21 9.23 -1.84 -6.57
N LYS A 22 9.30 -3.01 -5.89
CA LYS A 22 9.21 -4.34 -6.56
C LYS A 22 7.74 -4.70 -6.87
N ILE A 23 6.82 -4.34 -5.93
CA ILE A 23 5.37 -4.62 -6.04
C ILE A 23 4.80 -3.98 -7.32
N LYS A 24 5.03 -2.66 -7.48
CA LYS A 24 4.46 -1.86 -8.61
C LYS A 24 4.84 -2.42 -10.01
N ASP A 25 5.97 -3.16 -10.06
CA ASP A 25 6.52 -3.74 -11.32
C ASP A 25 5.57 -4.79 -11.93
N GLU A 26 4.66 -5.33 -11.10
CA GLU A 26 3.64 -6.31 -11.54
C GLU A 26 2.47 -5.63 -12.30
N GLY A 27 2.49 -4.28 -12.37
CA GLY A 27 1.51 -3.51 -13.13
C GLY A 27 0.26 -3.13 -12.34
N LEU A 28 0.46 -2.90 -11.02
CA LEU A 28 -0.61 -2.45 -10.10
C LEU A 28 -0.14 -1.18 -9.35
N GLU A 29 -1.07 -0.29 -9.02
CA GLU A 29 -0.76 0.99 -8.35
C GLU A 29 -0.48 0.75 -6.85
N VAL A 30 0.48 1.49 -6.29
CA VAL A 30 0.88 1.37 -4.86
C VAL A 30 0.70 2.73 -4.15
N TYR A 31 -0.03 2.70 -3.02
CA TYR A 31 -0.22 3.87 -2.16
C TYR A 31 0.67 3.69 -0.93
N ILE A 32 1.27 4.78 -0.44
CA ILE A 32 2.07 4.76 0.78
C ILE A 32 1.47 5.78 1.77
N LEU A 33 0.89 5.28 2.89
CA LEU A 33 0.32 6.12 3.94
C LEU A 33 1.39 6.41 4.99
N LEU A 34 1.86 7.66 5.03
CA LEU A 34 2.94 8.08 5.93
C LEU A 34 2.37 8.47 7.31
N LYS A 35 2.87 7.78 8.36
CA LYS A 35 2.46 8.01 9.75
C LYS A 35 3.66 7.70 10.67
N ASP A 36 4.17 8.72 11.37
CA ASP A 36 5.24 8.56 12.38
C ASP A 36 4.88 9.39 13.63
N LYS A 37 5.68 9.22 14.71
CA LYS A 37 5.51 10.01 15.94
C LYS A 37 5.80 11.51 15.67
N ASP A 38 6.67 11.79 14.68
CA ASP A 38 7.08 13.15 14.28
C ASP A 38 6.78 13.37 12.79
N GLU A 39 5.89 14.34 12.53
CA GLU A 39 5.44 14.72 11.18
C GLU A 39 6.52 15.45 10.33
N LYS A 40 7.57 16.02 10.97
CA LYS A 40 8.60 16.84 10.28
C LYS A 40 9.41 15.99 9.27
N ARG A 41 10.07 14.94 9.79
CA ARG A 41 10.90 14.02 8.98
C ARG A 41 10.02 13.06 8.18
N LEU A 42 8.78 12.87 8.63
CA LEU A 42 7.76 12.07 7.94
C LEU A 42 7.48 12.64 6.53
N GLU A 43 7.48 13.98 6.43
CA GLU A 43 7.12 14.70 5.21
C GLU A 43 8.27 14.70 4.16
N GLU A 44 9.55 14.68 4.62
CA GLU A 44 10.71 14.63 3.69
C GLU A 44 10.72 13.27 2.95
N LYS A 45 10.26 12.22 3.66
CA LYS A 45 10.12 10.87 3.09
C LYS A 45 9.03 10.84 1.98
N ILE A 46 7.99 11.68 2.14
CA ILE A 46 6.92 11.86 1.13
C ILE A 46 7.52 12.32 -0.20
N GLN A 47 8.51 13.25 -0.12
CA GLN A 47 9.20 13.81 -1.30
C GLN A 47 10.05 12.72 -1.99
N LYS A 48 10.76 11.92 -1.17
CA LYS A 48 11.60 10.78 -1.65
C LYS A 48 10.78 9.76 -2.47
N LEU A 49 9.56 9.47 -1.97
CA LEU A 49 8.68 8.45 -2.55
C LEU A 49 7.98 8.94 -3.83
N LYS A 50 7.67 10.25 -3.91
CA LYS A 50 7.08 10.85 -5.13
C LYS A 50 8.13 10.86 -6.26
N SER A 51 9.41 11.03 -5.92
CA SER A 51 10.54 10.86 -6.87
C SER A 51 10.60 9.42 -7.43
N GLN A 52 10.23 8.43 -6.58
CA GLN A 52 10.14 7.01 -6.98
C GLN A 52 8.79 6.68 -7.65
N GLY A 53 7.87 7.66 -7.70
CA GLY A 53 6.59 7.52 -8.39
C GLY A 53 5.55 6.72 -7.59
N PHE A 54 5.41 7.06 -6.30
CA PHE A 54 4.39 6.47 -5.41
C PHE A 54 3.26 7.47 -5.18
N GLU A 55 2.01 6.96 -5.10
CA GLU A 55 0.86 7.78 -4.73
C GLU A 55 0.85 7.87 -3.19
N VAL A 56 1.52 8.92 -2.68
CA VAL A 56 1.78 9.10 -1.26
C VAL A 56 0.70 9.98 -0.61
N ARG A 57 0.18 9.54 0.54
CA ARG A 57 -0.86 10.27 1.27
C ARG A 57 -0.48 10.32 2.76
N LYS A 58 -0.52 11.51 3.36
CA LYS A 58 -0.17 11.74 4.76
C LYS A 58 -1.44 11.53 5.61
N VAL A 59 -1.33 10.74 6.68
CA VAL A 59 -2.48 10.38 7.55
C VAL A 59 -2.20 10.83 9.00
N LYS A 60 -3.23 10.77 9.85
CA LYS A 60 -3.11 11.11 11.28
C LYS A 60 -2.85 9.83 12.10
N ASP A 61 -3.85 8.94 12.19
CA ASP A 61 -3.83 7.77 13.12
C ASP A 61 -4.28 6.48 12.39
N ASP A 62 -4.22 5.33 13.09
CA ASP A 62 -4.63 4.00 12.54
C ASP A 62 -6.16 3.91 12.34
N ASP A 63 -6.91 4.58 13.23
CA ASP A 63 -8.36 4.85 13.02
C ASP A 63 -8.61 5.54 11.66
N ASP A 64 -7.67 6.44 11.26
CA ASP A 64 -7.73 7.14 9.95
C ASP A 64 -7.28 6.24 8.80
N ILE A 65 -6.34 5.31 9.09
CA ILE A 65 -5.84 4.31 8.11
C ILE A 65 -6.98 3.35 7.69
N ASP A 66 -7.62 2.75 8.70
CA ASP A 66 -8.74 1.80 8.53
C ASP A 66 -9.91 2.47 7.79
N LYS A 67 -10.14 3.75 8.13
CA LYS A 67 -11.14 4.61 7.49
C LYS A 67 -10.75 4.91 6.02
N TRP A 68 -9.43 5.11 5.80
CA TRP A 68 -8.86 5.47 4.50
C TRP A 68 -9.11 4.36 3.46
N ILE A 69 -8.89 3.11 3.88
CA ILE A 69 -9.03 1.93 3.00
C ILE A 69 -10.52 1.63 2.76
N ASP A 70 -11.34 1.84 3.82
CA ASP A 70 -12.79 1.63 3.78
C ASP A 70 -13.44 2.54 2.71
N LYS A 71 -13.03 3.83 2.71
CA LYS A 71 -13.56 4.82 1.75
C LYS A 71 -12.97 4.60 0.35
N ILE A 72 -11.75 4.01 0.25
CA ILE A 72 -11.13 3.64 -1.06
C ILE A 72 -11.92 2.53 -1.77
N LYS A 73 -12.48 1.60 -0.98
CA LYS A 73 -13.39 0.56 -1.51
C LYS A 73 -14.67 1.18 -2.11
N LYS A 74 -15.03 2.37 -1.60
CA LYS A 74 -16.17 3.17 -2.11
C LYS A 74 -15.75 3.96 -3.37
N GLU A 75 -14.48 4.48 -3.37
CA GLU A 75 -13.95 5.26 -4.50
C GLU A 75 -13.84 4.39 -5.75
N ARG A 76 -13.19 3.23 -5.58
CA ARG A 76 -12.90 2.27 -6.65
C ARG A 76 -13.18 0.83 -6.14
N PRO A 77 -14.44 0.31 -6.27
CA PRO A 77 -14.76 -1.11 -5.95
C PRO A 77 -14.09 -2.13 -6.91
N GLN A 78 -13.44 -1.62 -7.99
CA GLN A 78 -12.77 -2.45 -9.01
C GLN A 78 -11.56 -3.25 -8.47
N LEU A 79 -10.89 -2.72 -7.43
CA LEU A 79 -9.54 -3.18 -7.03
C LEU A 79 -9.52 -3.88 -5.66
N GLU A 80 -8.51 -4.75 -5.49
CA GLU A 80 -8.13 -5.35 -4.21
C GLU A 80 -7.31 -4.33 -3.40
N VAL A 81 -7.45 -4.35 -2.07
CA VAL A 81 -6.72 -3.44 -1.16
C VAL A 81 -6.08 -4.27 -0.03
N ARG A 82 -4.75 -4.16 0.11
CA ARG A 82 -4.00 -4.76 1.22
C ARG A 82 -3.43 -3.63 2.10
N LYS A 83 -3.53 -3.78 3.43
CA LYS A 83 -2.86 -2.88 4.39
C LYS A 83 -1.57 -3.56 4.87
N VAL A 84 -0.42 -2.94 4.58
CA VAL A 84 0.89 -3.47 4.96
C VAL A 84 1.49 -2.59 6.07
N THR A 85 1.24 -2.98 7.32
CA THR A 85 1.72 -2.26 8.50
C THR A 85 3.13 -2.74 8.92
N ASP A 86 3.54 -3.90 8.39
CA ASP A 86 4.84 -4.51 8.68
C ASP A 86 5.46 -5.08 7.39
N GLU A 87 6.81 -5.07 7.34
CA GLU A 87 7.63 -5.56 6.20
C GLU A 87 7.25 -7.00 5.78
N ASP A 88 6.92 -7.85 6.78
CA ASP A 88 6.52 -9.26 6.59
C ASP A 88 5.41 -9.41 5.51
N GLN A 89 4.39 -8.55 5.60
CA GLN A 89 3.23 -8.57 4.69
C GLN A 89 3.62 -8.15 3.27
N ALA A 90 4.58 -7.20 3.18
CA ALA A 90 5.12 -6.73 1.88
C ALA A 90 5.91 -7.86 1.17
N LYS A 91 6.62 -8.67 1.97
CA LYS A 91 7.38 -9.84 1.49
C LYS A 91 6.44 -10.96 0.99
N GLN A 92 5.32 -11.15 1.71
CA GLN A 92 4.37 -12.25 1.42
C GLN A 92 3.48 -11.92 0.20
N ILE A 93 3.12 -10.64 0.01
CA ILE A 93 2.32 -10.23 -1.18
C ILE A 93 3.17 -10.25 -2.47
N LEU A 94 4.51 -10.14 -2.35
CA LEU A 94 5.43 -10.44 -3.48
C LEU A 94 5.16 -11.86 -4.04
N GLU A 95 4.71 -12.77 -3.14
CA GLU A 95 4.29 -14.13 -3.52
C GLU A 95 2.86 -14.11 -4.09
N ASP A 96 1.93 -13.53 -3.32
CA ASP A 96 0.48 -13.37 -3.69
C ASP A 96 0.25 -12.90 -5.15
N LEU A 97 1.05 -11.92 -5.61
CA LEU A 97 0.96 -11.36 -6.98
C LEU A 97 1.37 -12.41 -8.05
N LYS A 98 2.23 -13.36 -7.64
CA LYS A 98 2.71 -14.48 -8.50
C LYS A 98 1.72 -15.68 -8.46
N LYS A 99 1.47 -16.18 -7.23
CA LYS A 99 0.67 -17.39 -6.96
C LYS A 99 -0.79 -17.25 -7.43
N LYS A 100 -1.48 -16.21 -6.91
CA LYS A 100 -2.92 -16.03 -7.11
C LYS A 100 -3.21 -15.67 -8.59
N GLY A 101 -3.47 -16.71 -9.39
CA GLY A 101 -3.94 -16.57 -10.77
C GLY A 101 -5.25 -17.32 -10.93
N SER A 102 -6.14 -17.07 -9.98
CA SER A 102 -7.44 -17.73 -9.88
C SER A 102 -8.50 -16.69 -9.55
N LEU A 103 -9.77 -17.13 -9.50
CA LEU A 103 -10.91 -16.26 -9.17
C LEU A 103 -11.14 -16.31 -7.64
N GLU A 104 -10.05 -16.01 -6.89
CA GLU A 104 -10.04 -16.00 -5.43
C GLU A 104 -10.78 -14.76 -4.90
N HIS A 105 -12.07 -14.93 -4.58
CA HIS A 105 -12.90 -13.84 -4.04
C HIS A 105 -12.57 -13.64 -2.55
N HIS A 106 -12.07 -12.44 -2.22
CA HIS A 106 -11.77 -12.05 -0.83
C HIS A 106 -13.06 -12.09 0.00
N HIS A 107 -13.04 -12.84 1.12
CA HIS A 107 -14.21 -13.00 2.02
C HIS A 107 -14.64 -11.63 2.60
N HIS A 108 -15.94 -11.51 2.94
CA HIS A 108 -16.52 -10.28 3.50
C HIS A 108 -15.98 -10.01 4.93
N HIS A 109 -15.92 -8.73 5.28
CA HIS A 109 -15.32 -8.25 6.54
C HIS A 109 -15.99 -6.91 6.91
N HIS A 110 -15.76 -6.43 8.14
CA HIS A 110 -16.19 -5.07 8.54
C HIS A 110 -15.15 -4.04 8.05
N MET A 1 -9.95 -7.73 -9.16
CA MET A 1 -9.61 -8.73 -10.19
C MET A 1 -8.49 -8.16 -11.09
N GLY A 2 -7.38 -8.93 -11.25
CA GLY A 2 -6.27 -8.56 -12.13
C GLY A 2 -5.41 -7.45 -11.56
N SER A 3 -5.90 -6.20 -11.71
CA SER A 3 -5.27 -5.01 -11.14
C SER A 3 -5.80 -4.82 -9.71
N LYS A 4 -4.89 -4.48 -8.78
CA LYS A 4 -5.19 -4.14 -7.38
C LYS A 4 -4.39 -2.92 -6.96
N ILE A 5 -4.64 -2.46 -5.73
CA ILE A 5 -3.80 -1.45 -5.06
C ILE A 5 -3.30 -2.03 -3.73
N ILE A 6 -2.05 -1.72 -3.42
CA ILE A 6 -1.42 -2.11 -2.18
C ILE A 6 -1.14 -0.85 -1.37
N VAL A 7 -1.59 -0.82 -0.12
CA VAL A 7 -1.42 0.33 0.77
C VAL A 7 -0.44 -0.05 1.89
N ILE A 8 0.78 0.51 1.83
CA ILE A 8 1.87 0.17 2.76
C ILE A 8 2.00 1.26 3.82
N ILE A 9 1.80 0.88 5.08
CA ILE A 9 1.84 1.81 6.21
C ILE A 9 3.29 1.87 6.72
N SER A 10 4.04 2.92 6.35
CA SER A 10 5.46 3.08 6.69
C SER A 10 5.63 4.04 7.89
N SER A 11 6.67 3.75 8.69
CA SER A 11 7.06 4.53 9.86
C SER A 11 8.60 4.55 9.97
N ASP A 12 9.24 5.45 9.19
CA ASP A 12 10.72 5.67 9.18
C ASP A 12 11.50 4.58 8.38
N ASP A 13 11.07 3.30 8.48
CA ASP A 13 11.75 2.16 7.79
C ASP A 13 11.65 2.28 6.25
N THR A 14 12.75 1.88 5.58
CA THR A 14 12.90 2.00 4.12
C THR A 14 12.62 0.67 3.39
N THR A 15 12.71 -0.47 4.10
CA THR A 15 12.61 -1.82 3.50
C THR A 15 11.28 -2.03 2.74
N LEU A 16 10.15 -1.68 3.38
CA LEU A 16 8.81 -1.86 2.76
C LEU A 16 8.52 -0.78 1.68
N GLU A 17 9.25 0.36 1.75
CA GLU A 17 9.14 1.43 0.75
C GLU A 17 9.80 0.99 -0.58
N GLU A 18 10.95 0.29 -0.48
CA GLU A 18 11.64 -0.26 -1.67
C GLU A 18 10.95 -1.53 -2.17
N LEU A 19 10.40 -2.35 -1.24
CA LEU A 19 9.59 -3.54 -1.61
C LEU A 19 8.38 -3.13 -2.46
N ALA A 20 7.83 -1.93 -2.15
CA ALA A 20 6.70 -1.32 -2.88
C ALA A 20 6.99 -1.17 -4.39
N ARG A 21 8.27 -0.89 -4.72
CA ARG A 21 8.73 -0.74 -6.12
C ARG A 21 8.67 -2.09 -6.87
N LYS A 22 8.97 -3.19 -6.14
CA LYS A 22 8.90 -4.57 -6.67
C LYS A 22 7.42 -4.98 -6.87
N ILE A 23 6.59 -4.61 -5.87
CA ILE A 23 5.16 -4.89 -5.82
C ILE A 23 4.40 -4.24 -6.99
N LYS A 24 4.68 -2.95 -7.27
CA LYS A 24 4.02 -2.20 -8.36
C LYS A 24 4.53 -2.58 -9.74
N ASP A 25 5.72 -3.22 -9.80
CA ASP A 25 6.30 -3.77 -11.05
C ASP A 25 5.38 -4.86 -11.69
N GLU A 26 4.37 -5.32 -10.92
CA GLU A 26 3.29 -6.20 -11.40
C GLU A 26 2.26 -5.47 -12.29
N GLY A 27 2.36 -4.13 -12.36
CA GLY A 27 1.43 -3.30 -13.10
C GLY A 27 0.23 -2.84 -12.27
N LEU A 28 0.46 -2.69 -10.95
CA LEU A 28 -0.56 -2.23 -9.99
C LEU A 28 -0.07 -0.95 -9.28
N GLU A 29 -0.98 -0.15 -8.71
CA GLU A 29 -0.61 1.06 -7.95
C GLU A 29 -0.33 0.71 -6.47
N VAL A 30 0.66 1.38 -5.86
CA VAL A 30 0.96 1.28 -4.42
C VAL A 30 0.85 2.68 -3.78
N TYR A 31 0.08 2.76 -2.67
CA TYR A 31 -0.13 3.98 -1.89
C TYR A 31 0.58 3.81 -0.55
N ILE A 32 1.58 4.63 -0.23
CA ILE A 32 2.31 4.52 1.04
C ILE A 32 1.68 5.50 2.06
N LEU A 33 1.22 5.01 3.22
CA LEU A 33 0.72 5.86 4.32
C LEU A 33 1.84 6.05 5.34
N LEU A 34 2.44 7.23 5.33
CA LEU A 34 3.55 7.59 6.21
C LEU A 34 2.98 8.21 7.50
N LYS A 35 3.42 7.67 8.66
CA LYS A 35 3.14 8.23 9.98
C LYS A 35 4.35 7.96 10.89
N ASP A 36 4.93 9.03 11.43
CA ASP A 36 6.13 8.99 12.28
C ASP A 36 5.88 9.84 13.53
N LYS A 37 6.79 9.79 14.52
CA LYS A 37 6.68 10.56 15.77
C LYS A 37 6.89 12.07 15.50
N ASP A 38 7.72 12.39 14.49
CA ASP A 38 8.05 13.77 14.10
C ASP A 38 7.53 14.05 12.67
N GLU A 39 6.53 14.96 12.57
CA GLU A 39 5.86 15.30 11.28
C GLU A 39 6.77 16.04 10.27
N LYS A 40 7.93 16.60 10.72
CA LYS A 40 8.83 17.36 9.82
C LYS A 40 9.55 16.41 8.86
N ARG A 41 10.32 15.47 9.44
CA ARG A 41 11.11 14.49 8.64
C ARG A 41 10.17 13.50 7.94
N LEU A 42 8.96 13.38 8.50
CA LEU A 42 7.87 12.58 7.95
C LEU A 42 7.42 13.12 6.58
N GLU A 43 7.13 14.43 6.51
CA GLU A 43 6.71 15.10 5.26
C GLU A 43 7.80 15.02 4.17
N GLU A 44 9.06 15.15 4.61
CA GLU A 44 10.24 15.06 3.73
C GLU A 44 10.40 13.64 3.15
N LYS A 45 10.09 12.63 4.00
CA LYS A 45 10.12 11.19 3.66
C LYS A 45 9.09 10.90 2.54
N ILE A 46 7.92 11.55 2.70
CA ILE A 46 6.81 11.53 1.74
C ILE A 46 7.23 12.11 0.39
N GLN A 47 7.91 13.30 0.41
CA GLN A 47 8.30 14.02 -0.83
C GLN A 47 9.31 13.21 -1.67
N LYS A 48 10.23 12.51 -0.96
CA LYS A 48 11.24 11.64 -1.60
C LYS A 48 10.59 10.46 -2.32
N LEU A 49 9.62 9.81 -1.63
CA LEU A 49 8.89 8.67 -2.19
C LEU A 49 7.94 9.07 -3.34
N LYS A 50 7.39 10.30 -3.29
CA LYS A 50 6.54 10.84 -4.37
C LYS A 50 7.38 11.16 -5.62
N SER A 51 8.62 11.63 -5.37
CA SER A 51 9.63 11.83 -6.42
C SER A 51 10.10 10.47 -7.01
N GLN A 52 10.11 9.41 -6.18
CA GLN A 52 10.34 8.01 -6.62
C GLN A 52 9.16 7.49 -7.46
N GLY A 53 7.99 8.15 -7.33
CA GLY A 53 6.78 7.77 -8.05
C GLY A 53 5.91 6.82 -7.25
N PHE A 54 5.65 7.20 -5.99
CA PHE A 54 4.67 6.53 -5.10
C PHE A 54 3.68 7.58 -4.61
N GLU A 55 2.37 7.28 -4.59
CA GLU A 55 1.38 8.18 -4.00
C GLU A 55 1.38 7.99 -2.47
N VAL A 56 2.03 8.93 -1.79
CA VAL A 56 2.27 8.86 -0.34
C VAL A 56 1.50 9.96 0.36
N ARG A 57 0.78 9.60 1.45
CA ARG A 57 -0.10 10.50 2.20
C ARG A 57 0.31 10.43 3.69
N LYS A 58 0.25 11.56 4.41
CA LYS A 58 0.38 11.57 5.88
C LYS A 58 -1.00 11.30 6.47
N VAL A 59 -1.08 10.38 7.43
CA VAL A 59 -2.34 9.98 8.07
C VAL A 59 -2.34 10.38 9.54
N LYS A 60 -3.55 10.61 10.07
CA LYS A 60 -3.78 11.11 11.43
C LYS A 60 -3.48 10.02 12.47
N ASP A 61 -3.98 8.80 12.18
CA ASP A 61 -3.91 7.62 13.09
C ASP A 61 -4.43 6.36 12.38
N ASP A 62 -4.52 5.21 13.10
CA ASP A 62 -4.95 3.90 12.53
C ASP A 62 -6.43 3.88 12.10
N ASP A 63 -7.32 4.44 12.95
CA ASP A 63 -8.75 4.66 12.59
C ASP A 63 -8.85 5.41 11.23
N ASP A 64 -7.93 6.36 11.02
CA ASP A 64 -7.85 7.15 9.77
C ASP A 64 -7.40 6.26 8.60
N ILE A 65 -6.43 5.36 8.88
CA ILE A 65 -5.86 4.40 7.90
C ILE A 65 -6.94 3.41 7.37
N ASP A 66 -7.66 2.76 8.28
CA ASP A 66 -8.68 1.73 7.94
C ASP A 66 -9.75 2.28 6.98
N LYS A 67 -10.38 3.40 7.41
CA LYS A 67 -11.37 4.13 6.60
C LYS A 67 -10.75 4.79 5.34
N TRP A 68 -9.40 5.02 5.34
CA TRP A 68 -8.68 5.53 4.15
C TRP A 68 -8.74 4.50 3.00
N ILE A 69 -8.68 3.22 3.38
CA ILE A 69 -8.80 2.08 2.46
C ILE A 69 -10.29 1.89 2.05
N ASP A 70 -11.18 2.02 3.05
CA ASP A 70 -12.62 1.73 2.92
C ASP A 70 -13.29 2.64 1.88
N LYS A 71 -12.87 3.92 1.85
CA LYS A 71 -13.41 4.90 0.89
C LYS A 71 -12.99 4.56 -0.56
N ILE A 72 -11.73 4.09 -0.76
CA ILE A 72 -11.21 3.75 -2.10
C ILE A 72 -11.91 2.49 -2.66
N LYS A 73 -12.27 1.54 -1.75
CA LYS A 73 -13.03 0.33 -2.13
C LYS A 73 -14.44 0.70 -2.66
N LYS A 74 -15.00 1.80 -2.11
CA LYS A 74 -16.30 2.33 -2.55
C LYS A 74 -16.15 3.02 -3.93
N GLU A 75 -15.03 3.74 -4.14
CA GLU A 75 -14.76 4.45 -5.41
C GLU A 75 -14.42 3.45 -6.54
N ARG A 76 -13.73 2.36 -6.17
CA ARG A 76 -13.22 1.36 -7.13
C ARG A 76 -13.38 -0.07 -6.55
N PRO A 77 -14.53 -0.76 -6.84
CA PRO A 77 -14.70 -2.20 -6.53
C PRO A 77 -13.91 -3.13 -7.48
N GLN A 78 -13.46 -2.59 -8.63
CA GLN A 78 -12.77 -3.36 -9.71
C GLN A 78 -11.48 -4.04 -9.21
N LEU A 79 -10.84 -3.40 -8.21
CA LEU A 79 -9.55 -3.81 -7.66
C LEU A 79 -9.71 -4.36 -6.24
N GLU A 80 -8.70 -5.08 -5.74
CA GLU A 80 -8.60 -5.45 -4.32
C GLU A 80 -7.60 -4.52 -3.61
N VAL A 81 -7.63 -4.51 -2.26
CA VAL A 81 -6.78 -3.61 -1.44
C VAL A 81 -6.17 -4.42 -0.28
N ARG A 82 -4.84 -4.31 -0.10
CA ARG A 82 -4.11 -5.03 0.96
C ARG A 82 -3.30 -4.02 1.82
N LYS A 83 -3.51 -4.04 3.15
CA LYS A 83 -2.79 -3.16 4.08
C LYS A 83 -1.51 -3.86 4.58
N VAL A 84 -0.36 -3.28 4.25
CA VAL A 84 0.96 -3.80 4.63
C VAL A 84 1.46 -3.03 5.87
N THR A 85 1.21 -3.63 7.04
CA THR A 85 1.51 -3.03 8.35
C THR A 85 2.96 -3.29 8.80
N ASP A 86 3.66 -4.17 8.06
CA ASP A 86 5.09 -4.47 8.27
C ASP A 86 5.68 -5.00 6.94
N GLU A 87 7.02 -4.91 6.79
CA GLU A 87 7.74 -5.40 5.58
C GLU A 87 7.44 -6.88 5.28
N ASP A 88 7.13 -7.67 6.33
CA ASP A 88 6.70 -9.07 6.24
C ASP A 88 5.45 -9.21 5.36
N GLN A 89 4.48 -8.31 5.58
CA GLN A 89 3.23 -8.26 4.81
C GLN A 89 3.52 -7.97 3.32
N ALA A 90 4.52 -7.10 3.07
CA ALA A 90 4.98 -6.78 1.70
C ALA A 90 5.64 -8.01 1.03
N LYS A 91 6.31 -8.84 1.84
CA LYS A 91 6.98 -10.07 1.37
C LYS A 91 5.96 -11.20 1.13
N GLN A 92 4.88 -11.23 1.94
CA GLN A 92 3.80 -12.22 1.81
C GLN A 92 3.05 -12.00 0.50
N ILE A 93 2.75 -10.73 0.19
CA ILE A 93 2.02 -10.37 -1.03
C ILE A 93 2.88 -10.49 -2.29
N LEU A 94 4.23 -10.44 -2.17
CA LEU A 94 5.13 -10.82 -3.28
C LEU A 94 4.79 -12.25 -3.79
N GLU A 95 4.30 -13.10 -2.86
CA GLU A 95 3.81 -14.45 -3.18
C GLU A 95 2.34 -14.37 -3.67
N ASP A 96 1.47 -13.67 -2.90
CA ASP A 96 0.03 -13.47 -3.25
C ASP A 96 -0.19 -12.85 -4.66
N LEU A 97 0.77 -12.06 -5.15
CA LEU A 97 0.71 -11.41 -6.51
C LEU A 97 1.02 -12.45 -7.61
N LYS A 98 1.69 -13.54 -7.19
CA LYS A 98 1.96 -14.71 -8.05
C LYS A 98 0.75 -15.65 -8.04
N LYS A 99 0.17 -15.83 -6.83
CA LYS A 99 -1.00 -16.70 -6.59
C LYS A 99 -2.27 -16.11 -7.23
N LYS A 100 -2.84 -15.07 -6.57
CA LYS A 100 -4.09 -14.41 -7.00
C LYS A 100 -4.41 -13.21 -6.08
N GLY A 101 -5.28 -12.30 -6.58
CA GLY A 101 -5.80 -11.19 -5.78
C GLY A 101 -6.94 -11.65 -4.89
N SER A 102 -6.58 -12.24 -3.74
CA SER A 102 -7.56 -12.75 -2.76
C SER A 102 -8.31 -11.58 -2.08
N LEU A 103 -9.48 -11.22 -2.64
CA LEU A 103 -10.27 -10.04 -2.21
C LEU A 103 -11.25 -10.37 -1.07
N GLU A 104 -11.65 -11.64 -0.97
CA GLU A 104 -12.54 -12.13 0.09
C GLU A 104 -11.79 -12.04 1.43
N HIS A 105 -12.51 -11.60 2.48
CA HIS A 105 -11.91 -11.12 3.73
C HIS A 105 -11.19 -12.25 4.49
N HIS A 106 -11.98 -13.17 5.12
CA HIS A 106 -11.49 -14.26 6.03
C HIS A 106 -10.41 -13.77 7.05
N HIS A 107 -10.49 -12.46 7.40
CA HIS A 107 -9.65 -11.81 8.41
C HIS A 107 -10.48 -10.67 9.03
N HIS A 108 -10.48 -10.57 10.36
CA HIS A 108 -11.30 -9.56 11.09
C HIS A 108 -10.50 -8.27 11.40
N HIS A 109 -9.15 -8.38 11.36
CA HIS A 109 -8.21 -7.46 12.05
C HIS A 109 -8.32 -7.74 13.57
N HIS A 110 -7.48 -8.68 14.06
CA HIS A 110 -7.46 -9.12 15.46
C HIS A 110 -6.00 -9.10 15.97
N MET A 1 -12.95 -4.87 -13.78
CA MET A 1 -12.45 -6.12 -14.40
C MET A 1 -12.05 -7.10 -13.28
N GLY A 2 -10.89 -6.85 -12.65
CA GLY A 2 -10.38 -7.71 -11.59
C GLY A 2 -9.00 -7.27 -11.14
N SER A 3 -8.81 -5.96 -10.99
CA SER A 3 -7.52 -5.35 -10.59
C SER A 3 -7.33 -5.42 -9.07
N LYS A 4 -6.11 -5.09 -8.62
CA LYS A 4 -5.79 -4.96 -7.19
C LYS A 4 -4.65 -3.95 -7.03
N ILE A 5 -4.85 -2.96 -6.16
CA ILE A 5 -3.81 -2.03 -5.71
C ILE A 5 -3.37 -2.45 -4.30
N ILE A 6 -2.16 -2.03 -3.92
CA ILE A 6 -1.63 -2.27 -2.59
C ILE A 6 -1.41 -0.90 -1.92
N VAL A 7 -1.80 -0.81 -0.65
CA VAL A 7 -1.58 0.37 0.18
C VAL A 7 -0.58 -0.03 1.27
N ILE A 8 0.61 0.58 1.23
CA ILE A 8 1.70 0.26 2.15
C ILE A 8 1.90 1.45 3.09
N ILE A 9 1.80 1.15 4.37
CA ILE A 9 1.89 2.12 5.43
C ILE A 9 3.33 2.08 5.90
N SER A 10 4.16 3.01 5.38
CA SER A 10 5.60 2.99 5.64
C SER A 10 5.80 3.59 7.03
N SER A 11 5.96 2.70 8.03
CA SER A 11 6.00 3.08 9.43
C SER A 11 7.46 3.11 9.93
N ASP A 12 8.10 4.29 9.73
CA ASP A 12 9.44 4.65 10.29
C ASP A 12 10.61 3.98 9.53
N ASP A 13 10.61 2.65 9.49
CA ASP A 13 11.69 1.83 8.87
C ASP A 13 11.67 1.92 7.33
N THR A 14 12.85 1.71 6.71
CA THR A 14 13.06 1.90 5.26
C THR A 14 12.65 0.67 4.42
N THR A 15 12.64 -0.53 5.04
CA THR A 15 12.30 -1.80 4.35
C THR A 15 10.96 -1.72 3.56
N LEU A 16 9.96 -1.06 4.15
CA LEU A 16 8.61 -0.95 3.54
C LEU A 16 8.64 -0.03 2.30
N GLU A 17 9.57 0.95 2.31
CA GLU A 17 9.82 1.87 1.17
C GLU A 17 10.49 1.10 0.01
N GLU A 18 11.43 0.20 0.37
CA GLU A 18 12.22 -0.59 -0.59
C GLU A 18 11.36 -1.63 -1.30
N LEU A 19 10.58 -2.39 -0.51
CA LEU A 19 9.72 -3.49 -1.01
C LEU A 19 8.59 -2.93 -1.90
N ALA A 20 8.04 -1.76 -1.50
CA ALA A 20 6.89 -1.10 -2.18
C ALA A 20 7.07 -0.96 -3.70
N ARG A 21 8.32 -0.71 -4.11
CA ARG A 21 8.68 -0.47 -5.52
C ARG A 21 8.65 -1.79 -6.34
N LYS A 22 8.94 -2.91 -5.66
CA LYS A 22 8.89 -4.27 -6.27
C LYS A 22 7.44 -4.63 -6.63
N ILE A 23 6.50 -4.32 -5.70
CA ILE A 23 5.07 -4.65 -5.86
C ILE A 23 4.47 -4.06 -7.17
N LYS A 24 4.66 -2.75 -7.42
CA LYS A 24 4.02 -2.07 -8.57
C LYS A 24 4.55 -2.55 -9.94
N ASP A 25 5.75 -3.18 -9.95
CA ASP A 25 6.35 -3.78 -11.16
C ASP A 25 5.43 -4.88 -11.76
N GLU A 26 4.54 -5.45 -10.91
CA GLU A 26 3.55 -6.47 -11.33
C GLU A 26 2.38 -5.85 -12.13
N GLY A 27 2.40 -4.51 -12.32
CA GLY A 27 1.46 -3.81 -13.22
C GLY A 27 0.30 -3.15 -12.50
N LEU A 28 0.53 -2.68 -11.27
CA LEU A 28 -0.48 -1.93 -10.47
C LEU A 28 0.12 -0.61 -9.95
N GLU A 29 -0.74 0.21 -9.31
CA GLU A 29 -0.30 1.40 -8.56
C GLU A 29 -0.25 1.07 -7.06
N VAL A 30 0.70 1.70 -6.34
CA VAL A 30 0.87 1.55 -4.88
C VAL A 30 0.68 2.93 -4.20
N TYR A 31 -0.15 2.95 -3.15
CA TYR A 31 -0.46 4.14 -2.37
C TYR A 31 0.21 4.00 -1.00
N ILE A 32 1.17 4.88 -0.70
CA ILE A 32 1.87 4.84 0.58
C ILE A 32 1.15 5.75 1.60
N LEU A 33 0.89 5.23 2.80
CA LEU A 33 0.46 6.05 3.94
C LEU A 33 1.64 6.22 4.88
N LEU A 34 2.21 7.41 4.89
CA LEU A 34 3.43 7.68 5.62
C LEU A 34 3.10 7.86 7.12
N LYS A 35 3.82 7.09 7.94
CA LYS A 35 3.78 7.16 9.39
C LYS A 35 5.23 7.17 9.89
N ASP A 36 5.64 8.21 10.60
CA ASP A 36 7.01 8.34 11.11
C ASP A 36 6.96 8.75 12.59
N LYS A 37 8.11 8.72 13.28
CA LYS A 37 8.20 9.20 14.68
C LYS A 37 8.07 10.74 14.68
N ASP A 38 8.66 11.37 13.65
CA ASP A 38 8.55 12.82 13.42
C ASP A 38 7.70 13.08 12.17
N GLU A 39 6.61 13.88 12.29
CA GLU A 39 5.80 14.30 11.12
C GLU A 39 6.62 15.22 10.18
N LYS A 40 7.69 15.80 10.74
CA LYS A 40 8.76 16.49 9.99
C LYS A 40 9.34 15.56 8.91
N ARG A 41 9.86 14.41 9.38
CA ARG A 41 10.52 13.40 8.54
C ARG A 41 9.52 12.60 7.71
N LEU A 42 8.27 12.56 8.20
CA LEU A 42 7.13 11.95 7.50
C LEU A 42 6.90 12.69 6.17
N GLU A 43 6.76 14.02 6.25
CA GLU A 43 6.48 14.90 5.09
C GLU A 43 7.61 14.81 4.05
N GLU A 44 8.85 14.76 4.54
CA GLU A 44 10.06 14.66 3.71
C GLU A 44 10.10 13.31 2.97
N LYS A 45 9.70 12.24 3.68
CA LYS A 45 9.69 10.86 3.16
C LYS A 45 8.54 10.66 2.14
N ILE A 46 7.46 11.48 2.30
CA ILE A 46 6.37 11.58 1.30
C ILE A 46 6.98 12.05 -0.04
N GLN A 47 7.87 13.06 0.02
CA GLN A 47 8.50 13.65 -1.19
C GLN A 47 9.46 12.65 -1.85
N LYS A 48 10.19 11.88 -1.00
CA LYS A 48 11.12 10.83 -1.45
C LYS A 48 10.40 9.80 -2.34
N LEU A 49 9.31 9.24 -1.79
CA LEU A 49 8.54 8.17 -2.45
C LEU A 49 7.72 8.72 -3.65
N LYS A 50 7.16 9.95 -3.55
CA LYS A 50 6.41 10.57 -4.70
C LYS A 50 7.32 10.78 -5.91
N SER A 51 8.55 11.23 -5.67
CA SER A 51 9.58 11.40 -6.72
C SER A 51 10.00 10.05 -7.34
N GLN A 52 9.95 8.97 -6.52
CA GLN A 52 10.19 7.58 -7.00
C GLN A 52 9.02 7.09 -7.86
N GLY A 53 7.82 7.70 -7.69
CA GLY A 53 6.65 7.44 -8.55
C GLY A 53 5.42 6.97 -7.80
N PHE A 54 5.46 6.97 -6.45
CA PHE A 54 4.31 6.58 -5.60
C PHE A 54 3.37 7.77 -5.37
N GLU A 55 2.12 7.48 -4.97
CA GLU A 55 1.22 8.50 -4.41
C GLU A 55 1.16 8.29 -2.90
N VAL A 56 1.67 9.26 -2.13
CA VAL A 56 1.85 9.15 -0.68
C VAL A 56 0.98 10.20 0.03
N ARG A 57 0.25 9.76 1.08
CA ARG A 57 -0.69 10.62 1.83
C ARG A 57 -0.40 10.56 3.34
N LYS A 58 -0.75 11.65 4.02
CA LYS A 58 -0.51 11.84 5.47
C LYS A 58 -1.76 11.35 6.23
N VAL A 59 -1.56 10.43 7.18
CA VAL A 59 -2.64 9.87 8.03
C VAL A 59 -2.35 10.14 9.52
N LYS A 60 -3.26 9.70 10.40
CA LYS A 60 -3.09 9.77 11.87
C LYS A 60 -2.87 8.35 12.46
N ASP A 61 -3.94 7.70 12.96
CA ASP A 61 -3.87 6.37 13.60
C ASP A 61 -4.22 5.28 12.55
N ASP A 62 -4.10 4.00 12.94
CA ASP A 62 -4.51 2.85 12.09
C ASP A 62 -6.03 2.86 11.82
N ASP A 63 -6.78 3.44 12.77
CA ASP A 63 -8.21 3.79 12.58
C ASP A 63 -8.41 4.67 11.33
N ASP A 64 -7.58 5.73 11.20
CA ASP A 64 -7.67 6.72 10.10
C ASP A 64 -7.16 6.11 8.78
N ILE A 65 -6.15 5.25 8.92
CA ILE A 65 -5.62 4.41 7.82
C ILE A 65 -6.74 3.50 7.26
N ASP A 66 -7.44 2.82 8.17
CA ASP A 66 -8.52 1.86 7.83
C ASP A 66 -9.69 2.56 7.11
N LYS A 67 -10.00 3.79 7.57
CA LYS A 67 -11.04 4.65 6.98
C LYS A 67 -10.59 5.20 5.60
N TRP A 68 -9.25 5.37 5.45
CA TRP A 68 -8.62 5.84 4.20
C TRP A 68 -8.71 4.75 3.11
N ILE A 69 -8.63 3.48 3.54
CA ILE A 69 -8.82 2.32 2.65
C ILE A 69 -10.34 2.14 2.35
N ASP A 70 -11.18 2.42 3.37
CA ASP A 70 -12.65 2.32 3.27
C ASP A 70 -13.21 3.20 2.14
N LYS A 71 -12.69 4.45 2.03
CA LYS A 71 -13.13 5.39 1.00
C LYS A 71 -12.75 4.90 -0.42
N ILE A 72 -11.56 4.26 -0.57
CA ILE A 72 -11.10 3.76 -1.90
C ILE A 72 -11.95 2.55 -2.35
N LYS A 73 -12.36 1.71 -1.38
CA LYS A 73 -13.25 0.56 -1.67
C LYS A 73 -14.68 1.05 -2.01
N LYS A 74 -15.04 2.24 -1.48
CA LYS A 74 -16.35 2.87 -1.70
C LYS A 74 -16.42 3.57 -3.06
N GLU A 75 -15.35 4.28 -3.44
CA GLU A 75 -15.28 5.06 -4.68
C GLU A 75 -14.90 4.16 -5.87
N ARG A 76 -13.97 3.23 -5.62
CA ARG A 76 -13.49 2.24 -6.61
C ARG A 76 -13.52 0.81 -6.03
N PRO A 77 -14.72 0.12 -6.08
CA PRO A 77 -14.83 -1.34 -5.82
C PRO A 77 -14.26 -2.18 -7.00
N GLN A 78 -13.88 -1.48 -8.09
CA GLN A 78 -13.32 -2.10 -9.32
C GLN A 78 -11.90 -2.67 -9.13
N LEU A 79 -11.31 -2.42 -7.95
CA LEU A 79 -9.98 -2.92 -7.58
C LEU A 79 -9.98 -3.32 -6.09
N GLU A 80 -9.22 -4.39 -5.76
CA GLU A 80 -9.00 -4.82 -4.37
C GLU A 80 -7.98 -3.88 -3.72
N VAL A 81 -8.16 -3.60 -2.42
CA VAL A 81 -7.25 -2.75 -1.64
C VAL A 81 -6.69 -3.57 -0.46
N ARG A 82 -5.35 -3.64 -0.38
CA ARG A 82 -4.63 -4.39 0.68
C ARG A 82 -3.95 -3.41 1.64
N LYS A 83 -4.12 -3.63 2.96
CA LYS A 83 -3.43 -2.84 4.00
C LYS A 83 -2.17 -3.59 4.44
N VAL A 84 -1.03 -2.92 4.27
CA VAL A 84 0.28 -3.42 4.67
C VAL A 84 0.90 -2.43 5.67
N THR A 85 0.61 -2.64 6.95
CA THR A 85 1.07 -1.74 8.02
C THR A 85 2.42 -2.19 8.59
N ASP A 86 2.70 -3.49 8.45
CA ASP A 86 3.88 -4.15 9.01
C ASP A 86 4.76 -4.71 7.89
N GLU A 87 6.06 -4.85 8.20
CA GLU A 87 7.09 -5.35 7.27
C GLU A 87 6.78 -6.75 6.73
N ASP A 88 6.34 -7.67 7.62
CA ASP A 88 6.06 -9.09 7.26
C ASP A 88 5.00 -9.17 6.14
N GLN A 89 3.99 -8.28 6.20
CA GLN A 89 2.93 -8.18 5.17
C GLN A 89 3.54 -7.79 3.80
N ALA A 90 4.51 -6.84 3.84
CA ALA A 90 5.20 -6.32 2.64
C ALA A 90 6.09 -7.39 1.99
N LYS A 91 6.60 -8.31 2.81
CA LYS A 91 7.44 -9.43 2.35
C LYS A 91 6.59 -10.57 1.76
N GLN A 92 5.38 -10.79 2.31
CA GLN A 92 4.49 -11.89 1.88
C GLN A 92 3.75 -11.54 0.58
N ILE A 93 3.36 -10.25 0.42
CA ILE A 93 2.73 -9.78 -0.82
C ILE A 93 3.66 -9.92 -2.03
N LEU A 94 4.99 -9.88 -1.80
CA LEU A 94 6.00 -10.18 -2.85
C LEU A 94 5.70 -11.53 -3.54
N GLU A 95 5.34 -12.56 -2.74
CA GLU A 95 4.97 -13.90 -3.25
C GLU A 95 3.47 -13.95 -3.68
N ASP A 96 2.65 -13.11 -3.02
CA ASP A 96 1.16 -13.11 -3.17
C ASP A 96 0.75 -12.80 -4.62
N LEU A 97 1.37 -11.74 -5.16
CA LEU A 97 1.09 -11.27 -6.52
C LEU A 97 1.63 -12.26 -7.58
N LYS A 98 2.60 -13.12 -7.16
CA LYS A 98 3.22 -14.15 -8.04
C LYS A 98 2.31 -15.38 -8.14
N LYS A 99 1.57 -15.67 -7.04
CA LYS A 99 0.53 -16.73 -7.02
C LYS A 99 -0.55 -16.44 -8.07
N LYS A 100 -0.86 -15.15 -8.26
CA LYS A 100 -1.91 -14.69 -9.18
C LYS A 100 -1.55 -14.98 -10.64
N GLY A 101 -0.25 -15.03 -10.94
CA GLY A 101 0.22 -15.48 -12.26
C GLY A 101 0.36 -17.00 -12.30
N SER A 102 1.06 -17.54 -11.31
CA SER A 102 1.39 -18.97 -11.21
C SER A 102 0.52 -19.65 -10.13
N LEU A 103 -0.63 -20.21 -10.56
CA LEU A 103 -1.56 -20.95 -9.68
C LEU A 103 -1.17 -22.45 -9.56
N GLU A 104 0.15 -22.72 -9.68
CA GLU A 104 0.72 -24.07 -9.50
C GLU A 104 0.65 -24.50 -8.03
N HIS A 105 1.00 -25.77 -7.75
CA HIS A 105 1.23 -26.23 -6.37
C HIS A 105 2.53 -25.57 -5.87
N HIS A 106 2.39 -24.53 -5.00
CA HIS A 106 3.51 -23.77 -4.44
C HIS A 106 4.48 -24.76 -3.73
N HIS A 107 5.63 -25.01 -4.38
CA HIS A 107 6.54 -26.11 -4.01
C HIS A 107 7.56 -25.67 -2.95
N HIS A 108 7.23 -25.88 -1.65
CA HIS A 108 8.18 -25.87 -0.50
C HIS A 108 9.23 -24.72 -0.60
N HIS A 109 8.82 -23.48 -0.27
CA HIS A 109 9.72 -22.30 -0.42
C HIS A 109 10.89 -22.40 0.58
N HIS A 110 10.59 -23.01 1.75
CA HIS A 110 11.58 -23.31 2.80
C HIS A 110 10.86 -24.12 3.92
N MET A 1 -10.62 -8.26 -12.52
CA MET A 1 -9.58 -8.80 -11.60
C MET A 1 -8.17 -8.42 -12.10
N GLY A 2 -7.22 -8.27 -11.16
CA GLY A 2 -5.87 -7.77 -11.47
C GLY A 2 -5.71 -6.30 -11.11
N SER A 3 -6.83 -5.55 -11.20
CA SER A 3 -6.89 -4.15 -10.77
C SER A 3 -6.77 -4.06 -9.24
N LYS A 4 -5.59 -3.67 -8.78
CA LYS A 4 -5.28 -3.60 -7.36
C LYS A 4 -4.28 -2.47 -7.12
N ILE A 5 -4.47 -1.76 -6.00
CA ILE A 5 -3.47 -0.81 -5.50
C ILE A 5 -3.08 -1.25 -4.09
N ILE A 6 -1.80 -1.07 -3.74
CA ILE A 6 -1.25 -1.51 -2.46
C ILE A 6 -0.88 -0.30 -1.63
N VAL A 7 -1.67 -0.01 -0.59
CA VAL A 7 -1.33 1.00 0.39
C VAL A 7 -0.33 0.40 1.40
N ILE A 8 0.82 1.09 1.57
CA ILE A 8 1.84 0.69 2.53
C ILE A 8 2.00 1.79 3.58
N ILE A 9 1.97 1.37 4.83
CA ILE A 9 1.99 2.21 6.00
C ILE A 9 3.46 2.30 6.44
N SER A 10 4.16 3.33 5.95
CA SER A 10 5.62 3.46 6.10
C SER A 10 5.94 4.44 7.23
N SER A 11 6.71 3.94 8.20
CA SER A 11 7.30 4.73 9.29
C SER A 11 8.73 4.24 9.49
N ASP A 12 9.70 5.15 9.31
CA ASP A 12 11.14 4.90 9.51
C ASP A 12 11.78 4.04 8.39
N ASP A 13 11.60 2.70 8.46
CA ASP A 13 12.38 1.71 7.65
C ASP A 13 12.14 1.85 6.14
N THR A 14 13.25 1.72 5.39
CA THR A 14 13.29 1.90 3.93
C THR A 14 13.03 0.58 3.18
N THR A 15 13.10 -0.56 3.88
CA THR A 15 12.78 -1.88 3.28
C THR A 15 11.32 -1.95 2.80
N LEU A 16 10.42 -1.19 3.45
CA LEU A 16 8.99 -1.11 3.03
C LEU A 16 8.87 -0.35 1.70
N GLU A 17 9.81 0.59 1.48
CA GLU A 17 9.91 1.43 0.27
C GLU A 17 10.49 0.61 -0.89
N GLU A 18 11.47 -0.27 -0.54
CA GLU A 18 12.09 -1.20 -1.50
C GLU A 18 11.04 -2.17 -2.04
N LEU A 19 10.42 -2.90 -1.10
CA LEU A 19 9.36 -3.89 -1.38
C LEU A 19 8.22 -3.23 -2.19
N ALA A 20 7.86 -1.99 -1.84
CA ALA A 20 6.84 -1.18 -2.54
C ALA A 20 7.13 -1.06 -4.05
N ARG A 21 8.38 -0.71 -4.37
CA ARG A 21 8.86 -0.51 -5.74
C ARG A 21 8.92 -1.85 -6.52
N LYS A 22 9.06 -2.97 -5.79
CA LYS A 22 9.07 -4.33 -6.38
C LYS A 22 7.64 -4.88 -6.59
N ILE A 23 6.70 -4.56 -5.67
CA ILE A 23 5.27 -4.99 -5.76
C ILE A 23 4.64 -4.52 -7.08
N LYS A 24 4.78 -3.20 -7.35
CA LYS A 24 4.15 -2.55 -8.50
C LYS A 24 4.60 -3.15 -9.86
N ASP A 25 5.79 -3.80 -9.86
CA ASP A 25 6.37 -4.42 -11.09
C ASP A 25 5.45 -5.53 -11.66
N GLU A 26 4.59 -6.12 -10.79
CA GLU A 26 3.61 -7.15 -11.19
C GLU A 26 2.45 -6.56 -12.07
N GLY A 27 2.48 -5.24 -12.31
CA GLY A 27 1.53 -4.58 -13.22
C GLY A 27 0.42 -3.85 -12.47
N LEU A 28 0.71 -3.42 -11.23
CA LEU A 28 -0.24 -2.65 -10.39
C LEU A 28 0.43 -1.38 -9.85
N GLU A 29 -0.33 -0.55 -9.13
CA GLU A 29 0.19 0.68 -8.51
C GLU A 29 0.32 0.51 -6.99
N VAL A 30 1.25 1.26 -6.38
CA VAL A 30 1.45 1.28 -4.92
C VAL A 30 1.23 2.73 -4.40
N TYR A 31 0.35 2.82 -3.39
CA TYR A 31 0.09 4.03 -2.62
C TYR A 31 0.80 3.89 -1.27
N ILE A 32 1.15 5.00 -0.64
CA ILE A 32 1.78 4.99 0.70
C ILE A 32 0.93 5.86 1.64
N LEU A 33 0.66 5.37 2.85
CA LEU A 33 0.15 6.18 3.96
C LEU A 33 1.30 6.42 4.95
N LEU A 34 1.73 7.68 5.05
CA LEU A 34 2.86 8.07 5.89
C LEU A 34 2.33 8.58 7.24
N LYS A 35 2.78 7.93 8.32
CA LYS A 35 2.54 8.36 9.70
C LYS A 35 3.80 8.05 10.51
N ASP A 36 4.44 9.11 11.03
CA ASP A 36 5.73 9.02 11.72
C ASP A 36 5.69 9.84 13.02
N LYS A 37 6.64 9.57 13.93
CA LYS A 37 6.74 10.25 15.25
C LYS A 37 7.14 11.72 15.10
N ASP A 38 7.83 12.04 14.01
CA ASP A 38 8.23 13.40 13.65
C ASP A 38 7.50 13.81 12.36
N GLU A 39 6.59 14.78 12.47
CA GLU A 39 5.98 15.47 11.30
C GLU A 39 7.05 16.09 10.38
N LYS A 40 8.20 16.48 11.00
CA LYS A 40 9.39 16.98 10.29
C LYS A 40 9.89 15.95 9.25
N ARG A 41 10.20 14.74 9.75
CA ARG A 41 10.76 13.65 8.93
C ARG A 41 9.68 13.05 8.02
N LEU A 42 8.42 13.07 8.49
CA LEU A 42 7.25 12.61 7.74
C LEU A 42 7.11 13.39 6.43
N GLU A 43 7.16 14.73 6.54
CA GLU A 43 7.00 15.68 5.43
C GLU A 43 8.05 15.42 4.32
N GLU A 44 9.31 15.25 4.74
CA GLU A 44 10.43 14.96 3.83
C GLU A 44 10.21 13.60 3.14
N LYS A 45 9.81 12.61 3.96
CA LYS A 45 9.65 11.20 3.55
C LYS A 45 8.60 11.05 2.44
N ILE A 46 7.48 11.81 2.55
CA ILE A 46 6.41 11.85 1.53
C ILE A 46 7.01 12.25 0.16
N GLN A 47 7.81 13.33 0.15
CA GLN A 47 8.39 13.89 -1.08
C GLN A 47 9.50 13.00 -1.67
N LYS A 48 10.17 12.20 -0.80
CA LYS A 48 11.21 11.23 -1.23
C LYS A 48 10.56 10.05 -1.96
N LEU A 49 9.41 9.62 -1.43
CA LEU A 49 8.62 8.50 -1.99
C LEU A 49 7.94 8.93 -3.30
N LYS A 50 7.43 10.17 -3.35
CA LYS A 50 6.84 10.74 -4.57
C LYS A 50 7.91 10.92 -5.66
N SER A 51 9.15 11.22 -5.24
CA SER A 51 10.33 11.22 -6.12
C SER A 51 10.57 9.80 -6.71
N GLN A 52 10.43 8.77 -5.85
CA GLN A 52 10.51 7.34 -6.27
C GLN A 52 9.27 6.92 -7.08
N GLY A 53 8.20 7.74 -7.06
CA GLY A 53 6.98 7.53 -7.85
C GLY A 53 5.91 6.79 -7.08
N PHE A 54 5.57 7.31 -5.88
CA PHE A 54 4.50 6.74 -5.03
C PHE A 54 3.44 7.80 -4.71
N GLU A 55 2.16 7.38 -4.66
CA GLU A 55 1.04 8.25 -4.30
C GLU A 55 0.89 8.27 -2.77
N VAL A 56 1.63 9.19 -2.14
CA VAL A 56 1.78 9.23 -0.68
C VAL A 56 0.79 10.25 -0.07
N ARG A 57 0.08 9.81 0.96
CA ARG A 57 -0.92 10.60 1.69
C ARG A 57 -0.67 10.42 3.18
N LYS A 58 -0.82 11.50 3.95
CA LYS A 58 -0.56 11.49 5.40
C LYS A 58 -1.83 11.04 6.16
N VAL A 59 -1.63 10.20 7.19
CA VAL A 59 -2.70 9.73 8.08
C VAL A 59 -2.18 9.77 9.53
N LYS A 60 -3.04 9.40 10.49
CA LYS A 60 -2.68 9.34 11.92
C LYS A 60 -2.47 7.89 12.39
N ASP A 61 -3.58 7.20 12.63
CA ASP A 61 -3.60 5.87 13.29
C ASP A 61 -4.31 4.88 12.36
N ASP A 62 -4.37 3.58 12.75
CA ASP A 62 -5.02 2.53 11.92
C ASP A 62 -6.56 2.68 11.95
N ASP A 63 -7.05 3.49 12.91
CA ASP A 63 -8.43 4.00 12.92
C ASP A 63 -8.70 4.76 11.60
N ASP A 64 -7.77 5.66 11.25
CA ASP A 64 -7.81 6.47 10.02
C ASP A 64 -7.46 5.61 8.79
N ILE A 65 -6.43 4.75 8.94
CA ILE A 65 -5.87 3.94 7.83
C ILE A 65 -6.91 2.94 7.28
N ASP A 66 -7.47 2.10 8.18
CA ASP A 66 -8.46 1.05 7.80
C ASP A 66 -9.70 1.67 7.13
N LYS A 67 -10.05 2.86 7.62
CA LYS A 67 -11.20 3.65 7.18
C LYS A 67 -10.88 4.37 5.82
N TRP A 68 -9.59 4.71 5.65
CA TRP A 68 -9.07 5.37 4.42
C TRP A 68 -9.10 4.39 3.24
N ILE A 69 -8.69 3.14 3.49
CA ILE A 69 -8.68 2.07 2.46
C ILE A 69 -10.12 1.61 2.17
N ASP A 70 -10.93 1.55 3.25
CA ASP A 70 -12.37 1.17 3.18
C ASP A 70 -13.13 2.07 2.20
N LYS A 71 -12.85 3.39 2.27
CA LYS A 71 -13.54 4.37 1.40
C LYS A 71 -13.02 4.30 -0.04
N ILE A 72 -11.71 4.02 -0.24
CA ILE A 72 -11.14 3.87 -1.61
C ILE A 72 -11.84 2.70 -2.35
N LYS A 73 -12.12 1.61 -1.60
CA LYS A 73 -12.74 0.39 -2.16
C LYS A 73 -14.24 0.58 -2.51
N LYS A 74 -14.93 1.50 -1.80
CA LYS A 74 -16.38 1.72 -2.03
C LYS A 74 -16.62 2.79 -3.12
N GLU A 75 -15.75 3.84 -3.13
CA GLU A 75 -15.78 4.92 -4.13
C GLU A 75 -15.26 4.40 -5.47
N ARG A 76 -14.22 3.55 -5.38
CA ARG A 76 -13.56 2.94 -6.55
C ARG A 76 -13.63 1.39 -6.41
N PRO A 77 -14.81 0.75 -6.74
CA PRO A 77 -14.96 -0.72 -6.68
C PRO A 77 -14.37 -1.44 -7.91
N GLN A 78 -13.62 -0.68 -8.74
CA GLN A 78 -12.88 -1.22 -9.90
C GLN A 78 -11.61 -1.92 -9.40
N LEU A 79 -10.90 -1.26 -8.48
CA LEU A 79 -9.64 -1.77 -7.91
C LEU A 79 -9.83 -2.17 -6.45
N GLU A 80 -9.24 -3.31 -6.07
CA GLU A 80 -9.18 -3.79 -4.67
C GLU A 80 -7.91 -3.20 -4.02
N VAL A 81 -7.93 -3.01 -2.69
CA VAL A 81 -6.85 -2.34 -1.97
C VAL A 81 -6.40 -3.22 -0.78
N ARG A 82 -5.09 -3.22 -0.50
CA ARG A 82 -4.48 -3.94 0.62
C ARG A 82 -3.62 -2.97 1.47
N LYS A 83 -3.82 -3.01 2.79
CA LYS A 83 -2.98 -2.31 3.78
C LYS A 83 -1.74 -3.16 4.09
N VAL A 84 -0.58 -2.52 4.18
CA VAL A 84 0.70 -3.17 4.55
C VAL A 84 1.38 -2.36 5.66
N THR A 85 1.14 -2.73 6.92
CA THR A 85 1.67 -1.98 8.09
C THR A 85 3.14 -2.36 8.39
N ASP A 86 3.50 -3.62 8.10
CA ASP A 86 4.84 -4.16 8.36
C ASP A 86 5.53 -4.61 7.06
N GLU A 87 6.87 -4.68 7.14
CA GLU A 87 7.74 -5.21 6.07
C GLU A 87 7.28 -6.59 5.58
N ASP A 88 6.97 -7.49 6.54
CA ASP A 88 6.58 -8.87 6.23
C ASP A 88 5.28 -8.93 5.44
N GLN A 89 4.38 -7.96 5.67
CA GLN A 89 3.08 -7.90 4.97
C GLN A 89 3.29 -7.58 3.48
N ALA A 90 4.30 -6.73 3.19
CA ALA A 90 4.74 -6.43 1.81
C ALA A 90 5.39 -7.67 1.17
N LYS A 91 6.09 -8.47 1.99
CA LYS A 91 6.70 -9.73 1.55
C LYS A 91 5.63 -10.80 1.23
N GLN A 92 4.58 -10.86 2.09
CA GLN A 92 3.52 -11.86 1.96
C GLN A 92 2.72 -11.63 0.68
N ILE A 93 2.34 -10.36 0.43
CA ILE A 93 1.60 -9.99 -0.80
C ILE A 93 2.46 -10.15 -2.08
N LEU A 94 3.81 -10.02 -1.97
CA LEU A 94 4.71 -10.38 -3.09
C LEU A 94 4.49 -11.86 -3.49
N GLU A 95 4.54 -12.74 -2.48
CA GLU A 95 4.29 -14.20 -2.62
C GLU A 95 2.82 -14.49 -3.01
N ASP A 96 1.92 -13.57 -2.63
CA ASP A 96 0.46 -13.70 -2.82
C ASP A 96 0.07 -13.33 -4.26
N LEU A 97 0.86 -12.45 -4.89
CA LEU A 97 0.70 -12.07 -6.30
C LEU A 97 1.32 -13.15 -7.21
N LYS A 98 2.16 -14.05 -6.63
CA LYS A 98 2.71 -15.21 -7.35
C LYS A 98 1.70 -16.40 -7.28
N LYS A 99 1.11 -16.59 -6.08
CA LYS A 99 0.02 -17.58 -5.85
C LYS A 99 -1.22 -17.16 -6.66
N LYS A 100 -1.47 -15.82 -6.67
CA LYS A 100 -2.56 -15.11 -7.39
C LYS A 100 -3.97 -15.74 -7.30
N GLY A 101 -4.18 -16.93 -7.89
CA GLY A 101 -5.47 -17.63 -7.87
C GLY A 101 -5.88 -18.12 -6.49
N SER A 102 -6.51 -17.23 -5.72
CA SER A 102 -7.14 -17.56 -4.42
C SER A 102 -8.46 -18.33 -4.64
N LEU A 103 -8.96 -18.31 -5.91
CA LEU A 103 -10.18 -19.03 -6.36
C LEU A 103 -11.45 -18.51 -5.65
N GLU A 104 -11.36 -17.29 -5.10
CA GLU A 104 -12.44 -16.64 -4.35
C GLU A 104 -12.75 -15.25 -4.97
N HIS A 105 -13.59 -15.27 -6.00
CA HIS A 105 -14.19 -14.08 -6.61
C HIS A 105 -15.56 -14.49 -7.15
N HIS A 106 -15.55 -15.60 -7.91
CA HIS A 106 -16.76 -16.37 -8.24
C HIS A 106 -16.65 -17.74 -7.53
N HIS A 107 -17.18 -17.81 -6.29
CA HIS A 107 -17.07 -19.04 -5.47
C HIS A 107 -17.86 -20.21 -6.10
N HIS A 108 -18.81 -19.89 -7.00
CA HIS A 108 -19.47 -20.89 -7.85
C HIS A 108 -18.48 -21.44 -8.90
N HIS A 109 -17.68 -22.41 -8.45
CA HIS A 109 -16.82 -23.27 -9.27
C HIS A 109 -16.80 -24.66 -8.61
N HIS A 110 -17.89 -24.95 -7.87
CA HIS A 110 -18.07 -26.14 -7.05
C HIS A 110 -19.58 -26.43 -6.98
N MET A 1 -8.45 0.39 -16.72
CA MET A 1 -7.90 -0.91 -16.34
C MET A 1 -8.45 -1.31 -14.96
N GLY A 2 -9.02 -2.53 -14.85
CA GLY A 2 -9.39 -3.12 -13.56
C GLY A 2 -8.16 -3.41 -12.72
N SER A 3 -7.70 -2.39 -11.99
CA SER A 3 -6.43 -2.40 -11.27
C SER A 3 -6.57 -3.07 -9.89
N LYS A 4 -5.45 -3.56 -9.37
CA LYS A 4 -5.26 -3.83 -7.93
C LYS A 4 -4.38 -2.71 -7.40
N ILE A 5 -4.49 -2.40 -6.11
CA ILE A 5 -3.55 -1.50 -5.44
C ILE A 5 -3.12 -2.09 -4.11
N ILE A 6 -1.89 -1.79 -3.71
CA ILE A 6 -1.34 -2.17 -2.42
C ILE A 6 -1.04 -0.91 -1.64
N VAL A 7 -1.57 -0.84 -0.42
CA VAL A 7 -1.34 0.27 0.50
C VAL A 7 -0.37 -0.19 1.57
N ILE A 8 0.82 0.42 1.61
CA ILE A 8 1.89 0.05 2.54
C ILE A 8 1.97 1.12 3.63
N ILE A 9 1.78 0.66 4.86
CA ILE A 9 1.77 1.48 6.06
C ILE A 9 3.23 1.61 6.53
N SER A 10 3.91 2.65 6.05
CA SER A 10 5.35 2.80 6.22
C SER A 10 5.67 3.51 7.54
N SER A 11 6.26 2.75 8.46
CA SER A 11 6.80 3.23 9.74
C SER A 11 8.22 3.83 9.51
N ASP A 12 9.14 3.66 10.50
CA ASP A 12 10.54 4.10 10.38
C ASP A 12 11.34 3.14 9.48
N ASP A 13 10.89 1.87 9.41
CA ASP A 13 11.54 0.82 8.61
C ASP A 13 11.54 1.17 7.09
N THR A 14 12.71 1.08 6.45
CA THR A 14 12.88 1.42 5.03
C THR A 14 12.63 0.20 4.11
N THR A 15 12.68 -1.03 4.64
CA THR A 15 12.44 -2.26 3.85
C THR A 15 11.04 -2.24 3.16
N LEU A 16 10.09 -1.57 3.82
CA LEU A 16 8.71 -1.36 3.31
C LEU A 16 8.71 -0.63 1.94
N GLU A 17 9.37 0.55 1.92
CA GLU A 17 9.41 1.46 0.75
C GLU A 17 10.35 0.95 -0.35
N GLU A 18 11.34 0.12 0.04
CA GLU A 18 12.26 -0.56 -0.90
C GLU A 18 11.50 -1.63 -1.71
N LEU A 19 10.78 -2.51 -0.96
CA LEU A 19 9.96 -3.59 -1.54
C LEU A 19 8.80 -3.03 -2.38
N ALA A 20 8.28 -1.85 -1.96
CA ALA A 20 7.09 -1.18 -2.57
C ALA A 20 7.14 -1.13 -4.11
N ARG A 21 8.35 -0.93 -4.66
CA ARG A 21 8.56 -0.87 -6.11
C ARG A 21 8.42 -2.26 -6.75
N LYS A 22 9.00 -3.30 -6.10
CA LYS A 22 8.95 -4.70 -6.59
C LYS A 22 7.49 -5.17 -6.74
N ILE A 23 6.62 -4.73 -5.82
CA ILE A 23 5.17 -4.98 -5.91
C ILE A 23 4.60 -4.38 -7.22
N LYS A 24 4.78 -3.05 -7.44
CA LYS A 24 4.14 -2.35 -8.58
C LYS A 24 4.67 -2.79 -9.96
N ASP A 25 5.88 -3.41 -9.99
CA ASP A 25 6.44 -4.01 -11.20
C ASP A 25 5.61 -5.23 -11.70
N GLU A 26 4.66 -5.73 -10.88
CA GLU A 26 3.66 -6.75 -11.31
C GLU A 26 2.59 -6.14 -12.23
N GLY A 27 2.50 -4.79 -12.25
CA GLY A 27 1.59 -4.07 -13.17
C GLY A 27 0.44 -3.39 -12.46
N LEU A 28 0.64 -3.04 -11.18
CA LEU A 28 -0.39 -2.35 -10.36
C LEU A 28 0.22 -1.09 -9.71
N GLU A 29 -0.59 -0.30 -8.99
CA GLU A 29 -0.12 0.90 -8.27
C GLU A 29 0.06 0.62 -6.78
N VAL A 30 0.99 1.36 -6.13
CA VAL A 30 1.23 1.28 -4.68
C VAL A 30 1.01 2.68 -4.06
N TYR A 31 0.13 2.71 -3.04
CA TYR A 31 -0.15 3.91 -2.25
C TYR A 31 0.55 3.73 -0.90
N ILE A 32 1.36 4.70 -0.48
CA ILE A 32 2.07 4.61 0.81
C ILE A 32 1.34 5.49 1.84
N LEU A 33 1.01 4.92 3.02
CA LEU A 33 0.52 5.71 4.15
C LEU A 33 1.66 5.93 5.14
N LEU A 34 2.15 7.17 5.16
CA LEU A 34 3.30 7.56 5.96
C LEU A 34 2.85 7.92 7.38
N LYS A 35 3.49 7.31 8.39
CA LYS A 35 3.26 7.63 9.81
C LYS A 35 4.62 7.85 10.51
N ASP A 36 4.81 9.03 11.09
CA ASP A 36 6.00 9.39 11.89
C ASP A 36 5.54 10.12 13.17
N LYS A 37 6.44 10.24 14.17
CA LYS A 37 6.14 10.93 15.45
C LYS A 37 6.02 12.46 15.24
N ASP A 38 6.58 12.95 14.13
CA ASP A 38 6.53 14.37 13.76
C ASP A 38 6.02 14.49 12.31
N GLU A 39 4.91 15.23 12.14
CA GLU A 39 4.20 15.43 10.85
C GLU A 39 5.11 15.97 9.72
N LYS A 40 6.12 16.79 10.07
CA LYS A 40 6.99 17.42 9.05
C LYS A 40 8.07 16.44 8.59
N ARG A 41 8.58 15.62 9.53
CA ARG A 41 9.52 14.54 9.22
C ARG A 41 8.85 13.45 8.35
N LEU A 42 7.59 13.17 8.70
CA LEU A 42 6.65 12.33 7.94
C LEU A 42 6.55 12.83 6.48
N GLU A 43 6.41 14.16 6.33
CA GLU A 43 6.13 14.83 5.05
C GLU A 43 7.37 14.84 4.12
N GLU A 44 8.59 14.89 4.70
CA GLU A 44 9.86 14.85 3.92
C GLU A 44 9.98 13.50 3.21
N LYS A 45 9.61 12.43 3.94
CA LYS A 45 9.62 11.06 3.41
C LYS A 45 8.54 10.89 2.32
N ILE A 46 7.40 11.61 2.47
CA ILE A 46 6.34 11.65 1.44
C ILE A 46 6.93 12.17 0.10
N GLN A 47 7.78 13.22 0.20
CA GLN A 47 8.43 13.84 -0.98
C GLN A 47 9.42 12.87 -1.64
N LYS A 48 10.15 12.11 -0.81
CA LYS A 48 11.12 11.10 -1.27
C LYS A 48 10.45 10.00 -2.12
N LEU A 49 9.30 9.52 -1.62
CA LEU A 49 8.58 8.41 -2.24
C LEU A 49 7.73 8.86 -3.44
N LYS A 50 7.22 10.11 -3.42
CA LYS A 50 6.51 10.72 -4.58
C LYS A 50 7.47 10.92 -5.76
N SER A 51 8.73 11.31 -5.45
CA SER A 51 9.81 11.43 -6.44
C SER A 51 10.11 10.05 -7.09
N GLN A 52 9.95 8.97 -6.31
CA GLN A 52 10.09 7.57 -6.78
C GLN A 52 8.83 7.08 -7.52
N GLY A 53 7.73 7.85 -7.43
CA GLY A 53 6.51 7.58 -8.20
C GLY A 53 5.46 6.79 -7.43
N PHE A 54 5.46 6.91 -6.10
CA PHE A 54 4.45 6.29 -5.22
C PHE A 54 3.42 7.35 -4.82
N GLU A 55 2.12 6.99 -4.81
CA GLU A 55 1.05 7.88 -4.35
C GLU A 55 0.97 7.85 -2.82
N VAL A 56 1.72 8.75 -2.18
CA VAL A 56 1.87 8.77 -0.72
C VAL A 56 0.92 9.79 -0.11
N ARG A 57 0.24 9.40 0.95
CA ARG A 57 -0.71 10.25 1.66
C ARG A 57 -0.40 10.27 3.17
N LYS A 58 -0.84 11.35 3.81
CA LYS A 58 -0.61 11.61 5.22
C LYS A 58 -1.83 11.08 6.01
N VAL A 59 -1.58 10.33 7.10
CA VAL A 59 -2.61 9.88 8.05
C VAL A 59 -2.25 10.35 9.46
N LYS A 60 -3.28 10.59 10.29
CA LYS A 60 -3.09 11.03 11.69
C LYS A 60 -2.70 9.84 12.59
N ASP A 61 -3.23 8.64 12.25
CA ASP A 61 -2.93 7.40 12.99
C ASP A 61 -3.50 6.17 12.24
N ASP A 62 -3.42 4.98 12.89
CA ASP A 62 -3.82 3.69 12.32
C ASP A 62 -5.37 3.54 12.22
N ASP A 63 -6.07 4.10 13.21
CA ASP A 63 -7.56 4.22 13.20
C ASP A 63 -8.04 5.02 11.95
N ASP A 64 -7.22 6.00 11.54
CA ASP A 64 -7.44 6.80 10.32
C ASP A 64 -7.15 5.98 9.05
N ILE A 65 -6.14 5.10 9.14
CA ILE A 65 -5.73 4.18 8.05
C ILE A 65 -6.87 3.24 7.60
N ASP A 66 -7.60 2.63 8.56
CA ASP A 66 -8.77 1.75 8.24
C ASP A 66 -9.84 2.54 7.44
N LYS A 67 -10.13 3.77 7.91
CA LYS A 67 -11.04 4.70 7.24
C LYS A 67 -10.52 5.10 5.83
N TRP A 68 -9.17 5.17 5.72
CA TRP A 68 -8.50 5.56 4.47
C TRP A 68 -8.71 4.49 3.38
N ILE A 69 -8.54 3.22 3.76
CA ILE A 69 -8.70 2.09 2.83
C ILE A 69 -10.19 1.94 2.43
N ASP A 70 -11.08 2.11 3.42
CA ASP A 70 -12.54 2.00 3.23
C ASP A 70 -13.06 3.06 2.24
N LYS A 71 -12.52 4.30 2.34
CA LYS A 71 -12.92 5.40 1.44
C LYS A 71 -12.38 5.19 0.02
N ILE A 72 -11.19 4.55 -0.13
CA ILE A 72 -10.58 4.29 -1.45
C ILE A 72 -11.40 3.25 -2.24
N LYS A 73 -11.90 2.22 -1.52
CA LYS A 73 -12.78 1.20 -2.12
C LYS A 73 -14.14 1.82 -2.52
N LYS A 74 -14.54 2.89 -1.81
CA LYS A 74 -15.84 3.56 -1.99
C LYS A 74 -15.79 4.57 -3.15
N GLU A 75 -14.67 5.30 -3.27
CA GLU A 75 -14.45 6.28 -4.35
C GLU A 75 -14.07 5.56 -5.65
N ARG A 76 -13.26 4.50 -5.49
CA ARG A 76 -12.70 3.71 -6.60
C ARG A 76 -13.11 2.22 -6.39
N PRO A 77 -14.35 1.81 -6.84
CA PRO A 77 -14.87 0.44 -6.63
C PRO A 77 -14.43 -0.56 -7.70
N GLN A 78 -13.58 -0.12 -8.63
CA GLN A 78 -13.03 -0.97 -9.70
C GLN A 78 -11.59 -1.41 -9.37
N LEU A 79 -11.22 -1.34 -8.07
CA LEU A 79 -9.96 -1.91 -7.57
C LEU A 79 -10.13 -2.52 -6.17
N GLU A 80 -9.23 -3.44 -5.84
CA GLU A 80 -9.10 -4.07 -4.53
C GLU A 80 -7.93 -3.43 -3.77
N VAL A 81 -8.03 -3.35 -2.43
CA VAL A 81 -7.03 -2.69 -1.57
C VAL A 81 -6.51 -3.66 -0.50
N ARG A 82 -5.18 -3.77 -0.40
CA ARG A 82 -4.49 -4.58 0.62
C ARG A 82 -3.74 -3.63 1.58
N LYS A 83 -3.76 -3.91 2.89
CA LYS A 83 -2.94 -3.17 3.88
C LYS A 83 -1.68 -4.00 4.19
N VAL A 84 -0.50 -3.35 4.15
CA VAL A 84 0.81 -3.98 4.47
C VAL A 84 1.49 -3.20 5.59
N THR A 85 1.42 -3.73 6.82
CA THR A 85 1.99 -3.07 8.00
C THR A 85 3.47 -3.43 8.14
N ASP A 86 3.77 -4.74 8.18
CA ASP A 86 5.15 -5.25 8.35
C ASP A 86 5.84 -5.39 6.98
N GLU A 87 7.18 -5.27 6.96
CA GLU A 87 7.99 -5.53 5.75
C GLU A 87 7.88 -7.03 5.36
N ASP A 88 7.65 -7.88 6.39
CA ASP A 88 7.34 -9.32 6.24
C ASP A 88 6.10 -9.55 5.35
N GLN A 89 5.11 -8.65 5.50
CA GLN A 89 3.87 -8.69 4.72
C GLN A 89 4.13 -8.20 3.28
N ALA A 90 5.08 -7.27 3.11
CA ALA A 90 5.53 -6.78 1.79
C ALA A 90 6.32 -7.86 1.02
N LYS A 91 7.02 -8.72 1.79
CA LYS A 91 7.75 -9.88 1.24
C LYS A 91 6.75 -11.01 0.88
N GLN A 92 5.65 -11.10 1.67
CA GLN A 92 4.60 -12.11 1.50
C GLN A 92 3.79 -11.87 0.22
N ILE A 93 3.28 -10.63 0.05
CA ILE A 93 2.46 -10.25 -1.12
C ILE A 93 3.22 -10.41 -2.45
N LEU A 94 4.57 -10.33 -2.42
CA LEU A 94 5.41 -10.66 -3.58
C LEU A 94 5.08 -12.09 -4.11
N GLU A 95 4.90 -13.04 -3.17
CA GLU A 95 4.51 -14.45 -3.47
C GLU A 95 2.97 -14.61 -3.59
N ASP A 96 2.22 -13.70 -2.93
CA ASP A 96 0.74 -13.82 -2.76
C ASP A 96 0.00 -13.41 -4.05
N LEU A 97 0.59 -12.47 -4.81
CA LEU A 97 0.09 -12.10 -6.16
C LEU A 97 0.47 -13.20 -7.18
N LYS A 98 1.46 -14.05 -6.82
CA LYS A 98 1.92 -15.16 -7.70
C LYS A 98 0.99 -16.37 -7.55
N LYS A 99 0.33 -16.50 -6.37
CA LYS A 99 -0.76 -17.46 -6.16
C LYS A 99 -1.83 -17.27 -7.26
N LYS A 100 -2.51 -16.12 -7.19
CA LYS A 100 -3.43 -15.58 -8.22
C LYS A 100 -3.61 -14.07 -7.98
N GLY A 101 -4.40 -13.42 -8.85
CA GLY A 101 -4.88 -12.06 -8.60
C GLY A 101 -5.84 -12.02 -7.42
N SER A 102 -6.61 -13.09 -7.26
CA SER A 102 -7.43 -13.31 -6.06
C SER A 102 -6.57 -14.00 -4.99
N LEU A 103 -6.32 -13.27 -3.88
CA LEU A 103 -5.44 -13.72 -2.77
C LEU A 103 -6.08 -14.84 -1.92
N GLU A 104 -7.37 -15.15 -2.16
CA GLU A 104 -8.12 -16.15 -1.37
C GLU A 104 -9.06 -16.99 -2.28
N HIS A 105 -9.94 -17.79 -1.64
CA HIS A 105 -10.91 -18.68 -2.32
C HIS A 105 -12.19 -17.90 -2.72
N HIS A 106 -12.01 -16.81 -3.50
CA HIS A 106 -13.09 -16.06 -4.19
C HIS A 106 -14.24 -15.66 -3.24
N HIS A 107 -13.90 -15.05 -2.08
CA HIS A 107 -14.94 -14.54 -1.16
C HIS A 107 -15.40 -13.13 -1.56
N HIS A 108 -14.56 -12.41 -2.32
CA HIS A 108 -14.91 -11.07 -2.85
C HIS A 108 -15.51 -11.20 -4.26
N HIS A 109 -16.49 -10.33 -4.55
CA HIS A 109 -17.12 -10.18 -5.88
C HIS A 109 -17.94 -8.88 -5.87
N HIS A 110 -17.32 -7.83 -5.30
CA HIS A 110 -17.97 -6.61 -4.77
C HIS A 110 -18.48 -6.92 -3.34
N MET A 1 -6.20 -11.11 -11.69
CA MET A 1 -7.41 -11.16 -10.82
C MET A 1 -8.35 -10.01 -11.24
N GLY A 2 -7.79 -8.79 -11.23
CA GLY A 2 -8.45 -7.60 -11.74
C GLY A 2 -7.57 -6.38 -11.56
N SER A 3 -8.18 -5.18 -11.52
CA SER A 3 -7.49 -3.95 -11.11
C SER A 3 -7.14 -4.07 -9.62
N LYS A 4 -5.87 -3.81 -9.27
CA LYS A 4 -5.38 -3.93 -7.88
C LYS A 4 -4.59 -2.67 -7.51
N ILE A 5 -4.66 -2.32 -6.21
CA ILE A 5 -3.72 -1.37 -5.58
C ILE A 5 -3.31 -1.96 -4.22
N ILE A 6 -2.08 -1.70 -3.82
CA ILE A 6 -1.55 -2.11 -2.51
C ILE A 6 -1.25 -0.83 -1.71
N VAL A 7 -1.60 -0.86 -0.42
CA VAL A 7 -1.38 0.25 0.49
C VAL A 7 -0.43 -0.23 1.58
N ILE A 8 0.76 0.37 1.65
CA ILE A 8 1.82 -0.03 2.58
C ILE A 8 1.94 1.03 3.69
N ILE A 9 1.87 0.56 4.93
CA ILE A 9 1.86 1.36 6.14
C ILE A 9 3.32 1.49 6.58
N SER A 10 3.95 2.58 6.14
CA SER A 10 5.37 2.82 6.35
C SER A 10 5.58 3.56 7.69
N SER A 11 6.06 2.82 8.70
CA SER A 11 6.35 3.34 10.03
C SER A 11 7.81 3.01 10.40
N ASP A 12 8.67 4.03 10.36
CA ASP A 12 10.12 3.95 10.72
C ASP A 12 10.94 3.24 9.62
N ASP A 13 10.72 1.92 9.47
CA ASP A 13 11.46 1.06 8.54
C ASP A 13 11.30 1.48 7.05
N THR A 14 12.35 1.21 6.27
CA THR A 14 12.47 1.61 4.86
C THR A 14 12.22 0.42 3.88
N THR A 15 12.42 -0.83 4.37
CA THR A 15 12.27 -2.07 3.54
C THR A 15 10.80 -2.23 3.05
N LEU A 16 9.86 -1.66 3.82
CA LEU A 16 8.42 -1.59 3.46
C LEU A 16 8.23 -0.85 2.12
N GLU A 17 8.95 0.28 1.99
CA GLU A 17 8.90 1.18 0.82
C GLU A 17 9.75 0.60 -0.33
N GLU A 18 10.81 -0.16 0.04
CA GLU A 18 11.74 -0.81 -0.89
C GLU A 18 10.97 -1.86 -1.72
N LEU A 19 10.22 -2.71 -1.00
CA LEU A 19 9.41 -3.79 -1.58
C LEU A 19 8.24 -3.23 -2.42
N ALA A 20 7.76 -2.03 -2.04
CA ALA A 20 6.65 -1.32 -2.75
C ALA A 20 6.92 -1.16 -4.26
N ARG A 21 8.21 -0.92 -4.59
CA ARG A 21 8.69 -0.82 -5.99
C ARG A 21 8.52 -2.16 -6.74
N LYS A 22 8.76 -3.26 -6.02
CA LYS A 22 8.68 -4.64 -6.57
C LYS A 22 7.21 -5.05 -6.80
N ILE A 23 6.31 -4.68 -5.85
CA ILE A 23 4.87 -4.97 -5.95
C ILE A 23 4.28 -4.30 -7.23
N LYS A 24 4.44 -2.96 -7.35
CA LYS A 24 3.82 -2.17 -8.45
C LYS A 24 4.39 -2.53 -9.83
N ASP A 25 5.58 -3.15 -9.84
CA ASP A 25 6.26 -3.62 -11.08
C ASP A 25 5.37 -4.60 -11.90
N GLU A 26 4.39 -5.26 -11.23
CA GLU A 26 3.42 -6.17 -11.90
C GLU A 26 2.42 -5.40 -12.80
N GLY A 27 2.22 -4.10 -12.51
CA GLY A 27 1.33 -3.24 -13.28
C GLY A 27 0.17 -2.70 -12.46
N LEU A 28 0.44 -2.38 -11.19
CA LEU A 28 -0.54 -1.71 -10.29
C LEU A 28 0.09 -0.47 -9.65
N GLU A 29 -0.70 0.26 -8.84
CA GLU A 29 -0.22 1.42 -8.05
C GLU A 29 -0.03 1.01 -6.58
N VAL A 30 0.91 1.68 -5.88
CA VAL A 30 1.14 1.51 -4.43
C VAL A 30 0.99 2.87 -3.72
N TYR A 31 0.21 2.86 -2.62
CA TYR A 31 -0.07 4.02 -1.79
C TYR A 31 0.70 3.87 -0.47
N ILE A 32 1.68 4.76 -0.24
CA ILE A 32 2.50 4.72 0.97
C ILE A 32 1.87 5.63 2.02
N LEU A 33 1.53 5.07 3.20
CA LEU A 33 1.01 5.83 4.32
C LEU A 33 2.15 6.05 5.32
N LEU A 34 2.70 7.26 5.33
CA LEU A 34 3.85 7.62 6.16
C LEU A 34 3.28 8.08 7.51
N LYS A 35 3.64 7.37 8.59
CA LYS A 35 3.15 7.69 9.94
C LYS A 35 4.24 8.44 10.70
N ASP A 36 3.99 9.71 10.99
CA ASP A 36 4.90 10.55 11.77
C ASP A 36 4.10 11.44 12.74
N LYS A 37 4.77 11.99 13.76
CA LYS A 37 4.14 12.89 14.77
C LYS A 37 4.48 14.37 14.49
N ASP A 38 5.35 14.61 13.51
CA ASP A 38 5.88 15.96 13.19
C ASP A 38 5.58 16.31 11.73
N GLU A 39 5.98 17.52 11.28
CA GLU A 39 5.72 18.00 9.89
C GLU A 39 7.01 18.04 9.06
N LYS A 40 8.16 18.36 9.69
CA LYS A 40 9.44 18.59 8.97
C LYS A 40 9.99 17.28 8.37
N ARG A 41 10.24 16.29 9.25
CA ARG A 41 10.82 14.98 8.88
C ARG A 41 9.83 14.16 8.03
N LEU A 42 8.55 14.21 8.46
CA LEU A 42 7.42 13.63 7.70
C LEU A 42 7.41 14.08 6.23
N GLU A 43 7.35 15.41 6.01
CA GLU A 43 7.18 15.99 4.67
C GLU A 43 8.41 15.71 3.78
N GLU A 44 9.61 15.65 4.40
CA GLU A 44 10.85 15.31 3.68
C GLU A 44 10.72 13.90 3.10
N LYS A 45 10.46 12.94 4.01
CA LYS A 45 10.34 11.51 3.69
C LYS A 45 9.28 11.26 2.58
N ILE A 46 8.11 11.92 2.73
CA ILE A 46 7.00 11.86 1.75
C ILE A 46 7.50 12.26 0.34
N GLN A 47 8.19 13.41 0.25
CA GLN A 47 8.68 13.95 -1.05
C GLN A 47 9.79 13.07 -1.67
N LYS A 48 10.59 12.39 -0.82
CA LYS A 48 11.67 11.48 -1.29
C LYS A 48 11.05 10.27 -2.03
N LEU A 49 9.97 9.74 -1.44
CA LEU A 49 9.23 8.59 -1.98
C LEU A 49 8.41 8.98 -3.23
N LYS A 50 7.80 10.19 -3.20
CA LYS A 50 7.02 10.72 -4.34
C LYS A 50 7.93 11.02 -5.54
N SER A 51 9.18 11.41 -5.25
CA SER A 51 10.24 11.60 -6.26
C SER A 51 10.52 10.28 -7.03
N GLN A 52 10.43 9.14 -6.30
CA GLN A 52 10.56 7.78 -6.89
C GLN A 52 9.29 7.37 -7.66
N GLY A 53 8.19 8.11 -7.44
CA GLY A 53 6.90 7.87 -8.11
C GLY A 53 5.98 6.99 -7.29
N PHE A 54 5.73 7.40 -6.03
CA PHE A 54 4.77 6.74 -5.11
C PHE A 54 3.71 7.74 -4.64
N GLU A 55 2.45 7.27 -4.54
CA GLU A 55 1.33 8.06 -4.00
C GLU A 55 1.38 8.02 -2.46
N VAL A 56 2.17 8.93 -1.86
CA VAL A 56 2.40 8.98 -0.42
C VAL A 56 1.44 9.99 0.25
N ARG A 57 0.84 9.58 1.37
CA ARG A 57 -0.13 10.40 2.13
C ARG A 57 0.23 10.41 3.62
N LYS A 58 -0.41 11.34 4.34
CA LYS A 58 -0.27 11.51 5.78
C LYS A 58 -1.46 10.83 6.47
N VAL A 59 -1.17 9.95 7.43
CA VAL A 59 -2.16 9.34 8.32
C VAL A 59 -1.71 9.53 9.78
N LYS A 60 -2.67 9.47 10.73
CA LYS A 60 -2.38 9.57 12.16
C LYS A 60 -1.92 8.20 12.69
N ASP A 61 -2.88 7.26 12.76
CA ASP A 61 -2.60 5.88 13.21
C ASP A 61 -3.45 4.88 12.38
N ASP A 62 -3.40 3.58 12.74
CA ASP A 62 -3.97 2.49 11.90
C ASP A 62 -5.51 2.50 11.90
N ASP A 63 -6.09 3.13 12.94
CA ASP A 63 -7.54 3.41 13.02
C ASP A 63 -7.98 4.29 11.82
N ASP A 64 -7.18 5.33 11.54
CA ASP A 64 -7.37 6.25 10.40
C ASP A 64 -7.09 5.55 9.06
N ILE A 65 -6.10 4.64 9.11
CA ILE A 65 -5.69 3.82 7.95
C ILE A 65 -6.83 2.87 7.49
N ASP A 66 -7.55 2.24 8.45
CA ASP A 66 -8.74 1.41 8.11
C ASP A 66 -9.80 2.23 7.37
N LYS A 67 -10.00 3.48 7.83
CA LYS A 67 -10.94 4.42 7.22
C LYS A 67 -10.43 4.88 5.83
N TRP A 68 -9.10 5.01 5.73
CA TRP A 68 -8.42 5.51 4.52
C TRP A 68 -8.54 4.47 3.37
N ILE A 69 -8.54 3.17 3.72
CA ILE A 69 -8.76 2.07 2.75
C ILE A 69 -10.28 1.94 2.46
N ASP A 70 -11.09 2.14 3.52
CA ASP A 70 -12.55 1.97 3.49
C ASP A 70 -13.20 2.90 2.46
N LYS A 71 -12.72 4.15 2.40
CA LYS A 71 -13.20 5.16 1.44
C LYS A 71 -12.94 4.72 -0.01
N ILE A 72 -11.74 4.14 -0.26
CA ILE A 72 -11.30 3.72 -1.62
C ILE A 72 -12.18 2.55 -2.13
N LYS A 73 -12.64 1.69 -1.19
CA LYS A 73 -13.58 0.61 -1.51
C LYS A 73 -14.91 1.15 -2.10
N LYS A 74 -15.37 2.30 -1.56
CA LYS A 74 -16.64 2.93 -1.99
C LYS A 74 -16.46 3.74 -3.29
N GLU A 75 -15.40 4.58 -3.29
CA GLU A 75 -15.09 5.51 -4.40
C GLU A 75 -14.73 4.74 -5.67
N ARG A 76 -13.89 3.73 -5.49
CA ARG A 76 -13.28 2.97 -6.58
C ARG A 76 -13.57 1.46 -6.38
N PRO A 77 -14.86 0.99 -6.58
CA PRO A 77 -15.24 -0.43 -6.32
C PRO A 77 -14.89 -1.37 -7.50
N GLN A 78 -13.99 -0.90 -8.38
CA GLN A 78 -13.52 -1.65 -9.56
C GLN A 78 -12.10 -2.23 -9.32
N LEU A 79 -11.55 -1.99 -8.11
CA LEU A 79 -10.22 -2.50 -7.72
C LEU A 79 -10.27 -3.15 -6.33
N GLU A 80 -9.17 -3.83 -5.98
CA GLU A 80 -9.00 -4.51 -4.68
C GLU A 80 -7.86 -3.82 -3.91
N VAL A 81 -8.07 -3.61 -2.60
CA VAL A 81 -7.13 -2.87 -1.73
C VAL A 81 -6.65 -3.79 -0.59
N ARG A 82 -5.32 -3.85 -0.37
CA ARG A 82 -4.72 -4.64 0.72
C ARG A 82 -3.78 -3.77 1.58
N LYS A 83 -4.03 -3.74 2.91
CA LYS A 83 -3.13 -3.11 3.89
C LYS A 83 -1.91 -4.02 4.15
N VAL A 84 -0.73 -3.42 4.11
CA VAL A 84 0.54 -4.07 4.44
C VAL A 84 1.21 -3.26 5.55
N THR A 85 0.94 -3.64 6.81
CA THR A 85 1.50 -2.94 7.99
C THR A 85 2.92 -3.41 8.26
N ASP A 86 3.12 -4.73 8.13
CA ASP A 86 4.39 -5.38 8.45
C ASP A 86 5.10 -5.82 7.16
N GLU A 87 6.43 -5.98 7.25
CA GLU A 87 7.29 -6.47 6.16
C GLU A 87 6.88 -7.89 5.71
N ASP A 88 6.53 -8.73 6.70
CA ASP A 88 6.07 -10.12 6.47
C ASP A 88 4.81 -10.16 5.56
N GLN A 89 4.00 -9.07 5.64
CA GLN A 89 2.80 -8.89 4.77
C GLN A 89 3.23 -8.56 3.33
N ALA A 90 4.29 -7.72 3.22
CA ALA A 90 4.85 -7.30 1.91
C ALA A 90 5.53 -8.48 1.19
N LYS A 91 6.19 -9.35 1.97
CA LYS A 91 6.84 -10.56 1.46
C LYS A 91 5.79 -11.64 1.10
N GLN A 92 4.65 -11.62 1.83
CA GLN A 92 3.56 -12.57 1.63
C GLN A 92 2.80 -12.29 0.32
N ILE A 93 2.47 -11.00 0.08
CA ILE A 93 1.82 -10.58 -1.18
C ILE A 93 2.76 -10.76 -2.39
N LEU A 94 4.09 -10.77 -2.17
CA LEU A 94 5.06 -11.19 -3.21
C LEU A 94 4.85 -12.67 -3.58
N GLU A 95 4.70 -13.54 -2.55
CA GLU A 95 4.35 -14.96 -2.74
C GLU A 95 2.95 -15.11 -3.38
N ASP A 96 2.08 -14.14 -3.10
CA ASP A 96 0.67 -14.19 -3.49
C ASP A 96 0.49 -13.73 -4.96
N LEU A 97 1.34 -12.79 -5.40
CA LEU A 97 1.30 -12.24 -6.78
C LEU A 97 1.89 -13.26 -7.78
N LYS A 98 2.84 -14.11 -7.32
CA LYS A 98 3.52 -15.11 -8.20
C LYS A 98 2.66 -16.38 -8.36
N LYS A 99 1.98 -16.80 -7.28
CA LYS A 99 0.92 -17.86 -7.36
C LYS A 99 -0.38 -17.28 -7.96
N LYS A 100 -0.42 -15.93 -8.06
CA LYS A 100 -1.55 -15.15 -8.59
C LYS A 100 -2.78 -15.29 -7.67
N GLY A 101 -2.88 -14.37 -6.70
CA GLY A 101 -3.96 -14.35 -5.73
C GLY A 101 -5.30 -14.04 -6.36
N SER A 102 -6.34 -14.77 -5.92
CA SER A 102 -7.70 -14.65 -6.47
C SER A 102 -8.69 -15.39 -5.57
N LEU A 103 -9.99 -15.12 -5.79
CA LEU A 103 -11.12 -15.84 -5.15
C LEU A 103 -11.21 -17.30 -5.65
N GLU A 104 -10.39 -17.62 -6.67
CA GLU A 104 -10.27 -18.96 -7.29
C GLU A 104 -9.43 -19.95 -6.42
N HIS A 105 -9.62 -19.93 -5.09
CA HIS A 105 -9.03 -20.90 -4.15
C HIS A 105 -9.87 -22.20 -4.15
N HIS A 106 -11.03 -22.13 -4.81
CA HIS A 106 -11.94 -23.28 -5.05
C HIS A 106 -11.55 -23.99 -6.38
N HIS A 107 -10.23 -24.27 -6.53
CA HIS A 107 -9.60 -24.84 -7.75
C HIS A 107 -9.59 -23.82 -8.91
N HIS A 108 -8.39 -23.58 -9.47
CA HIS A 108 -8.17 -22.61 -10.55
C HIS A 108 -7.36 -23.28 -11.67
N HIS A 109 -7.97 -23.32 -12.87
CA HIS A 109 -7.37 -23.92 -14.09
C HIS A 109 -8.24 -23.51 -15.29
N HIS A 110 -7.61 -23.15 -16.42
CA HIS A 110 -8.33 -22.85 -17.67
C HIS A 110 -8.75 -24.18 -18.35
N MET A 1 -8.89 -2.26 -14.87
CA MET A 1 -9.42 -3.59 -14.48
C MET A 1 -8.26 -4.60 -14.42
N GLY A 2 -8.43 -5.66 -13.60
CA GLY A 2 -7.38 -6.67 -13.39
C GLY A 2 -6.18 -6.15 -12.62
N SER A 3 -6.39 -5.02 -11.91
CA SER A 3 -5.34 -4.29 -11.19
C SER A 3 -5.46 -4.52 -9.69
N LYS A 4 -4.35 -4.37 -8.97
CA LYS A 4 -4.31 -4.50 -7.52
C LYS A 4 -3.45 -3.38 -6.95
N ILE A 5 -3.98 -2.62 -6.01
CA ILE A 5 -3.19 -1.68 -5.21
C ILE A 5 -2.87 -2.35 -3.88
N ILE A 6 -1.67 -2.08 -3.41
CA ILE A 6 -1.25 -2.43 -2.06
C ILE A 6 -1.05 -1.12 -1.31
N VAL A 7 -1.52 -1.08 -0.07
CA VAL A 7 -1.41 0.08 0.80
C VAL A 7 -0.44 -0.27 1.91
N ILE A 8 0.78 0.26 1.83
CA ILE A 8 1.88 -0.09 2.72
C ILE A 8 2.09 1.05 3.73
N ILE A 9 2.05 0.68 5.01
CA ILE A 9 2.15 1.60 6.13
C ILE A 9 3.63 1.62 6.54
N SER A 10 4.37 2.59 5.99
CA SER A 10 5.81 2.68 6.21
C SER A 10 6.05 3.50 7.49
N SER A 11 6.39 2.78 8.55
CA SER A 11 6.61 3.33 9.88
C SER A 11 7.94 2.79 10.43
N ASP A 12 8.85 3.71 10.79
CA ASP A 12 10.16 3.43 11.43
C ASP A 12 11.22 2.92 10.44
N ASP A 13 10.90 1.84 9.71
CA ASP A 13 11.82 1.13 8.81
C ASP A 13 11.49 1.41 7.32
N THR A 14 12.51 1.22 6.46
CA THR A 14 12.50 1.62 5.04
C THR A 14 12.37 0.40 4.06
N THR A 15 12.56 -0.84 4.57
CA THR A 15 12.47 -2.05 3.71
C THR A 15 11.06 -2.18 3.08
N LEU A 16 10.04 -1.69 3.79
CA LEU A 16 8.63 -1.67 3.32
C LEU A 16 8.50 -0.81 2.05
N GLU A 17 9.24 0.32 2.03
CA GLU A 17 9.30 1.25 0.89
C GLU A 17 10.04 0.60 -0.31
N GLU A 18 11.12 -0.15 0.01
CA GLU A 18 11.96 -0.83 -1.00
C GLU A 18 11.19 -1.97 -1.70
N LEU A 19 10.39 -2.71 -0.90
CA LEU A 19 9.57 -3.82 -1.39
C LEU A 19 8.43 -3.31 -2.27
N ALA A 20 7.84 -2.15 -1.85
CA ALA A 20 6.72 -1.47 -2.55
C ALA A 20 7.01 -1.25 -4.04
N ARG A 21 8.28 -0.91 -4.35
CA ARG A 21 8.78 -0.63 -5.71
C ARG A 21 8.65 -1.87 -6.61
N LYS A 22 8.83 -3.06 -6.01
CA LYS A 22 8.75 -4.34 -6.71
C LYS A 22 7.28 -4.72 -7.00
N ILE A 23 6.37 -4.40 -6.06
CA ILE A 23 4.92 -4.67 -6.22
C ILE A 23 4.34 -3.87 -7.40
N LYS A 24 4.53 -2.54 -7.38
CA LYS A 24 3.97 -1.64 -8.41
C LYS A 24 4.64 -1.84 -9.79
N ASP A 25 5.85 -2.46 -9.77
CA ASP A 25 6.59 -2.84 -10.99
C ASP A 25 5.79 -3.83 -11.88
N GLU A 26 4.85 -4.58 -11.27
CA GLU A 26 3.97 -5.56 -11.98
C GLU A 26 2.93 -4.88 -12.90
N GLY A 27 2.95 -3.54 -12.96
CA GLY A 27 1.91 -2.76 -13.66
C GLY A 27 0.88 -2.22 -12.69
N LEU A 28 1.15 -2.39 -11.38
CA LEU A 28 0.25 -1.98 -10.29
C LEU A 28 0.65 -0.57 -9.79
N GLU A 29 -0.13 0.00 -8.86
CA GLU A 29 0.35 1.12 -8.03
C GLU A 29 0.25 0.77 -6.54
N VAL A 30 1.11 1.41 -5.74
CA VAL A 30 1.13 1.30 -4.27
C VAL A 30 0.79 2.67 -3.64
N TYR A 31 -0.01 2.65 -2.57
CA TYR A 31 -0.28 3.82 -1.74
C TYR A 31 0.45 3.63 -0.42
N ILE A 32 1.46 4.46 -0.17
CA ILE A 32 2.21 4.43 1.09
C ILE A 32 1.49 5.34 2.10
N LEU A 33 1.08 4.78 3.24
CA LEU A 33 0.55 5.56 4.36
C LEU A 33 1.68 5.82 5.36
N LEU A 34 2.20 7.05 5.28
CA LEU A 34 3.37 7.49 6.03
C LEU A 34 2.89 8.00 7.41
N LYS A 35 3.41 7.39 8.48
CA LYS A 35 3.14 7.80 9.86
C LYS A 35 4.48 7.97 10.61
N ASP A 36 4.70 9.19 11.08
CA ASP A 36 5.87 9.57 11.87
C ASP A 36 5.38 10.42 13.05
N LYS A 37 6.25 10.63 14.04
CA LYS A 37 5.94 11.50 15.19
C LYS A 37 6.24 12.99 14.87
N ASP A 38 6.88 13.23 13.71
CA ASP A 38 7.21 14.58 13.20
C ASP A 38 6.73 14.69 11.73
N GLU A 39 5.66 15.48 11.53
CA GLU A 39 5.05 15.74 10.20
C GLU A 39 6.01 16.36 9.16
N LYS A 40 7.04 17.10 9.62
CA LYS A 40 7.96 17.82 8.72
C LYS A 40 8.74 16.80 7.87
N ARG A 41 9.50 15.91 8.54
CA ARG A 41 10.33 14.90 7.86
C ARG A 41 9.46 13.75 7.32
N LEU A 42 8.27 13.55 7.93
CA LEU A 42 7.22 12.62 7.42
C LEU A 42 6.90 12.98 5.95
N GLU A 43 6.52 14.26 5.74
CA GLU A 43 6.03 14.76 4.44
C GLU A 43 7.19 15.04 3.48
N GLU A 44 8.41 15.16 4.03
CA GLU A 44 9.65 15.17 3.24
C GLU A 44 9.79 13.81 2.54
N LYS A 45 9.59 12.72 3.32
CA LYS A 45 9.65 11.34 2.80
C LYS A 45 8.48 11.06 1.83
N ILE A 46 7.31 11.71 2.06
CA ILE A 46 6.14 11.59 1.16
C ILE A 46 6.54 12.04 -0.26
N GLN A 47 7.20 13.21 -0.35
CA GLN A 47 7.63 13.79 -1.63
C GLN A 47 8.78 13.00 -2.26
N LYS A 48 9.66 12.40 -1.40
CA LYS A 48 10.78 11.56 -1.88
C LYS A 48 10.25 10.31 -2.60
N LEU A 49 9.36 9.57 -1.90
CA LEU A 49 8.75 8.33 -2.41
C LEU A 49 7.90 8.59 -3.68
N LYS A 50 7.17 9.72 -3.71
CA LYS A 50 6.37 10.08 -4.89
C LYS A 50 7.27 10.46 -6.08
N SER A 51 8.47 11.00 -5.80
CA SER A 51 9.50 11.25 -6.84
C SER A 51 10.10 9.92 -7.36
N GLN A 52 10.18 8.91 -6.46
CA GLN A 52 10.60 7.53 -6.81
C GLN A 52 9.51 6.79 -7.60
N GLY A 53 8.28 7.32 -7.55
CA GLY A 53 7.13 6.76 -8.26
C GLY A 53 6.24 5.97 -7.33
N PHE A 54 5.61 6.68 -6.38
CA PHE A 54 4.55 6.14 -5.50
C PHE A 54 3.47 7.20 -5.31
N GLU A 55 2.33 6.81 -4.76
CA GLU A 55 1.34 7.75 -4.22
C GLU A 55 1.40 7.61 -2.69
N VAL A 56 1.69 8.69 -1.98
CA VAL A 56 1.91 8.64 -0.50
C VAL A 56 1.00 9.68 0.19
N ARG A 57 0.51 9.32 1.39
CA ARG A 57 -0.42 10.15 2.16
C ARG A 57 -0.01 10.15 3.64
N LYS A 58 -0.21 11.29 4.30
CA LYS A 58 0.02 11.42 5.76
C LYS A 58 -1.20 10.84 6.48
N VAL A 59 -0.95 9.94 7.44
CA VAL A 59 -2.01 9.35 8.30
C VAL A 59 -1.66 9.55 9.77
N LYS A 60 -2.71 9.49 10.61
CA LYS A 60 -2.62 9.75 12.05
C LYS A 60 -2.74 8.44 12.84
N ASP A 61 -3.97 7.91 12.89
CA ASP A 61 -4.29 6.71 13.70
C ASP A 61 -4.34 5.48 12.77
N ASP A 62 -4.28 4.27 13.35
CA ASP A 62 -4.53 3.01 12.61
C ASP A 62 -6.01 2.86 12.25
N ASP A 63 -6.88 3.34 13.15
CA ASP A 63 -8.32 3.58 12.89
C ASP A 63 -8.51 4.47 11.62
N ASP A 64 -7.65 5.49 11.47
CA ASP A 64 -7.66 6.43 10.31
C ASP A 64 -7.14 5.71 9.05
N ILE A 65 -6.14 4.82 9.25
CA ILE A 65 -5.55 3.99 8.16
C ILE A 65 -6.60 3.05 7.56
N ASP A 66 -7.30 2.30 8.42
CA ASP A 66 -8.32 1.33 8.01
C ASP A 66 -9.51 2.04 7.33
N LYS A 67 -9.81 3.25 7.86
CA LYS A 67 -10.87 4.12 7.33
C LYS A 67 -10.43 4.70 5.95
N TRP A 68 -9.11 4.89 5.79
CA TRP A 68 -8.49 5.38 4.55
C TRP A 68 -8.69 4.38 3.40
N ILE A 69 -8.74 3.07 3.74
CA ILE A 69 -9.01 1.99 2.77
C ILE A 69 -10.53 1.85 2.56
N ASP A 70 -11.30 2.09 3.64
CA ASP A 70 -12.76 2.07 3.61
C ASP A 70 -13.31 3.07 2.56
N LYS A 71 -12.69 4.27 2.52
CA LYS A 71 -13.06 5.31 1.55
C LYS A 71 -12.55 4.99 0.13
N ILE A 72 -11.42 4.21 0.01
CA ILE A 72 -10.95 3.68 -1.30
C ILE A 72 -12.04 2.79 -1.93
N LYS A 73 -12.69 1.98 -1.09
CA LYS A 73 -13.74 1.07 -1.53
C LYS A 73 -14.98 1.83 -2.08
N LYS A 74 -15.07 3.14 -1.77
CA LYS A 74 -16.08 4.05 -2.35
C LYS A 74 -15.53 4.77 -3.61
N GLU A 75 -14.30 5.29 -3.51
CA GLU A 75 -13.69 6.16 -4.54
C GLU A 75 -13.29 5.36 -5.79
N ARG A 76 -12.52 4.29 -5.56
CA ARG A 76 -11.93 3.45 -6.61
C ARG A 76 -11.98 1.94 -6.21
N PRO A 77 -13.18 1.29 -6.32
CA PRO A 77 -13.34 -0.14 -6.00
C PRO A 77 -13.16 -1.08 -7.22
N GLN A 78 -12.58 -0.56 -8.31
CA GLN A 78 -12.33 -1.35 -9.55
C GLN A 78 -10.92 -1.99 -9.55
N LEU A 79 -10.28 -1.96 -8.37
CA LEU A 79 -8.97 -2.56 -8.12
C LEU A 79 -8.96 -3.23 -6.72
N GLU A 80 -8.06 -4.21 -6.52
CA GLU A 80 -7.94 -4.93 -5.23
C GLU A 80 -7.16 -4.09 -4.22
N VAL A 81 -7.51 -4.18 -2.92
CA VAL A 81 -6.89 -3.37 -1.85
C VAL A 81 -6.43 -4.30 -0.69
N ARG A 82 -5.13 -4.26 -0.38
CA ARG A 82 -4.54 -5.01 0.76
C ARG A 82 -3.75 -4.04 1.65
N LYS A 83 -3.87 -4.17 3.00
CA LYS A 83 -3.11 -3.33 3.95
C LYS A 83 -1.88 -4.10 4.46
N VAL A 84 -0.73 -3.43 4.47
CA VAL A 84 0.55 -3.98 4.92
C VAL A 84 1.15 -3.08 6.02
N THR A 85 0.92 -3.44 7.28
CA THR A 85 1.47 -2.73 8.44
C THR A 85 2.89 -3.24 8.78
N ASP A 86 3.10 -4.57 8.63
CA ASP A 86 4.40 -5.24 8.91
C ASP A 86 5.20 -5.42 7.63
N GLU A 87 6.53 -5.45 7.76
CA GLU A 87 7.44 -5.79 6.64
C GLU A 87 7.16 -7.20 6.11
N ASP A 88 6.87 -8.14 7.05
CA ASP A 88 6.57 -9.56 6.75
C ASP A 88 5.40 -9.69 5.75
N GLN A 89 4.44 -8.75 5.85
CA GLN A 89 3.26 -8.69 4.98
C GLN A 89 3.65 -8.11 3.60
N ALA A 90 4.67 -7.22 3.57
CA ALA A 90 5.24 -6.68 2.31
C ALA A 90 6.09 -7.74 1.57
N LYS A 91 6.61 -8.71 2.34
CA LYS A 91 7.32 -9.88 1.80
C LYS A 91 6.29 -10.91 1.28
N GLN A 92 5.15 -10.99 1.99
CA GLN A 92 4.07 -11.96 1.71
C GLN A 92 3.32 -11.60 0.41
N ILE A 93 3.07 -10.29 0.20
CA ILE A 93 2.38 -9.79 -1.01
C ILE A 93 3.19 -10.05 -2.31
N LEU A 94 4.53 -10.11 -2.20
CA LEU A 94 5.41 -10.53 -3.31
C LEU A 94 4.96 -11.89 -3.89
N GLU A 95 4.42 -12.77 -3.01
CA GLU A 95 3.80 -14.04 -3.39
C GLU A 95 2.34 -13.82 -3.85
N ASP A 96 1.55 -13.13 -2.99
CA ASP A 96 0.08 -12.82 -3.20
C ASP A 96 -0.29 -12.40 -4.64
N LEU A 97 0.54 -11.49 -5.22
CA LEU A 97 0.39 -10.98 -6.61
C LEU A 97 0.39 -12.15 -7.64
N LYS A 98 1.23 -13.14 -7.35
CA LYS A 98 1.45 -14.32 -8.21
C LYS A 98 0.41 -15.42 -7.90
N LYS A 99 0.09 -15.57 -6.61
CA LYS A 99 -0.87 -16.58 -6.10
C LYS A 99 -2.26 -16.39 -6.73
N LYS A 100 -2.82 -15.17 -6.56
CA LYS A 100 -4.20 -14.88 -6.95
C LYS A 100 -4.37 -13.36 -7.17
N GLY A 101 -5.07 -13.00 -8.26
CA GLY A 101 -5.48 -11.63 -8.53
C GLY A 101 -6.93 -11.37 -8.10
N SER A 102 -7.79 -12.39 -8.31
CA SER A 102 -9.22 -12.34 -8.00
C SER A 102 -9.85 -13.76 -8.11
N LEU A 103 -10.68 -14.11 -7.10
CA LEU A 103 -11.43 -15.37 -7.07
C LEU A 103 -12.65 -15.27 -7.99
N GLU A 104 -13.47 -14.23 -7.75
CA GLU A 104 -14.80 -14.05 -8.37
C GLU A 104 -14.70 -13.71 -9.85
N HIS A 105 -13.58 -13.10 -10.26
CA HIS A 105 -13.30 -12.78 -11.67
C HIS A 105 -12.51 -13.96 -12.27
N HIS A 106 -13.26 -14.91 -12.86
CA HIS A 106 -12.70 -16.21 -13.34
C HIS A 106 -12.04 -16.05 -14.72
N HIS A 107 -10.81 -15.50 -14.71
CA HIS A 107 -9.94 -15.34 -15.88
C HIS A 107 -8.52 -15.07 -15.36
N HIS A 108 -7.55 -15.93 -15.68
CA HIS A 108 -6.15 -15.74 -15.28
C HIS A 108 -5.32 -15.34 -16.51
N HIS A 109 -5.54 -16.05 -17.64
CA HIS A 109 -4.98 -15.62 -18.94
C HIS A 109 -5.99 -14.64 -19.56
N HIS A 110 -5.53 -13.40 -19.82
CA HIS A 110 -6.36 -12.26 -20.24
C HIS A 110 -7.40 -11.91 -19.13
N MET A 1 -7.40 -8.37 -15.85
CA MET A 1 -6.75 -9.64 -15.47
C MET A 1 -5.96 -9.43 -14.16
N GLY A 2 -6.58 -9.81 -13.02
CA GLY A 2 -5.96 -9.69 -11.70
C GLY A 2 -5.71 -8.24 -11.28
N SER A 3 -6.79 -7.43 -11.25
CA SER A 3 -6.74 -6.03 -10.80
C SER A 3 -6.50 -5.98 -9.28
N LYS A 4 -5.55 -5.14 -8.85
CA LYS A 4 -5.13 -5.05 -7.46
C LYS A 4 -4.28 -3.79 -7.24
N ILE A 5 -4.33 -3.28 -6.01
CA ILE A 5 -3.43 -2.24 -5.50
C ILE A 5 -3.00 -2.65 -4.09
N ILE A 6 -1.87 -2.13 -3.66
CA ILE A 6 -1.34 -2.36 -2.31
C ILE A 6 -1.20 -1.00 -1.60
N VAL A 7 -1.60 -0.97 -0.33
CA VAL A 7 -1.48 0.20 0.54
C VAL A 7 -0.52 -0.16 1.69
N ILE A 8 0.65 0.51 1.74
CA ILE A 8 1.75 0.18 2.66
C ILE A 8 1.91 1.26 3.74
N ILE A 9 1.75 0.82 4.99
CA ILE A 9 1.83 1.65 6.19
C ILE A 9 3.30 1.61 6.66
N SER A 10 4.07 2.62 6.25
CA SER A 10 5.53 2.66 6.44
C SER A 10 5.89 3.31 7.79
N SER A 11 6.33 2.47 8.73
CA SER A 11 6.93 2.89 10.02
C SER A 11 8.11 1.97 10.36
N ASP A 12 9.10 2.54 11.11
CA ASP A 12 10.32 1.86 11.59
C ASP A 12 11.27 1.48 10.43
N ASP A 13 10.91 0.41 9.69
CA ASP A 13 11.73 -0.10 8.58
C ASP A 13 11.45 0.67 7.29
N THR A 14 12.53 1.10 6.62
CA THR A 14 12.47 1.66 5.26
C THR A 14 12.28 0.52 4.23
N THR A 15 12.46 -0.74 4.69
CA THR A 15 12.27 -1.97 3.89
C THR A 15 10.89 -2.01 3.19
N LEU A 16 9.85 -1.47 3.86
CA LEU A 16 8.47 -1.43 3.32
C LEU A 16 8.40 -0.49 2.09
N GLU A 17 9.18 0.60 2.15
CA GLU A 17 9.30 1.58 1.05
C GLU A 17 10.02 0.95 -0.14
N GLU A 18 11.06 0.14 0.17
CA GLU A 18 11.92 -0.51 -0.84
C GLU A 18 11.16 -1.61 -1.60
N LEU A 19 10.51 -2.52 -0.82
CA LEU A 19 9.71 -3.64 -1.34
C LEU A 19 8.60 -3.14 -2.27
N ALA A 20 7.97 -2.00 -1.89
CA ALA A 20 6.86 -1.34 -2.60
C ALA A 20 7.12 -1.17 -4.11
N ARG A 21 8.41 -0.96 -4.46
CA ARG A 21 8.87 -0.82 -5.84
C ARG A 21 8.64 -2.13 -6.63
N LYS A 22 9.06 -3.27 -6.06
CA LYS A 22 8.93 -4.59 -6.73
C LYS A 22 7.47 -5.05 -6.79
N ILE A 23 6.62 -4.58 -5.86
CA ILE A 23 5.17 -4.78 -5.96
C ILE A 23 4.66 -4.08 -7.23
N LYS A 24 4.80 -2.73 -7.31
CA LYS A 24 4.21 -1.95 -8.44
C LYS A 24 4.83 -2.27 -9.80
N ASP A 25 6.05 -2.87 -9.78
CA ASP A 25 6.78 -3.33 -10.98
C ASP A 25 5.92 -4.31 -11.83
N GLU A 26 4.98 -5.02 -11.18
CA GLU A 26 4.07 -5.98 -11.84
C GLU A 26 3.05 -5.27 -12.77
N GLY A 27 2.85 -3.96 -12.58
CA GLY A 27 2.00 -3.13 -13.45
C GLY A 27 0.92 -2.37 -12.70
N LEU A 28 0.67 -2.78 -11.43
CA LEU A 28 -0.30 -2.11 -10.53
C LEU A 28 0.32 -0.87 -9.84
N GLU A 29 -0.53 -0.03 -9.22
CA GLU A 29 -0.09 1.15 -8.45
C GLU A 29 -0.05 0.83 -6.94
N VAL A 30 0.87 1.49 -6.20
CA VAL A 30 1.03 1.33 -4.74
C VAL A 30 0.84 2.69 -4.05
N TYR A 31 0.02 2.68 -2.99
CA TYR A 31 -0.26 3.85 -2.16
C TYR A 31 0.51 3.66 -0.85
N ILE A 32 1.29 4.65 -0.40
CA ILE A 32 2.08 4.54 0.84
C ILE A 32 1.47 5.44 1.93
N LEU A 33 0.99 4.86 3.03
CA LEU A 33 0.53 5.62 4.20
C LEU A 33 1.71 5.84 5.14
N LEU A 34 2.21 7.07 5.14
CA LEU A 34 3.40 7.47 5.86
C LEU A 34 2.99 7.95 7.27
N LYS A 35 3.62 7.36 8.29
CA LYS A 35 3.46 7.79 9.69
C LYS A 35 4.86 7.94 10.33
N ASP A 36 5.16 9.15 10.80
CA ASP A 36 6.40 9.46 11.52
C ASP A 36 6.03 10.30 12.75
N LYS A 37 6.90 10.31 13.77
CA LYS A 37 6.64 11.01 15.05
C LYS A 37 6.98 12.52 14.95
N ASP A 38 7.55 12.93 13.80
CA ASP A 38 7.75 14.34 13.44
C ASP A 38 7.11 14.55 12.06
N GLU A 39 5.99 15.28 12.04
CA GLU A 39 5.16 15.55 10.84
C GLU A 39 5.95 16.15 9.65
N LYS A 40 7.07 16.86 9.92
CA LYS A 40 7.90 17.48 8.87
C LYS A 40 8.78 16.42 8.19
N ARG A 41 9.37 15.49 8.99
CA ARG A 41 10.22 14.40 8.45
C ARG A 41 9.34 13.43 7.66
N LEU A 42 8.08 13.29 8.12
CA LEU A 42 7.00 12.59 7.42
C LEU A 42 6.75 13.29 6.07
N GLU A 43 6.56 14.63 6.13
CA GLU A 43 6.11 15.45 4.98
C GLU A 43 7.11 15.39 3.81
N GLU A 44 8.40 15.48 4.14
CA GLU A 44 9.48 15.43 3.14
C GLU A 44 9.62 13.99 2.61
N LYS A 45 9.47 12.98 3.50
CA LYS A 45 9.55 11.55 3.15
C LYS A 45 8.52 11.19 2.07
N ILE A 46 7.32 11.79 2.19
CA ILE A 46 6.25 11.70 1.18
C ILE A 46 6.81 12.09 -0.20
N GLN A 47 7.47 13.26 -0.26
CA GLN A 47 8.01 13.84 -1.50
C GLN A 47 9.20 13.03 -2.05
N LYS A 48 9.94 12.33 -1.16
CA LYS A 48 11.09 11.48 -1.57
C LYS A 48 10.56 10.29 -2.40
N LEU A 49 9.54 9.63 -1.83
CA LEU A 49 8.89 8.45 -2.44
C LEU A 49 8.08 8.82 -3.69
N LYS A 50 7.40 10.00 -3.66
CA LYS A 50 6.60 10.48 -4.81
C LYS A 50 7.51 10.93 -5.98
N SER A 51 8.73 11.38 -5.64
CA SER A 51 9.79 11.66 -6.65
C SER A 51 10.20 10.36 -7.38
N GLN A 52 10.25 9.25 -6.62
CA GLN A 52 10.50 7.90 -7.18
C GLN A 52 9.25 7.34 -7.89
N GLY A 53 8.08 7.88 -7.51
CA GLY A 53 6.79 7.44 -8.05
C GLY A 53 6.10 6.48 -7.10
N PHE A 54 5.38 7.04 -6.11
CA PHE A 54 4.50 6.29 -5.16
C PHE A 54 3.36 7.23 -4.73
N GLU A 55 2.12 6.73 -4.63
CA GLU A 55 0.97 7.54 -4.18
C GLU A 55 0.93 7.64 -2.64
N VAL A 56 1.85 8.46 -2.11
CA VAL A 56 2.07 8.60 -0.65
C VAL A 56 1.11 9.65 -0.07
N ARG A 57 0.43 9.30 1.02
CA ARG A 57 -0.47 10.18 1.77
C ARG A 57 -0.08 10.20 3.26
N LYS A 58 -0.37 11.33 3.92
CA LYS A 58 -0.11 11.50 5.35
C LYS A 58 -1.35 11.08 6.15
N VAL A 59 -1.16 10.17 7.13
CA VAL A 59 -2.22 9.69 8.03
C VAL A 59 -1.89 10.08 9.47
N LYS A 60 -2.81 9.74 10.40
CA LYS A 60 -2.61 9.88 11.85
C LYS A 60 -2.01 8.57 12.40
N ASP A 61 -2.82 7.50 12.40
CA ASP A 61 -2.45 6.20 12.99
C ASP A 61 -3.46 5.12 12.53
N ASP A 62 -3.43 3.88 13.11
CA ASP A 62 -4.14 2.69 12.55
C ASP A 62 -5.66 2.89 12.41
N ASP A 63 -6.19 3.82 13.22
CA ASP A 63 -7.61 4.19 13.24
C ASP A 63 -8.04 4.79 11.88
N ASP A 64 -7.40 5.92 11.50
CA ASP A 64 -7.81 6.68 10.28
C ASP A 64 -7.34 5.94 9.02
N ILE A 65 -6.29 5.11 9.18
CA ILE A 65 -5.78 4.19 8.14
C ILE A 65 -6.89 3.21 7.68
N ASP A 66 -7.55 2.55 8.65
CA ASP A 66 -8.62 1.58 8.36
C ASP A 66 -9.81 2.25 7.61
N LYS A 67 -10.05 3.56 7.91
CA LYS A 67 -11.08 4.37 7.22
C LYS A 67 -10.55 4.90 5.88
N TRP A 68 -9.22 5.02 5.75
CA TRP A 68 -8.57 5.50 4.53
C TRP A 68 -8.76 4.46 3.41
N ILE A 69 -8.60 3.17 3.78
CA ILE A 69 -8.81 2.05 2.86
C ILE A 69 -10.33 1.84 2.62
N ASP A 70 -11.16 2.09 3.66
CA ASP A 70 -12.65 2.03 3.56
C ASP A 70 -13.16 2.92 2.41
N LYS A 71 -12.64 4.17 2.34
CA LYS A 71 -13.05 5.13 1.30
C LYS A 71 -12.36 4.84 -0.05
N ILE A 72 -11.11 4.32 -0.04
CA ILE A 72 -10.37 3.99 -1.28
C ILE A 72 -11.09 2.86 -2.07
N LYS A 73 -11.64 1.88 -1.34
CA LYS A 73 -12.45 0.81 -1.92
C LYS A 73 -13.79 1.36 -2.44
N LYS A 74 -14.26 2.43 -1.80
CA LYS A 74 -15.58 3.04 -2.06
C LYS A 74 -15.54 3.97 -3.30
N GLU A 75 -14.36 4.59 -3.55
CA GLU A 75 -14.14 5.47 -4.71
C GLU A 75 -13.67 4.63 -5.92
N ARG A 76 -12.79 3.65 -5.62
CA ARG A 76 -12.10 2.82 -6.62
C ARG A 76 -12.37 1.33 -6.28
N PRO A 77 -13.59 0.78 -6.63
CA PRO A 77 -14.01 -0.59 -6.24
C PRO A 77 -13.61 -1.70 -7.23
N GLN A 78 -12.91 -1.35 -8.32
CA GLN A 78 -12.66 -2.29 -9.44
C GLN A 78 -11.36 -3.12 -9.28
N LEU A 79 -10.78 -3.10 -8.06
CA LEU A 79 -9.49 -3.76 -7.76
C LEU A 79 -9.43 -4.24 -6.30
N GLU A 80 -8.45 -5.13 -6.00
CA GLU A 80 -8.18 -5.60 -4.62
C GLU A 80 -7.42 -4.50 -3.87
N VAL A 81 -7.56 -4.44 -2.53
CA VAL A 81 -6.87 -3.46 -1.66
C VAL A 81 -6.35 -4.19 -0.40
N ARG A 82 -5.02 -4.12 -0.16
CA ARG A 82 -4.37 -4.81 0.97
C ARG A 82 -3.72 -3.77 1.90
N LYS A 83 -3.95 -3.90 3.23
CA LYS A 83 -3.27 -3.08 4.25
C LYS A 83 -2.00 -3.79 4.70
N VAL A 84 -0.86 -3.14 4.51
CA VAL A 84 0.45 -3.64 4.90
C VAL A 84 0.91 -2.84 6.13
N THR A 85 0.54 -3.33 7.30
CA THR A 85 0.89 -2.70 8.58
C THR A 85 2.24 -3.25 9.10
N ASP A 86 2.62 -4.42 8.57
CA ASP A 86 3.87 -5.14 8.92
C ASP A 86 4.78 -5.24 7.69
N GLU A 87 6.09 -5.31 7.94
CA GLU A 87 7.10 -5.69 6.92
C GLU A 87 6.82 -7.11 6.37
N ASP A 88 6.31 -7.99 7.26
CA ASP A 88 5.84 -9.36 6.92
C ASP A 88 4.73 -9.33 5.85
N GLN A 89 3.81 -8.35 5.98
CA GLN A 89 2.75 -8.12 4.98
C GLN A 89 3.38 -7.72 3.64
N ALA A 90 4.42 -6.83 3.70
CA ALA A 90 5.14 -6.32 2.52
C ALA A 90 5.91 -7.43 1.77
N LYS A 91 6.29 -8.49 2.51
CA LYS A 91 6.94 -9.68 1.94
C LYS A 91 5.91 -10.69 1.39
N GLN A 92 4.75 -10.82 2.06
CA GLN A 92 3.71 -11.79 1.67
C GLN A 92 3.03 -11.39 0.35
N ILE A 93 2.73 -10.08 0.22
CA ILE A 93 2.10 -9.50 -0.98
C ILE A 93 2.89 -9.78 -2.27
N LEU A 94 4.24 -9.92 -2.16
CA LEU A 94 5.09 -10.39 -3.27
C LEU A 94 4.48 -11.67 -3.91
N GLU A 95 4.15 -12.68 -3.05
CA GLU A 95 3.56 -13.98 -3.49
C GLU A 95 2.08 -13.81 -3.87
N ASP A 96 1.41 -12.90 -3.15
CA ASP A 96 -0.03 -12.58 -3.34
C ASP A 96 -0.28 -12.04 -4.75
N LEU A 97 0.73 -11.34 -5.31
CA LEU A 97 0.72 -10.82 -6.69
C LEU A 97 1.05 -11.93 -7.71
N LYS A 98 1.93 -12.89 -7.33
CA LYS A 98 2.40 -13.95 -8.27
C LYS A 98 1.30 -15.00 -8.55
N LYS A 99 0.48 -15.27 -7.51
CA LYS A 99 -0.59 -16.29 -7.57
C LYS A 99 -1.78 -15.89 -8.49
N LYS A 100 -1.71 -14.70 -9.13
CA LYS A 100 -2.74 -14.25 -10.10
C LYS A 100 -2.63 -15.06 -11.42
N GLY A 101 -1.40 -15.55 -11.72
CA GLY A 101 -1.11 -16.28 -12.96
C GLY A 101 -1.72 -17.68 -12.97
N SER A 102 -2.98 -17.78 -13.42
CA SER A 102 -3.74 -19.03 -13.43
C SER A 102 -4.50 -19.19 -14.76
N LEU A 103 -4.94 -20.42 -15.04
CA LEU A 103 -5.76 -20.74 -16.21
C LEU A 103 -7.20 -20.25 -15.95
N GLU A 104 -7.82 -20.77 -14.89
CA GLU A 104 -9.23 -20.49 -14.57
C GLU A 104 -9.37 -19.18 -13.78
N HIS A 105 -10.29 -18.31 -14.27
CA HIS A 105 -10.67 -17.04 -13.62
C HIS A 105 -12.17 -16.80 -13.80
N HIS A 106 -12.96 -17.29 -12.83
CA HIS A 106 -14.43 -17.11 -12.81
C HIS A 106 -14.78 -15.64 -12.64
N HIS A 107 -15.28 -15.03 -13.73
CA HIS A 107 -15.66 -13.62 -13.77
C HIS A 107 -17.03 -13.43 -13.07
N HIS A 108 -16.97 -13.18 -11.75
CA HIS A 108 -18.14 -12.89 -10.92
C HIS A 108 -18.58 -11.43 -11.17
N HIS A 109 -19.47 -11.25 -12.15
CA HIS A 109 -20.02 -9.93 -12.53
C HIS A 109 -21.54 -9.98 -12.55
N HIS A 110 -22.17 -8.84 -12.27
CA HIS A 110 -23.63 -8.67 -12.40
C HIS A 110 -23.92 -8.11 -13.81
N MET A 1 -5.50 -7.09 -17.19
CA MET A 1 -6.42 -6.21 -16.43
C MET A 1 -6.93 -6.94 -15.17
N GLY A 2 -7.72 -6.23 -14.34
CA GLY A 2 -8.08 -6.73 -13.01
C GLY A 2 -6.93 -6.54 -12.04
N SER A 3 -6.22 -5.41 -12.23
CA SER A 3 -5.06 -5.04 -11.41
C SER A 3 -5.54 -4.47 -10.07
N LYS A 4 -4.96 -4.98 -8.98
CA LYS A 4 -5.28 -4.52 -7.62
C LYS A 4 -4.38 -3.34 -7.25
N ILE A 5 -4.63 -2.73 -6.10
CA ILE A 5 -3.74 -1.74 -5.52
C ILE A 5 -3.38 -2.16 -4.10
N ILE A 6 -2.16 -1.85 -3.72
CA ILE A 6 -1.60 -2.18 -2.43
C ILE A 6 -1.34 -0.86 -1.69
N VAL A 7 -1.62 -0.83 -0.39
CA VAL A 7 -1.41 0.34 0.45
C VAL A 7 -0.45 -0.05 1.59
N ILE A 8 0.74 0.55 1.61
CA ILE A 8 1.80 0.19 2.56
C ILE A 8 1.92 1.31 3.61
N ILE A 9 1.90 0.90 4.88
CA ILE A 9 1.95 1.81 6.03
C ILE A 9 3.43 1.90 6.45
N SER A 10 4.14 2.93 5.96
CA SER A 10 5.60 3.05 6.11
C SER A 10 5.95 4.11 7.17
N SER A 11 6.91 3.76 8.03
CA SER A 11 7.53 4.68 9.00
C SER A 11 9.05 4.44 9.08
N ASP A 12 9.82 5.22 8.27
CA ASP A 12 11.32 5.26 8.26
C ASP A 12 11.97 4.06 7.53
N ASP A 13 11.55 2.83 7.90
CA ASP A 13 12.14 1.56 7.41
C ASP A 13 12.19 1.49 5.87
N THR A 14 13.43 1.45 5.34
CA THR A 14 13.70 1.54 3.89
C THR A 14 13.34 0.26 3.11
N THR A 15 13.20 -0.87 3.85
CA THR A 15 12.72 -2.14 3.30
C THR A 15 11.31 -2.02 2.69
N LEU A 16 10.43 -1.23 3.35
CA LEU A 16 9.02 -1.06 2.88
C LEU A 16 8.97 -0.10 1.68
N GLU A 17 10.00 0.77 1.56
CA GLU A 17 10.15 1.74 0.45
C GLU A 17 10.54 1.02 -0.86
N GLU A 18 11.55 0.13 -0.77
CA GLU A 18 12.05 -0.62 -1.93
C GLU A 18 11.04 -1.69 -2.38
N LEU A 19 10.38 -2.35 -1.39
CA LEU A 19 9.35 -3.37 -1.66
C LEU A 19 8.13 -2.73 -2.35
N ALA A 20 7.81 -1.47 -1.98
CA ALA A 20 6.72 -0.69 -2.63
C ALA A 20 6.92 -0.60 -4.15
N ARG A 21 8.20 -0.43 -4.57
CA ARG A 21 8.60 -0.37 -5.99
C ARG A 21 8.48 -1.76 -6.65
N LYS A 22 8.74 -2.82 -5.86
CA LYS A 22 8.73 -4.21 -6.34
C LYS A 22 7.29 -4.71 -6.60
N ILE A 23 6.36 -4.31 -5.72
CA ILE A 23 4.93 -4.62 -5.87
C ILE A 23 4.35 -3.87 -7.10
N LYS A 24 4.72 -2.58 -7.31
CA LYS A 24 4.23 -1.83 -8.49
C LYS A 24 4.91 -2.29 -9.79
N ASP A 25 6.08 -2.95 -9.65
CA ASP A 25 6.83 -3.57 -10.77
C ASP A 25 6.02 -4.73 -11.40
N GLU A 26 5.04 -5.26 -10.64
CA GLU A 26 4.10 -6.29 -11.14
C GLU A 26 3.13 -5.71 -12.18
N GLY A 27 3.05 -4.36 -12.25
CA GLY A 27 2.21 -3.67 -13.23
C GLY A 27 0.92 -3.13 -12.64
N LEU A 28 0.89 -2.96 -11.31
CA LEU A 28 -0.25 -2.39 -10.58
C LEU A 28 0.20 -1.20 -9.73
N GLU A 29 -0.75 -0.45 -9.16
CA GLU A 29 -0.42 0.79 -8.44
C GLU A 29 -0.28 0.56 -6.92
N VAL A 30 0.61 1.35 -6.27
CA VAL A 30 0.85 1.31 -4.80
C VAL A 30 0.66 2.71 -4.19
N TYR A 31 -0.07 2.77 -3.08
CA TYR A 31 -0.33 3.97 -2.30
C TYR A 31 0.39 3.81 -0.96
N ILE A 32 1.11 4.83 -0.51
CA ILE A 32 1.90 4.75 0.73
C ILE A 32 1.29 5.71 1.77
N LEU A 33 0.93 5.18 2.96
CA LEU A 33 0.42 5.99 4.07
C LEU A 33 1.51 6.13 5.12
N LEU A 34 2.00 7.36 5.27
CA LEU A 34 3.11 7.69 6.17
C LEU A 34 2.56 8.23 7.49
N LYS A 35 3.04 7.66 8.61
CA LYS A 35 2.73 8.14 9.97
C LYS A 35 4.01 8.03 10.84
N ASP A 36 4.46 9.17 11.37
CA ASP A 36 5.66 9.28 12.23
C ASP A 36 5.30 10.12 13.46
N LYS A 37 6.21 10.18 14.44
CA LYS A 37 6.05 11.01 15.65
C LYS A 37 6.27 12.51 15.34
N ASP A 38 7.13 12.80 14.36
CA ASP A 38 7.50 14.18 13.97
C ASP A 38 7.07 14.41 12.51
N GLU A 39 5.99 15.20 12.33
CA GLU A 39 5.38 15.48 11.00
C GLU A 39 6.32 16.12 9.96
N LYS A 40 7.44 16.71 10.39
CA LYS A 40 8.41 17.32 9.43
C LYS A 40 9.21 16.24 8.71
N ARG A 41 9.91 15.36 9.48
CA ARG A 41 10.72 14.26 8.91
C ARG A 41 9.81 13.23 8.22
N LEU A 42 8.56 13.15 8.74
CA LEU A 42 7.46 12.40 8.16
C LEU A 42 7.18 12.84 6.71
N GLU A 43 6.89 14.14 6.53
CA GLU A 43 6.50 14.69 5.23
C GLU A 43 7.72 14.94 4.32
N GLU A 44 8.94 14.91 4.90
CA GLU A 44 10.19 14.86 4.12
C GLU A 44 10.30 13.48 3.45
N LYS A 45 10.02 12.43 4.23
CA LYS A 45 10.01 11.02 3.76
C LYS A 45 8.96 10.85 2.64
N ILE A 46 7.82 11.58 2.78
CA ILE A 46 6.76 11.62 1.76
C ILE A 46 7.30 12.19 0.43
N GLN A 47 8.09 13.29 0.51
CA GLN A 47 8.66 13.94 -0.69
C GLN A 47 9.69 13.03 -1.39
N LYS A 48 10.47 12.26 -0.58
CA LYS A 48 11.49 11.32 -1.10
C LYS A 48 10.82 10.19 -1.89
N LEU A 49 9.71 9.68 -1.33
CA LEU A 49 8.91 8.59 -1.91
C LEU A 49 8.13 9.04 -3.16
N LYS A 50 7.58 10.28 -3.15
CA LYS A 50 6.85 10.83 -4.30
C LYS A 50 7.82 11.07 -5.49
N SER A 51 9.08 11.44 -5.18
CA SER A 51 10.16 11.52 -6.18
C SER A 51 10.55 10.13 -6.72
N GLN A 52 10.46 9.09 -5.85
CA GLN A 52 10.61 7.68 -6.24
C GLN A 52 9.39 7.19 -7.07
N GLY A 53 8.32 8.01 -7.09
CA GLY A 53 7.12 7.75 -7.90
C GLY A 53 6.09 6.95 -7.13
N PHE A 54 5.55 7.54 -6.05
CA PHE A 54 4.48 6.93 -5.23
C PHE A 54 3.49 8.01 -4.81
N GLU A 55 2.17 7.72 -4.85
CA GLU A 55 1.16 8.58 -4.23
C GLU A 55 1.17 8.34 -2.72
N VAL A 56 1.89 9.22 -2.01
CA VAL A 56 2.09 9.13 -0.57
C VAL A 56 1.26 10.21 0.12
N ARG A 57 0.58 9.84 1.20
CA ARG A 57 -0.33 10.72 1.95
C ARG A 57 0.04 10.68 3.43
N LYS A 58 -0.09 11.83 4.11
CA LYS A 58 0.11 11.91 5.57
C LYS A 58 -1.21 11.54 6.24
N VAL A 59 -1.14 10.62 7.20
CA VAL A 59 -2.33 10.13 7.92
C VAL A 59 -2.19 10.42 9.42
N LYS A 60 -3.33 10.46 10.10
CA LYS A 60 -3.43 10.85 11.51
C LYS A 60 -3.00 9.70 12.42
N ASP A 61 -3.52 8.50 12.10
CA ASP A 61 -3.33 7.27 12.89
C ASP A 61 -3.72 6.06 12.02
N ASP A 62 -3.55 4.82 12.54
CA ASP A 62 -3.96 3.59 11.81
C ASP A 62 -5.49 3.44 11.81
N ASP A 63 -6.13 4.08 12.82
CA ASP A 63 -7.57 4.38 12.84
C ASP A 63 -8.00 5.07 11.53
N ASP A 64 -7.26 6.16 11.21
CA ASP A 64 -7.49 6.98 10.01
C ASP A 64 -7.21 6.16 8.73
N ILE A 65 -6.21 5.27 8.83
CA ILE A 65 -5.75 4.39 7.72
C ILE A 65 -6.83 3.39 7.28
N ASP A 66 -7.45 2.67 8.24
CA ASP A 66 -8.48 1.65 7.92
C ASP A 66 -9.73 2.30 7.25
N LYS A 67 -10.03 3.53 7.68
CA LYS A 67 -11.13 4.34 7.13
C LYS A 67 -10.72 4.95 5.76
N TRP A 68 -9.42 5.20 5.60
CA TRP A 68 -8.82 5.70 4.34
C TRP A 68 -8.99 4.62 3.25
N ILE A 69 -8.70 3.37 3.62
CA ILE A 69 -8.82 2.20 2.72
C ILE A 69 -10.32 1.86 2.51
N ASP A 70 -11.15 2.11 3.54
CA ASP A 70 -12.62 1.89 3.49
C ASP A 70 -13.23 2.64 2.30
N LYS A 71 -12.91 3.93 2.19
CA LYS A 71 -13.48 4.80 1.15
C LYS A 71 -12.86 4.50 -0.22
N ILE A 72 -11.58 4.03 -0.26
CA ILE A 72 -10.92 3.64 -1.54
C ILE A 72 -11.64 2.41 -2.18
N LYS A 73 -12.02 1.44 -1.32
CA LYS A 73 -12.75 0.22 -1.74
C LYS A 73 -14.18 0.59 -2.21
N LYS A 74 -14.73 1.66 -1.60
CA LYS A 74 -16.09 2.15 -1.89
C LYS A 74 -16.12 2.88 -3.25
N GLU A 75 -15.07 3.69 -3.50
CA GLU A 75 -14.92 4.43 -4.77
C GLU A 75 -14.58 3.46 -5.92
N ARG A 76 -13.69 2.50 -5.62
CA ARG A 76 -13.08 1.59 -6.60
C ARG A 76 -13.17 0.14 -6.10
N PRO A 77 -14.28 -0.60 -6.40
CA PRO A 77 -14.40 -2.04 -6.10
C PRO A 77 -13.82 -2.94 -7.21
N GLN A 78 -13.32 -2.35 -8.33
CA GLN A 78 -12.77 -3.14 -9.47
C GLN A 78 -11.39 -3.75 -9.15
N LEU A 79 -10.88 -3.52 -7.93
CA LEU A 79 -9.55 -3.95 -7.48
C LEU A 79 -9.59 -4.41 -6.01
N GLU A 80 -8.54 -5.10 -5.57
CA GLU A 80 -8.31 -5.39 -4.16
C GLU A 80 -7.52 -4.21 -3.54
N VAL A 81 -7.81 -3.86 -2.27
CA VAL A 81 -7.05 -2.86 -1.51
C VAL A 81 -6.50 -3.53 -0.23
N ARG A 82 -5.17 -3.70 -0.17
CA ARG A 82 -4.49 -4.49 0.87
C ARG A 82 -3.69 -3.56 1.80
N LYS A 83 -4.09 -3.45 3.09
CA LYS A 83 -3.30 -2.71 4.10
C LYS A 83 -2.09 -3.56 4.52
N VAL A 84 -0.90 -3.01 4.31
CA VAL A 84 0.39 -3.65 4.62
C VAL A 84 1.08 -2.87 5.74
N THR A 85 0.82 -3.28 6.98
CA THR A 85 1.37 -2.61 8.17
C THR A 85 2.77 -3.14 8.48
N ASP A 86 2.97 -4.45 8.28
CA ASP A 86 4.25 -5.14 8.50
C ASP A 86 5.00 -5.31 7.17
N GLU A 87 6.34 -5.24 7.25
CA GLU A 87 7.28 -5.61 6.16
C GLU A 87 7.04 -7.07 5.70
N ASP A 88 6.71 -7.93 6.69
CA ASP A 88 6.32 -9.34 6.45
C ASP A 88 5.19 -9.44 5.41
N GLN A 89 4.18 -8.55 5.57
CA GLN A 89 3.00 -8.48 4.66
C GLN A 89 3.42 -8.05 3.25
N ALA A 90 4.41 -7.14 3.16
CA ALA A 90 4.96 -6.66 1.88
C ALA A 90 5.64 -7.80 1.10
N LYS A 91 6.18 -8.78 1.84
CA LYS A 91 6.75 -10.01 1.27
C LYS A 91 5.66 -11.07 0.96
N GLN A 92 4.59 -11.12 1.77
CA GLN A 92 3.50 -12.11 1.57
C GLN A 92 2.71 -11.80 0.27
N ILE A 93 2.41 -10.51 0.05
CA ILE A 93 1.71 -10.06 -1.17
C ILE A 93 2.55 -10.27 -2.45
N LEU A 94 3.91 -10.26 -2.33
CA LEU A 94 4.79 -10.69 -3.44
C LEU A 94 4.39 -12.11 -3.92
N GLU A 95 4.13 -13.00 -2.93
CA GLU A 95 3.72 -14.39 -3.17
C GLU A 95 2.21 -14.48 -3.53
N ASP A 96 1.42 -13.51 -3.04
CA ASP A 96 -0.06 -13.45 -3.26
C ASP A 96 -0.37 -13.29 -4.75
N LEU A 97 0.42 -12.39 -5.38
CA LEU A 97 0.30 -12.04 -6.79
C LEU A 97 0.77 -13.22 -7.68
N LYS A 98 1.65 -14.08 -7.13
CA LYS A 98 2.16 -15.27 -7.83
C LYS A 98 1.14 -16.43 -7.75
N LYS A 99 0.45 -16.54 -6.60
CA LYS A 99 -0.65 -17.51 -6.40
C LYS A 99 -1.82 -17.18 -7.33
N LYS A 100 -2.18 -15.87 -7.36
CA LYS A 100 -3.20 -15.29 -8.27
C LYS A 100 -4.59 -15.95 -8.05
N GLY A 101 -5.46 -15.26 -7.30
CA GLY A 101 -6.83 -15.72 -7.07
C GLY A 101 -7.76 -15.44 -8.24
N SER A 102 -8.93 -16.09 -8.25
CA SER A 102 -9.96 -15.90 -9.27
C SER A 102 -10.50 -14.46 -9.26
N LEU A 103 -10.47 -13.81 -10.42
CA LEU A 103 -11.04 -12.45 -10.60
C LEU A 103 -12.32 -12.51 -11.45
N GLU A 104 -12.82 -13.74 -11.68
CA GLU A 104 -14.07 -13.96 -12.42
C GLU A 104 -15.28 -13.66 -11.51
N HIS A 105 -16.25 -12.89 -12.05
CA HIS A 105 -17.52 -12.58 -11.39
C HIS A 105 -18.66 -13.13 -12.24
N HIS A 106 -19.73 -13.63 -11.59
CA HIS A 106 -20.97 -14.08 -12.28
C HIS A 106 -21.98 -12.90 -12.37
N HIS A 107 -21.43 -11.69 -12.56
CA HIS A 107 -22.16 -10.42 -12.64
C HIS A 107 -21.60 -9.65 -13.84
N HIS A 108 -22.37 -9.59 -14.94
CA HIS A 108 -21.89 -9.03 -16.22
C HIS A 108 -21.61 -7.53 -16.13
N HIS A 109 -20.52 -7.11 -16.81
CA HIS A 109 -20.09 -5.70 -16.91
C HIS A 109 -19.78 -5.36 -18.37
N HIS A 110 -20.21 -4.17 -18.81
CA HIS A 110 -19.89 -3.61 -20.15
C HIS A 110 -19.15 -2.26 -19.95
N MET A 1 -9.84 -6.08 -15.29
CA MET A 1 -8.48 -6.13 -15.87
C MET A 1 -7.44 -6.27 -14.73
N GLY A 2 -6.15 -6.03 -15.04
CA GLY A 2 -5.10 -5.95 -14.03
C GLY A 2 -5.28 -4.74 -13.12
N SER A 3 -6.10 -4.92 -12.06
CA SER A 3 -6.43 -3.89 -11.09
C SER A 3 -6.40 -4.48 -9.66
N LYS A 4 -5.30 -4.24 -8.95
CA LYS A 4 -5.20 -4.41 -7.50
C LYS A 4 -4.28 -3.33 -6.96
N ILE A 5 -4.67 -2.70 -5.86
CA ILE A 5 -3.85 -1.71 -5.17
C ILE A 5 -3.28 -2.34 -3.89
N ILE A 6 -2.03 -1.98 -3.57
CA ILE A 6 -1.40 -2.36 -2.32
C ILE A 6 -1.12 -1.09 -1.52
N VAL A 7 -1.76 -0.96 -0.36
CA VAL A 7 -1.65 0.22 0.49
C VAL A 7 -0.68 -0.09 1.64
N ILE A 8 0.50 0.53 1.61
CA ILE A 8 1.60 0.22 2.54
C ILE A 8 1.71 1.29 3.63
N ILE A 9 1.55 0.84 4.89
CA ILE A 9 1.62 1.66 6.08
C ILE A 9 3.10 1.72 6.50
N SER A 10 3.84 2.71 5.96
CA SER A 10 5.28 2.82 6.15
C SER A 10 5.58 3.63 7.42
N SER A 11 5.94 2.90 8.49
CA SER A 11 6.33 3.49 9.77
C SER A 11 7.88 3.63 9.83
N ASP A 12 8.40 4.62 9.06
CA ASP A 12 9.85 5.00 9.02
C ASP A 12 10.75 4.02 8.24
N ASP A 13 10.44 2.71 8.29
CA ASP A 13 11.35 1.64 7.84
C ASP A 13 11.41 1.54 6.30
N THR A 14 12.65 1.38 5.77
CA THR A 14 12.93 1.52 4.34
C THR A 14 12.67 0.21 3.54
N THR A 15 12.63 -0.95 4.23
CA THR A 15 12.33 -2.24 3.57
C THR A 15 10.92 -2.21 2.91
N LEU A 16 9.97 -1.48 3.55
CA LEU A 16 8.59 -1.35 3.05
C LEU A 16 8.54 -0.49 1.78
N GLU A 17 9.51 0.43 1.68
CA GLU A 17 9.62 1.40 0.56
C GLU A 17 10.17 0.72 -0.71
N GLU A 18 11.23 -0.09 -0.54
CA GLU A 18 11.88 -0.82 -1.65
C GLU A 18 11.02 -2.01 -2.12
N LEU A 19 10.31 -2.66 -1.16
CA LEU A 19 9.35 -3.75 -1.46
C LEU A 19 8.16 -3.19 -2.24
N ALA A 20 7.73 -1.97 -1.89
CA ALA A 20 6.66 -1.25 -2.61
C ALA A 20 6.99 -1.10 -4.11
N ARG A 21 8.29 -0.84 -4.40
CA ARG A 21 8.81 -0.72 -5.77
C ARG A 21 8.76 -2.07 -6.51
N LYS A 22 9.07 -3.17 -5.78
CA LYS A 22 9.04 -4.55 -6.35
C LYS A 22 7.63 -4.86 -6.88
N ILE A 23 6.63 -4.55 -6.04
CA ILE A 23 5.23 -4.85 -6.31
C ILE A 23 4.67 -4.00 -7.47
N LYS A 24 4.80 -2.65 -7.38
CA LYS A 24 4.16 -1.74 -8.37
C LYS A 24 4.81 -1.80 -9.76
N ASP A 25 6.08 -2.26 -9.80
CA ASP A 25 6.84 -2.41 -11.06
C ASP A 25 6.13 -3.39 -12.03
N GLU A 26 5.34 -4.32 -11.46
CA GLU A 26 4.58 -5.34 -12.24
C GLU A 26 3.38 -4.73 -12.98
N GLY A 27 3.02 -3.47 -12.66
CA GLY A 27 2.00 -2.70 -13.41
C GLY A 27 0.82 -2.25 -12.57
N LEU A 28 0.79 -2.59 -11.28
CA LEU A 28 -0.31 -2.20 -10.36
C LEU A 28 0.12 -0.99 -9.49
N GLU A 29 -0.85 -0.24 -8.95
CA GLU A 29 -0.57 0.94 -8.10
C GLU A 29 -0.33 0.53 -6.63
N VAL A 30 0.61 1.24 -5.97
CA VAL A 30 0.88 1.13 -4.53
C VAL A 30 0.71 2.52 -3.87
N TYR A 31 -0.11 2.58 -2.81
CA TYR A 31 -0.37 3.82 -2.05
C TYR A 31 0.41 3.75 -0.73
N ILE A 32 1.41 4.60 -0.56
CA ILE A 32 2.23 4.63 0.66
C ILE A 32 1.59 5.58 1.69
N LEU A 33 1.00 5.02 2.74
CA LEU A 33 0.49 5.82 3.88
C LEU A 33 1.61 5.98 4.89
N LEU A 34 2.21 7.18 4.90
CA LEU A 34 3.36 7.48 5.73
C LEU A 34 2.87 7.90 7.13
N LYS A 35 3.37 7.19 8.16
CA LYS A 35 3.21 7.59 9.55
C LYS A 35 4.59 7.56 10.23
N ASP A 36 4.97 8.70 10.80
CA ASP A 36 6.26 8.87 11.51
C ASP A 36 6.00 9.56 12.86
N LYS A 37 7.01 9.55 13.74
CA LYS A 37 6.92 10.20 15.05
C LYS A 37 7.03 11.73 14.91
N ASP A 38 7.98 12.18 14.08
CA ASP A 38 8.28 13.61 13.90
C ASP A 38 7.46 14.18 12.75
N GLU A 39 7.16 15.48 12.82
CA GLU A 39 6.28 16.17 11.85
C GLU A 39 7.03 16.42 10.52
N LYS A 40 8.28 16.91 10.61
CA LYS A 40 9.06 17.35 9.44
C LYS A 40 9.74 16.14 8.77
N ARG A 41 10.18 15.17 9.59
CA ARG A 41 10.82 13.92 9.09
C ARG A 41 9.79 13.02 8.38
N LEU A 42 8.52 13.11 8.85
CA LEU A 42 7.35 12.55 8.15
C LEU A 42 7.24 13.11 6.73
N GLU A 43 7.21 14.46 6.63
CA GLU A 43 6.94 15.18 5.37
C GLU A 43 8.04 14.93 4.30
N GLU A 44 9.32 14.93 4.73
CA GLU A 44 10.48 14.77 3.81
C GLU A 44 10.52 13.35 3.22
N LYS A 45 10.09 12.37 4.04
CA LYS A 45 9.99 10.96 3.62
C LYS A 45 8.91 10.81 2.51
N ILE A 46 7.81 11.58 2.68
CA ILE A 46 6.71 11.67 1.70
C ILE A 46 7.24 12.23 0.37
N GLN A 47 8.04 13.32 0.45
CA GLN A 47 8.59 14.01 -0.73
C GLN A 47 9.49 13.07 -1.55
N LYS A 48 10.37 12.33 -0.83
CA LYS A 48 11.35 11.42 -1.44
C LYS A 48 10.67 10.25 -2.18
N LEU A 49 9.70 9.63 -1.51
CA LEU A 49 8.97 8.47 -2.07
C LEU A 49 8.06 8.90 -3.24
N LYS A 50 7.47 10.11 -3.18
CA LYS A 50 6.68 10.67 -4.31
C LYS A 50 7.59 10.94 -5.53
N SER A 51 8.81 11.41 -5.25
CA SER A 51 9.87 11.59 -6.26
C SER A 51 10.26 10.25 -6.92
N GLN A 52 10.20 9.14 -6.13
CA GLN A 52 10.45 7.77 -6.65
C GLN A 52 9.23 7.25 -7.47
N GLY A 53 8.11 8.00 -7.40
CA GLY A 53 6.92 7.73 -8.22
C GLY A 53 5.81 7.03 -7.45
N PHE A 54 5.83 7.13 -6.11
CA PHE A 54 4.79 6.54 -5.22
C PHE A 54 3.74 7.60 -4.86
N GLU A 55 2.46 7.18 -4.78
CA GLU A 55 1.38 8.02 -4.27
C GLU A 55 1.40 7.96 -2.74
N VAL A 56 2.18 8.88 -2.14
CA VAL A 56 2.40 8.91 -0.68
C VAL A 56 1.48 9.96 -0.06
N ARG A 57 0.71 9.53 0.94
CA ARG A 57 -0.31 10.33 1.61
C ARG A 57 0.03 10.43 3.10
N LYS A 58 -0.26 11.59 3.69
CA LYS A 58 -0.05 11.85 5.12
C LYS A 58 -1.33 11.48 5.87
N VAL A 59 -1.21 10.54 6.81
CA VAL A 59 -2.34 10.02 7.63
C VAL A 59 -2.05 10.32 9.11
N LYS A 60 -3.12 10.59 9.88
CA LYS A 60 -3.01 10.89 11.33
C LYS A 60 -2.59 9.64 12.12
N ASP A 61 -3.16 8.47 11.75
CA ASP A 61 -2.94 7.19 12.44
C ASP A 61 -3.57 6.01 11.65
N ASP A 62 -3.31 4.77 12.10
CA ASP A 62 -3.79 3.55 11.45
C ASP A 62 -5.31 3.34 11.66
N ASP A 63 -5.86 3.94 12.74
CA ASP A 63 -7.32 4.03 12.94
C ASP A 63 -8.00 4.76 11.75
N ASP A 64 -7.34 5.82 11.22
CA ASP A 64 -7.81 6.57 10.03
C ASP A 64 -7.58 5.76 8.74
N ILE A 65 -6.45 5.04 8.72
CA ILE A 65 -6.05 4.17 7.58
C ILE A 65 -7.14 3.13 7.23
N ASP A 66 -7.87 2.65 8.26
CA ASP A 66 -9.06 1.79 8.08
C ASP A 66 -10.13 2.48 7.19
N LYS A 67 -10.35 3.78 7.46
CA LYS A 67 -11.33 4.61 6.72
C LYS A 67 -10.77 5.00 5.34
N TRP A 68 -9.42 5.07 5.26
CA TRP A 68 -8.71 5.47 4.04
C TRP A 68 -8.79 4.36 2.98
N ILE A 69 -8.82 3.09 3.43
CA ILE A 69 -9.06 1.94 2.55
C ILE A 69 -10.57 1.78 2.30
N ASP A 70 -11.39 2.03 3.34
CA ASP A 70 -12.86 1.88 3.30
C ASP A 70 -13.49 2.74 2.17
N LYS A 71 -12.95 3.96 1.99
CA LYS A 71 -13.40 4.87 0.92
C LYS A 71 -13.10 4.30 -0.48
N ILE A 72 -11.92 3.65 -0.67
CA ILE A 72 -11.50 3.12 -2.00
C ILE A 72 -12.28 1.83 -2.34
N LYS A 73 -12.64 1.07 -1.28
CA LYS A 73 -13.56 -0.09 -1.41
C LYS A 73 -14.93 0.36 -1.97
N LYS A 74 -15.31 1.58 -1.57
CA LYS A 74 -16.61 2.20 -1.87
C LYS A 74 -16.61 2.86 -3.27
N GLU A 75 -15.46 3.46 -3.65
CA GLU A 75 -15.30 4.13 -4.96
C GLU A 75 -15.05 3.08 -6.08
N ARG A 76 -14.06 2.20 -5.83
CA ARG A 76 -13.65 1.14 -6.76
C ARG A 76 -13.66 -0.23 -6.01
N PRO A 77 -14.81 -0.97 -6.01
CA PRO A 77 -14.87 -2.34 -5.41
C PRO A 77 -14.38 -3.44 -6.37
N GLN A 78 -13.83 -3.02 -7.52
CA GLN A 78 -13.40 -3.92 -8.61
C GLN A 78 -11.88 -4.21 -8.57
N LEU A 79 -11.21 -3.85 -7.46
CA LEU A 79 -9.76 -4.09 -7.26
C LEU A 79 -9.50 -4.74 -5.89
N GLU A 80 -8.38 -5.48 -5.79
CA GLU A 80 -7.91 -6.07 -4.53
C GLU A 80 -7.18 -4.99 -3.72
N VAL A 81 -7.40 -4.99 -2.39
CA VAL A 81 -6.77 -4.03 -1.47
C VAL A 81 -6.09 -4.81 -0.34
N ARG A 82 -4.75 -4.70 -0.25
CA ARG A 82 -3.96 -5.31 0.84
C ARG A 82 -3.31 -4.20 1.67
N LYS A 83 -3.56 -4.21 2.98
CA LYS A 83 -2.92 -3.27 3.92
C LYS A 83 -1.65 -3.92 4.46
N VAL A 84 -0.53 -3.22 4.26
CA VAL A 84 0.77 -3.63 4.78
C VAL A 84 1.00 -2.85 6.08
N THR A 85 0.54 -3.42 7.18
CA THR A 85 0.66 -2.81 8.51
C THR A 85 2.09 -3.03 9.06
N ASP A 86 2.73 -4.11 8.60
CA ASP A 86 4.07 -4.53 9.05
C ASP A 86 4.94 -4.92 7.84
N GLU A 87 6.26 -4.92 8.02
CA GLU A 87 7.26 -5.33 6.99
C GLU A 87 6.97 -6.74 6.43
N ASP A 88 6.55 -7.66 7.31
CA ASP A 88 6.16 -9.04 6.95
C ASP A 88 5.03 -9.05 5.89
N GLN A 89 4.10 -8.11 6.02
CA GLN A 89 3.00 -7.92 5.05
C GLN A 89 3.52 -7.39 3.69
N ALA A 90 4.59 -6.57 3.73
CA ALA A 90 5.30 -6.11 2.52
C ALA A 90 6.06 -7.25 1.82
N LYS A 91 6.38 -8.29 2.59
CA LYS A 91 6.94 -9.55 2.08
C LYS A 91 5.82 -10.50 1.59
N GLN A 92 4.60 -10.39 2.17
CA GLN A 92 3.44 -11.24 1.80
C GLN A 92 2.84 -10.83 0.45
N ILE A 93 2.78 -9.51 0.19
CA ILE A 93 2.30 -8.97 -1.10
C ILE A 93 3.12 -9.44 -2.32
N LEU A 94 4.41 -9.76 -2.10
CA LEU A 94 5.24 -10.49 -3.09
C LEU A 94 4.55 -11.81 -3.51
N GLU A 95 3.93 -12.50 -2.52
CA GLU A 95 3.13 -13.73 -2.76
C GLU A 95 1.68 -13.42 -3.22
N ASP A 96 1.14 -12.23 -2.88
CA ASP A 96 -0.23 -11.81 -3.29
C ASP A 96 -0.31 -11.69 -4.82
N LEU A 97 0.77 -11.16 -5.41
CA LEU A 97 0.87 -10.94 -6.86
C LEU A 97 0.98 -12.27 -7.64
N LYS A 98 1.73 -13.25 -7.10
CA LYS A 98 2.02 -14.51 -7.83
C LYS A 98 0.84 -15.49 -7.74
N LYS A 99 0.13 -15.48 -6.59
CA LYS A 99 -1.08 -16.31 -6.40
C LYS A 99 -2.26 -15.74 -7.23
N LYS A 100 -2.25 -14.41 -7.47
CA LYS A 100 -3.30 -13.71 -8.23
C LYS A 100 -2.82 -12.31 -8.67
N GLY A 101 -2.72 -12.10 -10.00
CA GLY A 101 -2.51 -10.76 -10.54
C GLY A 101 -3.72 -9.88 -10.28
N SER A 102 -4.87 -10.28 -10.87
CA SER A 102 -6.21 -9.73 -10.56
C SER A 102 -7.32 -10.71 -10.98
N LEU A 103 -6.96 -11.72 -11.81
CA LEU A 103 -7.90 -12.70 -12.37
C LEU A 103 -7.67 -14.05 -11.66
N GLU A 104 -8.10 -14.09 -10.38
CA GLU A 104 -8.06 -15.30 -9.55
C GLU A 104 -9.14 -16.30 -9.98
N HIS A 105 -8.83 -17.60 -9.82
CA HIS A 105 -9.81 -18.70 -10.03
C HIS A 105 -10.52 -19.03 -8.70
N HIS A 106 -10.44 -18.10 -7.74
CA HIS A 106 -11.06 -18.26 -6.41
C HIS A 106 -12.29 -17.35 -6.25
N HIS A 107 -12.52 -16.40 -7.19
CA HIS A 107 -13.68 -15.48 -7.13
C HIS A 107 -15.00 -16.28 -7.22
N HIS A 108 -16.04 -15.80 -6.51
CA HIS A 108 -17.26 -16.59 -6.23
C HIS A 108 -18.08 -16.83 -7.51
N HIS A 109 -18.55 -18.08 -7.68
CA HIS A 109 -19.31 -18.52 -8.87
C HIS A 109 -20.81 -18.20 -8.71
N HIS A 110 -21.15 -16.89 -8.72
CA HIS A 110 -22.53 -16.38 -8.68
C HIS A 110 -22.61 -15.13 -9.59
N MET A 1 -9.91 -4.38 -16.84
CA MET A 1 -10.63 -4.05 -15.59
C MET A 1 -9.96 -4.71 -14.38
N GLY A 2 -8.67 -5.09 -14.53
CA GLY A 2 -7.89 -5.67 -13.42
C GLY A 2 -7.26 -4.60 -12.55
N SER A 3 -8.12 -3.71 -12.01
CA SER A 3 -7.69 -2.60 -11.16
C SER A 3 -7.41 -3.15 -9.74
N LYS A 4 -6.26 -2.79 -9.17
CA LYS A 4 -5.84 -3.26 -7.84
C LYS A 4 -4.69 -2.38 -7.32
N ILE A 5 -4.82 -1.92 -6.07
CA ILE A 5 -3.80 -1.10 -5.39
C ILE A 5 -3.34 -1.81 -4.10
N ILE A 6 -2.07 -1.57 -3.74
CA ILE A 6 -1.50 -2.03 -2.46
C ILE A 6 -1.17 -0.81 -1.61
N VAL A 7 -1.78 -0.74 -0.43
CA VAL A 7 -1.59 0.35 0.51
C VAL A 7 -0.63 -0.13 1.61
N ILE A 8 0.54 0.51 1.70
CA ILE A 8 1.59 0.16 2.66
C ILE A 8 1.69 1.26 3.71
N ILE A 9 1.66 0.86 4.96
CA ILE A 9 1.74 1.75 6.11
C ILE A 9 3.24 1.95 6.41
N SER A 10 3.80 2.97 5.76
CA SER A 10 5.21 3.26 5.76
C SER A 10 5.57 4.05 7.03
N SER A 11 6.18 3.35 7.97
CA SER A 11 6.70 3.90 9.23
C SER A 11 8.22 4.16 9.08
N ASP A 12 8.93 4.26 10.21
CA ASP A 12 10.41 4.47 10.23
C ASP A 12 11.16 3.27 9.58
N ASP A 13 10.52 2.09 9.55
CA ASP A 13 11.05 0.90 8.84
C ASP A 13 10.99 1.13 7.32
N THR A 14 12.15 1.31 6.70
CA THR A 14 12.27 1.58 5.26
C THR A 14 12.12 0.28 4.41
N THR A 15 12.05 -0.89 5.08
CA THR A 15 11.71 -2.17 4.43
C THR A 15 10.34 -2.07 3.69
N LEU A 16 9.44 -1.27 4.25
CA LEU A 16 8.09 -1.02 3.71
C LEU A 16 8.15 -0.20 2.40
N GLU A 17 9.21 0.60 2.27
CA GLU A 17 9.45 1.52 1.14
C GLU A 17 10.15 0.81 -0.02
N GLU A 18 11.13 -0.07 0.30
CA GLU A 18 11.95 -0.78 -0.71
C GLU A 18 11.13 -1.91 -1.38
N LEU A 19 10.27 -2.58 -0.58
CA LEU A 19 9.42 -3.68 -1.07
C LEU A 19 8.24 -3.14 -1.88
N ALA A 20 7.87 -1.87 -1.63
CA ALA A 20 6.89 -1.13 -2.44
C ALA A 20 7.34 -1.02 -3.90
N ARG A 21 8.66 -0.81 -4.07
CA ARG A 21 9.32 -0.70 -5.38
C ARG A 21 9.31 -2.05 -6.12
N LYS A 22 9.28 -3.15 -5.35
CA LYS A 22 9.15 -4.52 -5.91
C LYS A 22 7.70 -4.77 -6.40
N ILE A 23 6.71 -4.32 -5.61
CA ILE A 23 5.27 -4.51 -5.89
C ILE A 23 4.83 -3.78 -7.17
N LYS A 24 5.15 -2.47 -7.25
CA LYS A 24 4.70 -1.59 -8.38
C LYS A 24 5.14 -2.15 -9.76
N ASP A 25 6.22 -2.96 -9.75
CA ASP A 25 6.80 -3.57 -10.96
C ASP A 25 5.86 -4.60 -11.63
N GLU A 26 4.93 -5.19 -10.84
CA GLU A 26 3.91 -6.13 -11.34
C GLU A 26 2.87 -5.40 -12.23
N GLY A 27 2.86 -4.06 -12.16
CA GLY A 27 2.08 -3.20 -13.06
C GLY A 27 0.87 -2.59 -12.39
N LEU A 28 0.91 -2.43 -11.06
CA LEU A 28 -0.22 -1.89 -10.27
C LEU A 28 0.22 -0.65 -9.47
N GLU A 29 -0.76 0.23 -9.22
CA GLU A 29 -0.55 1.47 -8.46
C GLU A 29 -0.39 1.15 -6.96
N VAL A 30 0.64 1.74 -6.33
CA VAL A 30 0.94 1.55 -4.90
C VAL A 30 0.71 2.87 -4.14
N TYR A 31 -0.02 2.78 -3.04
CA TYR A 31 -0.25 3.89 -2.11
C TYR A 31 0.63 3.70 -0.89
N ILE A 32 1.33 4.76 -0.50
CA ILE A 32 2.22 4.74 0.65
C ILE A 32 1.64 5.68 1.72
N LEU A 33 1.15 5.10 2.81
CA LEU A 33 0.64 5.85 3.94
C LEU A 33 1.79 6.18 4.88
N LEU A 34 2.23 7.44 4.81
CA LEU A 34 3.36 7.90 5.60
C LEU A 34 2.84 8.30 6.99
N LYS A 35 3.37 7.64 8.01
CA LYS A 35 3.20 8.02 9.40
C LYS A 35 4.56 7.84 10.10
N ASP A 36 5.08 8.94 10.60
CA ASP A 36 6.43 9.01 11.18
C ASP A 36 6.39 9.77 12.50
N LYS A 37 7.47 9.62 13.27
CA LYS A 37 7.67 10.27 14.58
C LYS A 37 7.46 11.80 14.49
N ASP A 38 8.20 12.43 13.57
CA ASP A 38 8.17 13.89 13.36
C ASP A 38 7.30 14.20 12.13
N GLU A 39 6.73 15.41 12.11
CA GLU A 39 5.80 15.86 11.06
C GLU A 39 6.57 16.27 9.79
N LYS A 40 7.66 17.02 9.99
CA LYS A 40 8.49 17.53 8.87
C LYS A 40 9.18 16.35 8.16
N ARG A 41 9.77 15.43 8.96
CA ARG A 41 10.37 14.16 8.45
C ARG A 41 9.36 13.37 7.60
N LEU A 42 8.13 13.27 8.11
CA LEU A 42 7.01 12.56 7.46
C LEU A 42 6.76 13.15 6.06
N GLU A 43 6.47 14.46 6.02
CA GLU A 43 6.05 15.18 4.80
C GLU A 43 7.17 15.23 3.73
N GLU A 44 8.44 15.23 4.17
CA GLU A 44 9.60 15.19 3.29
C GLU A 44 9.76 13.79 2.69
N LYS A 45 9.57 12.75 3.54
CA LYS A 45 9.65 11.35 3.12
C LYS A 45 8.57 11.03 2.06
N ILE A 46 7.41 11.73 2.17
CA ILE A 46 6.36 11.71 1.14
C ILE A 46 6.95 12.07 -0.22
N GLN A 47 7.61 13.25 -0.28
CA GLN A 47 8.16 13.80 -1.54
C GLN A 47 9.31 12.93 -2.11
N LYS A 48 10.11 12.32 -1.22
CA LYS A 48 11.28 11.51 -1.59
C LYS A 48 10.85 10.17 -2.21
N LEU A 49 9.76 9.58 -1.69
CA LEU A 49 9.19 8.34 -2.24
C LEU A 49 8.36 8.63 -3.51
N LYS A 50 7.68 9.80 -3.57
CA LYS A 50 6.93 10.23 -4.78
C LYS A 50 7.88 10.44 -5.98
N SER A 51 9.14 10.83 -5.69
CA SER A 51 10.22 10.91 -6.69
C SER A 51 10.48 9.54 -7.37
N GLN A 52 10.26 8.44 -6.61
CA GLN A 52 10.42 7.06 -7.12
C GLN A 52 9.10 6.50 -7.69
N GLY A 53 8.10 7.38 -7.92
CA GLY A 53 6.83 6.99 -8.55
C GLY A 53 5.90 6.23 -7.62
N PHE A 54 5.69 6.78 -6.42
CA PHE A 54 4.69 6.29 -5.45
C PHE A 54 3.70 7.42 -5.17
N GLU A 55 2.40 7.11 -5.08
CA GLU A 55 1.42 8.10 -4.59
C GLU A 55 1.36 8.00 -3.06
N VAL A 56 2.25 8.78 -2.44
CA VAL A 56 2.41 8.81 -0.98
C VAL A 56 1.48 9.86 -0.39
N ARG A 57 0.65 9.43 0.56
CA ARG A 57 -0.35 10.27 1.22
C ARG A 57 -0.20 10.16 2.74
N LYS A 58 -0.54 11.25 3.43
CA LYS A 58 -0.40 11.38 4.88
C LYS A 58 -1.65 10.84 5.58
N VAL A 59 -1.45 10.06 6.64
CA VAL A 59 -2.51 9.62 7.57
C VAL A 59 -2.04 9.83 9.00
N LYS A 60 -3.00 9.76 9.91
CA LYS A 60 -2.75 9.96 11.34
C LYS A 60 -2.32 8.62 11.99
N ASP A 61 -3.30 7.79 12.38
CA ASP A 61 -3.06 6.53 13.12
C ASP A 61 -3.87 5.39 12.50
N ASP A 62 -3.78 4.18 13.12
CA ASP A 62 -4.35 2.91 12.58
C ASP A 62 -5.88 2.98 12.37
N ASP A 63 -6.56 3.73 13.25
CA ASP A 63 -8.03 3.95 13.17
C ASP A 63 -8.38 4.75 11.90
N ASP A 64 -7.53 5.73 11.56
CA ASP A 64 -7.67 6.52 10.34
C ASP A 64 -7.36 5.67 9.10
N ILE A 65 -6.34 4.80 9.25
CA ILE A 65 -5.79 3.94 8.18
C ILE A 65 -6.82 2.91 7.67
N ASP A 66 -7.37 2.09 8.58
CA ASP A 66 -8.32 1.01 8.21
C ASP A 66 -9.59 1.61 7.57
N LYS A 67 -9.97 2.80 8.08
CA LYS A 67 -11.07 3.60 7.56
C LYS A 67 -10.72 4.19 6.17
N TRP A 68 -9.42 4.55 6.01
CA TRP A 68 -8.87 5.16 4.77
C TRP A 68 -8.92 4.18 3.58
N ILE A 69 -8.75 2.89 3.87
CA ILE A 69 -8.85 1.81 2.86
C ILE A 69 -10.33 1.57 2.52
N ASP A 70 -11.15 1.51 3.56
CA ASP A 70 -12.59 1.23 3.47
C ASP A 70 -13.32 2.26 2.57
N LYS A 71 -12.99 3.55 2.78
CA LYS A 71 -13.58 4.67 2.02
C LYS A 71 -13.15 4.66 0.53
N ILE A 72 -11.88 4.25 0.25
CA ILE A 72 -11.37 4.13 -1.15
C ILE A 72 -12.20 3.11 -1.93
N LYS A 73 -12.54 1.99 -1.27
CA LYS A 73 -13.33 0.91 -1.90
C LYS A 73 -14.76 1.37 -2.25
N LYS A 74 -15.26 2.45 -1.61
CA LYS A 74 -16.56 3.06 -1.95
C LYS A 74 -16.39 4.08 -3.08
N GLU A 75 -15.32 4.90 -2.99
CA GLU A 75 -14.97 5.93 -4.00
C GLU A 75 -14.64 5.26 -5.36
N ARG A 76 -14.02 4.08 -5.27
CA ARG A 76 -13.45 3.34 -6.40
C ARG A 76 -13.66 1.83 -6.16
N PRO A 77 -14.89 1.28 -6.44
CA PRO A 77 -15.17 -0.18 -6.32
C PRO A 77 -14.46 -1.05 -7.37
N GLN A 78 -13.76 -0.40 -8.33
CA GLN A 78 -13.07 -1.10 -9.42
C GLN A 78 -11.82 -1.86 -8.94
N LEU A 79 -11.25 -1.48 -7.79
CA LEU A 79 -9.94 -1.97 -7.35
C LEU A 79 -9.99 -2.78 -6.04
N GLU A 80 -9.10 -3.80 -5.98
CA GLU A 80 -8.82 -4.57 -4.76
C GLU A 80 -7.77 -3.82 -3.93
N VAL A 81 -8.00 -3.69 -2.62
CA VAL A 81 -7.08 -3.00 -1.71
C VAL A 81 -6.60 -3.99 -0.64
N ARG A 82 -5.28 -4.00 -0.39
CA ARG A 82 -4.66 -4.80 0.69
C ARG A 82 -3.79 -3.87 1.55
N LYS A 83 -3.98 -3.91 2.89
CA LYS A 83 -3.19 -3.13 3.85
C LYS A 83 -1.91 -3.90 4.19
N VAL A 84 -0.79 -3.18 4.27
CA VAL A 84 0.46 -3.71 4.81
C VAL A 84 0.86 -2.85 6.02
N THR A 85 0.41 -3.26 7.21
CA THR A 85 0.69 -2.55 8.47
C THR A 85 2.01 -3.02 9.10
N ASP A 86 2.55 -4.11 8.56
CA ASP A 86 3.78 -4.76 9.06
C ASP A 86 4.63 -5.30 7.90
N GLU A 87 5.96 -5.31 8.12
CA GLU A 87 6.98 -5.75 7.15
C GLU A 87 6.70 -7.15 6.55
N ASP A 88 6.33 -8.12 7.43
CA ASP A 88 6.09 -9.53 7.04
C ASP A 88 5.01 -9.64 5.94
N GLN A 89 4.03 -8.73 6.00
CA GLN A 89 2.94 -8.65 4.99
C GLN A 89 3.49 -8.18 3.62
N ALA A 90 4.42 -7.20 3.65
CA ALA A 90 5.07 -6.65 2.44
C ALA A 90 5.91 -7.73 1.73
N LYS A 91 6.56 -8.59 2.53
CA LYS A 91 7.44 -9.66 2.03
C LYS A 91 6.61 -10.83 1.46
N GLN A 92 5.44 -11.10 2.09
CA GLN A 92 4.58 -12.23 1.74
C GLN A 92 3.87 -11.94 0.39
N ILE A 93 3.30 -10.72 0.27
CA ILE A 93 2.55 -10.33 -0.94
C ILE A 93 3.42 -10.31 -2.22
N LEU A 94 4.76 -10.15 -2.07
CA LEU A 94 5.72 -10.32 -3.19
C LEU A 94 5.54 -11.70 -3.87
N GLU A 95 5.28 -12.73 -3.06
CA GLU A 95 5.05 -14.14 -3.52
C GLU A 95 3.58 -14.33 -3.95
N ASP A 96 2.69 -13.59 -3.26
CA ASP A 96 1.22 -13.68 -3.43
C ASP A 96 0.78 -13.20 -4.83
N LEU A 97 1.33 -12.03 -5.28
CA LEU A 97 1.02 -11.44 -6.61
C LEU A 97 1.50 -12.34 -7.77
N LYS A 98 2.44 -13.24 -7.48
CA LYS A 98 2.96 -14.22 -8.47
C LYS A 98 1.91 -15.32 -8.71
N LYS A 99 1.24 -15.71 -7.63
CA LYS A 99 0.19 -16.75 -7.66
C LYS A 99 -1.20 -16.15 -7.92
N LYS A 100 -1.32 -14.84 -7.64
CA LYS A 100 -2.60 -14.12 -7.52
C LYS A 100 -3.47 -14.79 -6.44
N GLY A 101 -3.18 -14.48 -5.16
CA GLY A 101 -3.94 -15.04 -4.05
C GLY A 101 -3.57 -16.51 -3.78
N SER A 102 -4.58 -17.28 -3.37
CA SER A 102 -4.45 -18.72 -3.04
C SER A 102 -5.85 -19.35 -3.04
N LEU A 103 -5.99 -20.57 -2.46
CA LEU A 103 -7.30 -21.22 -2.28
C LEU A 103 -7.88 -20.73 -0.93
N GLU A 104 -8.10 -19.41 -0.88
CA GLU A 104 -8.63 -18.69 0.28
C GLU A 104 -10.13 -19.02 0.51
N HIS A 105 -10.40 -19.99 1.40
CA HIS A 105 -11.78 -20.36 1.77
C HIS A 105 -12.20 -19.67 3.09
N HIS A 106 -11.23 -19.10 3.85
CA HIS A 106 -11.54 -18.33 5.09
C HIS A 106 -12.25 -17.01 4.74
N HIS A 107 -11.82 -16.40 3.63
CA HIS A 107 -12.38 -15.13 3.12
C HIS A 107 -12.45 -15.14 1.58
N HIS A 108 -13.05 -14.09 1.04
CA HIS A 108 -13.18 -13.85 -0.41
C HIS A 108 -12.82 -12.39 -0.70
N HIS A 109 -12.92 -11.98 -1.98
CA HIS A 109 -12.77 -10.57 -2.36
C HIS A 109 -13.93 -9.76 -1.72
N HIS A 110 -13.56 -8.85 -0.81
CA HIS A 110 -14.50 -8.07 0.01
C HIS A 110 -15.32 -7.11 -0.89
#